data_6XRS
#
_entry.id   6XRS
#
_cell.length_a   138.160
_cell.length_b   139.640
_cell.length_c   127.000
_cell.angle_alpha   90.000
_cell.angle_beta   90.000
_cell.angle_gamma   90.000
#
_symmetry.space_group_name_H-M   'P 21 21 2'
#
loop_
_entity.id
_entity.type
_entity.pdbx_description
1 polymer 'GTPase Der'
2 non-polymer "GUANOSINE-5'-DIPHOSPHATE"
3 non-polymer 'IODIDE ION'
4 non-polymer 'CHLORIDE ION'
5 water water
#
_entity_poly.entity_id   1
_entity_poly.type   'polypeptide(L)'
_entity_poly.pdbx_seq_one_letter_code
;SMFSSTERHLTQKDPIMKPTIALIGRPNVGKSTLFNRLTRTKDALVHDLPGLTRDRHYGHGKVGSKPYFVIDTGGFEPVV
DSGILHEMAKQTLQAVDEADAVVFLVDGRTGLTPQDKIIADRLRQSPRPVYLAVNKGEGGDRAVLAAEFYELALGEPHVI
SGAHGDGVYYLIEEILENFPEPEAEEADAKHPVFAVIGRPNVGKSTLVNAILGEKRVIAFDMAGTTRDSIHIDFEREGKP
FTIIDTAGVRRRGKVDEAVEKFSVIKAMQAVEAANVAVLVLDAQQDIADQDATIAGFALEAGRALVVAVNKWDGISEERR
EQVKRDISRKLYFLDFAKFHFISALKERGIDGLFESIQAAYNAAMIKMPTPKITRVLQTAVGRQQPPRAGLVRPKMRYAH
QGGMNPPVIVVHGNSLHAISDSYTRYLTQTFRKAFNLQGTPLRIQYNVSENPYENAED
;
_entity_poly.pdbx_strand_id   A,B,C,D
#
# COMPACT_ATOMS: atom_id res chain seq x y z
N ILE A 16 7.45 -7.82 55.26
CA ILE A 16 7.16 -6.66 54.41
C ILE A 16 6.13 -6.99 53.34
N MET A 17 4.91 -6.51 53.52
CA MET A 17 3.82 -6.73 52.58
C MET A 17 3.50 -5.44 51.83
N LYS A 18 3.22 -5.58 50.53
CA LYS A 18 2.94 -4.40 49.74
C LYS A 18 1.47 -3.99 49.90
N PRO A 19 1.15 -2.71 49.70
CA PRO A 19 -0.20 -2.25 49.98
C PRO A 19 -1.15 -2.69 48.89
N THR A 20 -2.42 -2.85 49.26
CA THR A 20 -3.48 -3.23 48.34
C THR A 20 -4.53 -2.14 48.28
N ILE A 21 -4.88 -1.72 47.08
CA ILE A 21 -5.93 -0.72 46.84
C ILE A 21 -7.13 -1.41 46.22
N ALA A 22 -8.31 -1.19 46.80
CA ALA A 22 -9.54 -1.81 46.32
C ALA A 22 -10.42 -0.74 45.68
N LEU A 23 -10.79 -0.93 44.42
CA LEU A 23 -11.74 -0.04 43.75
C LEU A 23 -13.16 -0.49 44.06
N ILE A 24 -14.03 0.46 44.41
CA ILE A 24 -15.41 0.16 44.80
C ILE A 24 -16.34 1.13 44.09
N GLY A 25 -17.47 0.63 43.63
CA GLY A 25 -18.45 1.52 43.05
C GLY A 25 -19.52 0.83 42.23
N ARG A 26 -20.63 1.55 41.95
CA ARG A 26 -21.74 1.08 41.16
C ARG A 26 -21.23 0.53 39.83
N PRO A 27 -21.98 -0.37 39.18
CA PRO A 27 -21.64 -0.73 37.80
C PRO A 27 -21.66 0.52 36.95
N ASN A 28 -20.72 0.59 36.00
CA ASN A 28 -20.68 1.65 35.01
C ASN A 28 -20.09 2.96 35.52
N VAL A 29 -19.30 3.00 36.61
CA VAL A 29 -18.70 4.26 37.01
C VAL A 29 -17.27 4.40 36.53
N GLY A 30 -16.66 3.33 36.02
CA GLY A 30 -15.36 3.42 35.41
C GLY A 30 -14.32 2.51 36.05
N LYS A 31 -14.75 1.50 36.81
CA LYS A 31 -13.80 0.70 37.57
C LYS A 31 -12.84 -0.04 36.64
N SER A 32 -13.36 -0.87 35.74
CA SER A 32 -12.44 -1.62 34.88
C SER A 32 -11.56 -0.69 34.08
N THR A 33 -12.12 0.42 33.60
CA THR A 33 -11.26 1.36 32.89
C THR A 33 -10.12 1.84 33.78
N LEU A 34 -10.44 2.24 35.01
CA LEU A 34 -9.40 2.69 35.93
C LEU A 34 -8.40 1.59 36.21
N PHE A 35 -8.91 0.39 36.50
CA PHE A 35 -8.06 -0.75 36.80
C PHE A 35 -7.09 -1.03 35.67
N ASN A 36 -7.56 -0.94 34.41
CA ASN A 36 -6.66 -1.17 33.29
C ASN A 36 -5.60 -0.10 33.22
N ARG A 37 -5.98 1.17 33.46
CA ARG A 37 -4.99 2.23 33.52
C ARG A 37 -3.95 1.95 34.61
N LEU A 38 -4.39 1.59 35.81
CA LEU A 38 -3.46 1.49 36.92
C LEU A 38 -2.55 0.28 36.81
N THR A 39 -2.99 -0.75 36.10
CA THR A 39 -2.20 -1.97 35.99
C THR A 39 -1.63 -2.17 34.60
N ARG A 40 -1.61 -1.12 33.77
CA ARG A 40 -1.21 -1.28 32.37
C ARG A 40 0.28 -1.57 32.21
N THR A 41 0.57 -2.68 31.54
CA THR A 41 1.92 -3.10 31.17
C THR A 41 2.17 -2.70 29.73
N LYS A 42 3.24 -1.91 29.51
CA LYS A 42 3.55 -1.43 28.17
C LYS A 42 3.82 -2.58 27.20
N ASP A 43 4.55 -3.61 27.65
CA ASP A 43 4.82 -4.76 26.79
C ASP A 43 3.61 -5.68 26.65
N ALA A 44 2.67 -5.63 27.58
CA ALA A 44 1.50 -6.49 27.57
C ALA A 44 1.87 -7.97 27.44
N LEU A 45 2.32 -8.58 28.54
CA LEU A 45 2.85 -9.94 28.53
C LEU A 45 1.81 -10.89 29.15
N VAL A 46 0.93 -11.42 28.30
CA VAL A 46 0.00 -12.49 28.66
C VAL A 46 -0.11 -13.41 27.45
N HIS A 47 -0.08 -14.72 27.69
CA HIS A 47 0.02 -15.69 26.59
C HIS A 47 -1.32 -15.93 25.91
N ASP A 48 -2.02 -14.86 25.51
CA ASP A 48 -3.41 -14.95 25.11
C ASP A 48 -3.55 -15.37 23.65
N LEU A 49 -4.73 -15.86 23.32
CA LEU A 49 -5.10 -16.49 22.07
C LEU A 49 -5.77 -15.48 21.13
N PRO A 50 -5.92 -15.82 19.84
CA PRO A 50 -6.55 -14.87 18.91
C PRO A 50 -8.04 -14.76 19.15
N GLY A 51 -8.54 -13.53 19.15
CA GLY A 51 -9.95 -13.26 19.33
C GLY A 51 -10.41 -13.22 20.77
N LEU A 52 -9.57 -13.66 21.70
CA LEU A 52 -9.90 -13.74 23.12
C LEU A 52 -9.10 -12.70 23.87
N THR A 53 -9.64 -12.29 25.02
CA THR A 53 -8.95 -11.40 25.94
C THR A 53 -9.03 -11.97 27.35
N ARG A 54 -7.90 -12.05 28.03
CA ARG A 54 -7.90 -12.68 29.35
C ARG A 54 -8.41 -11.67 30.37
N ASP A 55 -9.43 -12.07 31.11
CA ASP A 55 -10.04 -11.24 32.15
C ASP A 55 -9.13 -11.08 33.36
N ARG A 56 -9.01 -9.85 33.85
CA ARG A 56 -8.23 -9.55 35.04
C ARG A 56 -9.02 -8.57 35.88
N HIS A 57 -9.27 -8.92 37.14
CA HIS A 57 -9.77 -7.91 38.06
C HIS A 57 -8.87 -7.70 39.27
N TYR A 58 -7.68 -8.30 39.28
CA TYR A 58 -6.67 -7.94 40.28
C TYR A 58 -5.29 -8.15 39.70
N GLY A 59 -4.37 -7.25 40.05
CA GLY A 59 -3.04 -7.35 39.49
C GLY A 59 -2.11 -6.38 40.17
N HIS A 60 -0.92 -6.24 39.58
CA HIS A 60 0.11 -5.38 40.12
C HIS A 60 -0.10 -3.96 39.64
N GLY A 61 -0.05 -3.01 40.57
CA GLY A 61 -0.15 -1.61 40.20
C GLY A 61 1.10 -1.16 39.48
N LYS A 62 0.92 -0.42 38.38
CA LYS A 62 2.05 0.06 37.59
C LYS A 62 2.17 1.58 37.56
N VAL A 63 1.11 2.34 37.87
CA VAL A 63 1.18 3.80 37.90
C VAL A 63 1.53 4.24 39.31
N GLY A 64 2.66 4.91 39.47
CA GLY A 64 3.08 5.40 40.76
C GLY A 64 4.53 5.04 41.05
N SER A 65 5.02 5.63 42.13
CA SER A 65 6.43 5.46 42.51
C SER A 65 6.67 4.21 43.35
N LYS A 66 5.65 3.74 44.05
CA LYS A 66 5.77 2.55 44.89
C LYS A 66 4.97 1.39 44.30
N PRO A 67 5.35 0.16 44.63
CA PRO A 67 4.54 -1.00 44.21
C PRO A 67 3.30 -1.16 45.08
N TYR A 68 2.28 -1.80 44.50
CA TYR A 68 1.00 -2.05 45.16
C TYR A 68 0.19 -2.98 44.27
N PHE A 69 -0.83 -3.59 44.88
CA PHE A 69 -1.84 -4.38 44.20
C PHE A 69 -3.11 -3.57 44.02
N VAL A 70 -3.87 -3.90 42.97
CA VAL A 70 -5.18 -3.29 42.78
C VAL A 70 -6.20 -4.39 42.58
N ILE A 71 -7.37 -4.23 43.20
CA ILE A 71 -8.50 -5.12 42.99
C ILE A 71 -9.66 -4.29 42.45
N ASP A 72 -10.20 -4.69 41.30
CA ASP A 72 -11.45 -4.11 40.83
C ASP A 72 -12.55 -5.01 41.35
N THR A 73 -13.24 -4.56 42.40
CA THR A 73 -14.26 -5.40 42.99
C THR A 73 -15.43 -5.61 42.06
N GLY A 74 -15.49 -4.86 40.95
CA GLY A 74 -16.50 -5.13 39.93
C GLY A 74 -16.45 -6.55 39.39
N GLY A 75 -15.30 -7.24 39.51
CA GLY A 75 -15.13 -8.63 39.08
C GLY A 75 -15.77 -9.67 39.96
N PHE A 76 -16.45 -9.26 41.03
CA PHE A 76 -17.14 -10.17 41.94
C PHE A 76 -18.61 -10.37 41.59
N GLU A 77 -19.27 -9.36 41.00
CA GLU A 77 -20.75 -9.35 40.88
C GLU A 77 -21.31 -10.51 40.05
N MET A 88 -24.13 -4.77 48.85
CA MET A 88 -22.93 -5.03 48.07
C MET A 88 -22.82 -6.52 47.82
N ALA A 89 -21.65 -7.09 48.10
CA ALA A 89 -21.37 -8.50 47.86
C ALA A 89 -20.37 -8.98 48.89
N LYS A 90 -20.41 -10.30 49.17
CA LYS A 90 -19.54 -10.84 50.20
C LYS A 90 -18.07 -10.53 49.91
N GLN A 91 -17.60 -10.88 48.71
CA GLN A 91 -16.20 -10.66 48.41
C GLN A 91 -15.84 -9.19 48.39
N THR A 92 -16.77 -8.33 47.99
CA THR A 92 -16.47 -6.91 47.99
C THR A 92 -16.28 -6.41 49.41
N LEU A 93 -17.16 -6.84 50.33
CA LEU A 93 -17.06 -6.43 51.72
C LEU A 93 -15.75 -6.91 52.33
N GLN A 94 -15.31 -8.12 51.96
CA GLN A 94 -14.00 -8.58 52.43
C GLN A 94 -12.88 -7.66 51.96
N ALA A 95 -12.92 -7.24 50.69
CA ALA A 95 -11.89 -6.33 50.18
C ALA A 95 -11.90 -5.02 50.97
N VAL A 96 -13.08 -4.56 51.36
CA VAL A 96 -13.14 -3.37 52.21
C VAL A 96 -12.42 -3.61 53.52
N ASP A 97 -12.57 -4.81 54.09
CA ASP A 97 -11.93 -5.10 55.37
C ASP A 97 -10.44 -5.26 55.23
N GLU A 98 -9.99 -5.91 54.16
CA GLU A 98 -8.61 -6.39 54.09
C GLU A 98 -7.67 -5.51 53.28
N ALA A 99 -8.19 -4.69 52.37
CA ALA A 99 -7.33 -3.78 51.63
C ALA A 99 -6.73 -2.71 52.57
N ASP A 100 -5.58 -2.20 52.17
CA ASP A 100 -4.97 -1.10 52.91
C ASP A 100 -5.65 0.22 52.63
N ALA A 101 -6.37 0.32 51.53
CA ALA A 101 -7.12 1.53 51.21
C ALA A 101 -8.17 1.17 50.18
N VAL A 102 -9.24 1.96 50.15
CA VAL A 102 -10.35 1.79 49.21
C VAL A 102 -10.47 3.05 48.37
N VAL A 103 -10.63 2.89 47.06
CA VAL A 103 -11.06 3.99 46.21
C VAL A 103 -12.53 3.81 45.93
N PHE A 104 -13.34 4.78 46.28
CA PHE A 104 -14.77 4.73 46.05
C PHE A 104 -15.04 5.57 44.81
N LEU A 105 -15.35 4.90 43.70
CA LEU A 105 -15.49 5.55 42.40
C LEU A 105 -16.95 5.89 42.14
N VAL A 106 -17.22 7.15 41.82
CA VAL A 106 -18.58 7.60 41.55
C VAL A 106 -18.57 8.40 40.27
N ASP A 107 -19.75 8.53 39.66
CA ASP A 107 -19.90 9.16 38.37
C ASP A 107 -20.23 10.64 38.55
N GLY A 108 -19.25 11.51 38.29
CA GLY A 108 -19.50 12.91 38.49
C GLY A 108 -20.41 13.52 37.45
N ARG A 109 -20.50 12.88 36.27
CA ARG A 109 -21.36 13.40 35.22
C ARG A 109 -22.83 13.17 35.56
N THR A 110 -23.13 12.01 36.13
CA THR A 110 -24.53 11.63 36.40
C THR A 110 -25.15 12.53 37.46
N GLY A 111 -24.46 12.73 38.57
CA GLY A 111 -25.07 13.22 39.78
C GLY A 111 -24.92 12.20 40.88
N LEU A 112 -25.75 12.29 41.93
CA LEU A 112 -25.60 11.46 43.12
C LEU A 112 -26.80 10.52 43.21
N THR A 113 -26.54 9.21 42.96
CA THR A 113 -27.56 8.17 42.95
C THR A 113 -27.82 7.67 44.37
N PRO A 114 -29.03 7.18 44.65
CA PRO A 114 -29.28 6.61 45.99
C PRO A 114 -28.41 5.41 46.32
N GLN A 115 -28.07 4.60 45.31
CA GLN A 115 -27.14 3.48 45.52
C GLN A 115 -25.78 3.96 46.02
N ASP A 116 -25.26 5.05 45.43
CA ASP A 116 -23.99 5.57 45.88
C ASP A 116 -24.02 5.92 47.36
N LYS A 117 -25.17 6.42 47.85
CA LYS A 117 -25.26 6.83 49.24
C LYS A 117 -25.26 5.65 50.19
N ILE A 118 -25.87 4.53 49.82
CA ILE A 118 -25.80 3.38 50.72
C ILE A 118 -24.37 2.88 50.81
N ILE A 119 -23.67 2.79 49.67
CA ILE A 119 -22.26 2.40 49.68
C ILE A 119 -21.45 3.32 50.58
N ALA A 120 -21.68 4.63 50.48
CA ALA A 120 -20.98 5.57 51.34
C ALA A 120 -21.26 5.29 52.81
N ASP A 121 -22.47 4.82 53.12
CA ASP A 121 -22.83 4.53 54.51
C ASP A 121 -22.01 3.37 55.07
N ARG A 122 -21.75 2.37 54.24
CA ARG A 122 -20.94 1.26 54.72
C ARG A 122 -19.46 1.66 54.76
N LEU A 123 -18.99 2.37 53.74
CA LEU A 123 -17.59 2.74 53.69
C LEU A 123 -17.23 3.75 54.79
N ARG A 124 -18.18 4.61 55.17
CA ARG A 124 -17.86 5.63 56.17
C ARG A 124 -17.41 5.00 57.48
N GLN A 125 -17.87 3.80 57.78
CA GLN A 125 -17.44 3.12 58.99
C GLN A 125 -16.02 2.57 58.92
N SER A 126 -15.39 2.56 57.76
CA SER A 126 -14.10 1.87 57.61
C SER A 126 -13.04 2.51 58.48
N PRO A 127 -12.31 1.72 59.26
CA PRO A 127 -11.15 2.24 59.97
C PRO A 127 -9.93 2.46 59.11
N ARG A 128 -10.01 2.16 57.83
CA ARG A 128 -8.91 2.32 56.92
C ARG A 128 -9.21 3.41 55.89
N PRO A 129 -8.20 3.90 55.17
CA PRO A 129 -8.43 5.01 54.23
C PRO A 129 -9.49 4.68 53.19
N VAL A 130 -10.35 5.66 52.91
CA VAL A 130 -11.38 5.59 51.88
C VAL A 130 -11.31 6.89 51.10
N TYR A 131 -10.95 6.80 49.82
CA TYR A 131 -10.84 7.97 48.95
C TYR A 131 -12.04 8.05 48.02
N LEU A 132 -12.70 9.19 48.01
CA LEU A 132 -13.85 9.39 47.14
C LEU A 132 -13.34 9.96 45.81
N ALA A 133 -13.47 9.18 44.74
CA ALA A 133 -13.00 9.61 43.42
C ALA A 133 -14.20 9.97 42.57
N VAL A 134 -14.31 11.22 42.17
CA VAL A 134 -15.41 11.68 41.34
C VAL A 134 -14.91 11.63 39.90
N ASN A 135 -15.34 10.59 39.18
CA ASN A 135 -14.74 10.20 37.91
C ASN A 135 -15.35 10.93 36.74
N LYS A 136 -14.70 10.74 35.59
CA LYS A 136 -15.18 11.19 34.28
C LYS A 136 -15.26 12.72 34.19
N GLY A 137 -14.31 13.39 34.82
CA GLY A 137 -14.18 14.82 34.78
C GLY A 137 -13.10 15.29 33.82
N GLU A 138 -13.37 15.32 32.50
CA GLU A 138 -12.37 15.81 31.55
C GLU A 138 -12.68 17.13 30.79
N ASP A 141 -14.74 21.30 35.67
CA ASP A 141 -15.90 21.39 36.55
C ASP A 141 -15.62 20.84 37.95
N ARG A 142 -14.36 20.93 38.41
CA ARG A 142 -13.95 20.21 39.61
C ARG A 142 -14.62 20.76 40.87
N ALA A 143 -14.87 22.08 40.92
CA ALA A 143 -15.44 22.68 42.11
C ALA A 143 -16.89 22.26 42.31
N VAL A 144 -17.70 22.30 41.25
CA VAL A 144 -19.11 21.94 41.37
C VAL A 144 -19.25 20.46 41.72
N LEU A 145 -18.37 19.60 41.19
CA LEU A 145 -18.43 18.19 41.49
C LEU A 145 -17.93 17.84 42.88
N ALA A 146 -17.37 18.79 43.63
CA ALA A 146 -16.99 18.46 44.99
C ALA A 146 -18.01 18.90 46.02
N ALA A 147 -18.97 19.76 45.64
CA ALA A 147 -19.97 20.21 46.60
C ALA A 147 -21.07 19.17 46.75
N GLU A 148 -21.53 18.61 45.61
CA GLU A 148 -22.56 17.58 45.65
C GLU A 148 -22.11 16.41 46.52
N PHE A 149 -20.85 16.04 46.41
CA PHE A 149 -20.35 14.82 47.01
C PHE A 149 -19.83 15.00 48.43
N TYR A 150 -19.78 16.24 48.95
CA TYR A 150 -19.50 16.40 50.37
C TYR A 150 -20.63 15.85 51.23
N GLU A 151 -21.84 15.71 50.67
CA GLU A 151 -22.95 15.15 51.42
C GLU A 151 -22.69 13.70 51.80
N LEU A 152 -21.77 13.03 51.10
CA LEU A 152 -21.47 11.66 51.44
C LEU A 152 -20.64 11.58 52.70
N ALA A 153 -20.05 12.69 53.13
CA ALA A 153 -19.25 12.78 54.35
C ALA A 153 -18.12 11.75 54.33
N LEU A 154 -17.50 11.60 53.16
CA LEU A 154 -16.33 10.75 53.03
C LEU A 154 -15.06 11.56 52.86
N GLY A 155 -15.09 12.84 53.20
CA GLY A 155 -13.93 13.67 53.06
C GLY A 155 -13.88 14.33 51.70
N GLU A 156 -12.66 14.75 51.36
CA GLU A 156 -12.37 15.46 50.13
C GLU A 156 -12.70 14.62 48.90
N PRO A 157 -13.52 15.13 47.98
CA PRO A 157 -13.68 14.46 46.68
C PRO A 157 -12.49 14.72 45.77
N HIS A 158 -12.03 13.67 45.10
CA HIS A 158 -10.97 13.79 44.10
C HIS A 158 -11.58 13.69 42.71
N VAL A 159 -11.63 14.81 41.98
CA VAL A 159 -12.10 14.77 40.61
C VAL A 159 -11.03 14.15 39.73
N ILE A 160 -11.36 13.08 39.01
CA ILE A 160 -10.43 12.40 38.10
C ILE A 160 -11.13 12.02 36.81
N SER A 161 -10.35 11.42 35.90
CA SER A 161 -10.85 10.79 34.68
C SER A 161 -10.00 9.56 34.41
N GLY A 162 -10.50 8.39 34.84
CA GLY A 162 -9.75 7.17 34.64
C GLY A 162 -9.47 6.87 33.19
N ALA A 163 -10.39 7.25 32.30
CA ALA A 163 -10.16 7.02 30.86
C ALA A 163 -8.95 7.82 30.37
N HIS A 164 -8.95 9.13 30.60
CA HIS A 164 -7.93 10.00 30.06
C HIS A 164 -6.76 10.22 31.01
N GLY A 165 -6.94 9.96 32.31
CA GLY A 165 -5.86 10.03 33.27
C GLY A 165 -5.82 11.28 34.12
N ASP A 166 -6.66 12.28 33.83
CA ASP A 166 -6.69 13.52 34.61
C ASP A 166 -6.72 13.23 36.10
N GLY A 167 -5.68 13.64 36.80
CA GLY A 167 -5.64 13.56 38.25
C GLY A 167 -5.41 12.20 38.84
N VAL A 168 -5.38 11.15 38.03
CA VAL A 168 -5.22 9.80 38.57
C VAL A 168 -3.87 9.66 39.24
N TYR A 169 -2.81 10.10 38.56
CA TYR A 169 -1.48 9.94 39.12
C TYR A 169 -1.39 10.58 40.50
N TYR A 170 -1.96 11.77 40.66
CA TYR A 170 -1.89 12.44 41.96
C TYR A 170 -2.72 11.69 43.00
N LEU A 171 -3.86 11.12 42.60
CA LEU A 171 -4.63 10.32 43.56
C LEU A 171 -3.80 9.17 44.06
N ILE A 172 -3.19 8.41 43.13
CA ILE A 172 -2.39 7.25 43.53
C ILE A 172 -1.25 7.65 44.44
N GLU A 173 -0.55 8.73 44.11
CA GLU A 173 0.57 9.13 44.96
C GLU A 173 0.09 9.55 46.34
N GLU A 174 -1.11 10.14 46.43
CA GLU A 174 -1.61 10.52 47.74
C GLU A 174 -2.03 9.30 48.55
N ILE A 175 -2.55 8.26 47.90
CA ILE A 175 -2.86 7.01 48.59
C ILE A 175 -1.57 6.35 49.08
N LEU A 176 -0.53 6.35 48.25
CA LEU A 176 0.72 5.68 48.58
C LEU A 176 1.64 6.49 49.48
N GLU A 177 1.35 7.78 49.73
CA GLU A 177 2.24 8.56 50.59
C GLU A 177 2.27 8.05 52.03
N ASN A 178 1.37 7.14 52.39
CA ASN A 178 1.41 6.52 53.71
C ASN A 178 2.45 5.40 53.80
N PHE A 179 2.33 4.40 52.95
CA PHE A 179 3.14 3.20 53.07
C PHE A 179 4.54 3.47 52.53
N PRO A 180 5.60 3.28 53.32
CA PRO A 180 6.95 3.53 52.83
C PRO A 180 7.44 2.37 51.99
N GLU A 181 8.34 2.68 51.05
CA GLU A 181 8.80 1.68 50.12
C GLU A 181 9.90 0.86 50.78
N ALA A 187 16.74 -9.28 48.22
CA ALA A 187 17.56 -10.48 48.36
C ALA A 187 16.75 -11.77 48.20
N ASP A 188 17.24 -12.69 47.38
CA ASP A 188 16.56 -13.95 47.11
C ASP A 188 16.95 -14.98 48.17
N ALA A 189 15.96 -15.67 48.72
CA ALA A 189 16.24 -16.74 49.67
C ALA A 189 17.01 -17.87 48.98
N LYS A 190 17.87 -18.53 49.73
CA LYS A 190 18.73 -19.51 49.09
C LYS A 190 18.03 -20.84 48.81
N HIS A 191 16.77 -20.99 49.19
CA HIS A 191 16.06 -22.25 49.05
C HIS A 191 14.61 -21.99 48.69
N PRO A 192 13.89 -22.99 48.18
CA PRO A 192 12.52 -22.75 47.72
C PRO A 192 11.62 -22.35 48.87
N VAL A 193 10.94 -21.23 48.70
CA VAL A 193 9.92 -20.75 49.62
C VAL A 193 8.61 -20.76 48.86
N PHE A 194 7.76 -21.75 49.14
CA PHE A 194 6.62 -22.01 48.29
C PHE A 194 5.30 -21.80 49.02
N ALA A 195 4.32 -21.35 48.25
CA ALA A 195 2.98 -21.08 48.72
C ALA A 195 2.01 -22.01 48.01
N VAL A 196 1.08 -22.56 48.78
CA VAL A 196 -0.02 -23.33 48.21
C VAL A 196 -1.18 -22.38 47.95
N ILE A 197 -1.60 -22.28 46.69
CA ILE A 197 -2.65 -21.35 46.31
C ILE A 197 -3.71 -22.07 45.49
N GLY A 198 -4.87 -21.45 45.36
CA GLY A 198 -5.96 -22.05 44.62
C GLY A 198 -7.31 -21.70 45.20
N ARG A 199 -8.33 -22.00 44.41
CA ARG A 199 -9.74 -21.73 44.70
C ARG A 199 -10.16 -22.27 46.06
N PRO A 200 -11.24 -21.77 46.65
CA PRO A 200 -11.75 -22.41 47.86
C PRO A 200 -12.07 -23.87 47.60
N ASN A 201 -11.78 -24.73 48.58
CA ASN A 201 -12.27 -26.09 48.66
C ASN A 201 -11.57 -27.07 47.71
N VAL A 202 -10.43 -26.71 47.16
CA VAL A 202 -9.71 -27.64 46.30
C VAL A 202 -8.77 -28.56 47.07
N GLY A 203 -8.46 -28.24 48.33
CA GLY A 203 -7.65 -29.15 49.13
C GLY A 203 -6.37 -28.55 49.66
N LYS A 204 -6.29 -27.21 49.67
CA LYS A 204 -5.08 -26.53 50.12
C LYS A 204 -4.75 -26.87 51.57
N SER A 205 -5.75 -26.80 52.47
CA SER A 205 -5.46 -27.15 53.86
C SER A 205 -5.05 -28.61 53.98
N THR A 206 -5.77 -29.51 53.32
CA THR A 206 -5.41 -30.92 53.38
C THR A 206 -4.02 -31.13 52.81
N LEU A 207 -3.69 -30.45 51.73
CA LEU A 207 -2.36 -30.61 51.15
C LEU A 207 -1.26 -30.10 52.09
N VAL A 208 -1.48 -28.97 52.76
CA VAL A 208 -0.44 -28.44 53.65
C VAL A 208 -0.17 -29.41 54.79
N ASN A 209 -1.24 -29.91 55.44
CA ASN A 209 -1.02 -30.88 56.51
C ASN A 209 -0.35 -32.13 55.98
N ALA A 210 -0.76 -32.58 54.80
CA ALA A 210 -0.11 -33.76 54.23
C ALA A 210 1.38 -33.53 54.04
N ILE A 211 1.77 -32.34 53.56
CA ILE A 211 3.18 -32.07 53.30
C ILE A 211 3.96 -32.06 54.61
N LEU A 212 3.43 -31.39 55.63
CA LEU A 212 4.13 -31.28 56.88
C LEU A 212 4.12 -32.60 57.67
N GLY A 213 3.24 -33.53 57.31
CA GLY A 213 3.18 -34.83 57.98
C GLY A 213 3.74 -35.98 57.17
N GLU A 214 4.40 -35.72 56.04
CA GLU A 214 4.94 -36.76 55.17
C GLU A 214 6.07 -37.53 55.88
N LYS A 215 6.44 -38.66 55.27
CA LYS A 215 7.35 -39.61 55.92
C LYS A 215 8.75 -39.03 56.12
N ARG A 216 9.31 -38.41 55.08
CA ARG A 216 10.69 -37.94 55.11
C ARG A 216 10.81 -36.49 55.58
N VAL A 217 9.71 -35.86 55.95
CA VAL A 217 9.71 -34.45 56.33
C VAL A 217 9.94 -34.34 57.83
N ILE A 218 10.90 -33.49 58.23
CA ILE A 218 11.15 -33.11 59.62
C ILE A 218 10.76 -31.64 59.76
N ALA A 219 10.05 -31.31 60.84
CA ALA A 219 9.59 -29.94 61.03
C ALA A 219 10.62 -29.10 61.77
N SER A 229 6.20 -14.78 61.91
CA SER A 229 5.62 -16.05 62.28
C SER A 229 4.73 -16.59 61.18
N ILE A 230 4.92 -16.07 59.95
CA ILE A 230 4.13 -16.47 58.79
C ILE A 230 4.80 -17.56 57.97
N HIS A 231 6.06 -17.88 58.25
CA HIS A 231 6.82 -18.87 57.51
C HIS A 231 7.04 -20.12 58.36
N ILE A 232 6.88 -21.29 57.73
CA ILE A 232 7.14 -22.57 58.38
C ILE A 232 8.32 -23.23 57.67
N ASP A 233 9.47 -23.29 58.36
CA ASP A 233 10.68 -23.93 57.84
C ASP A 233 10.67 -25.43 58.14
N PHE A 234 11.10 -26.24 57.16
CA PHE A 234 11.26 -27.68 57.34
C PHE A 234 12.34 -28.20 56.41
N GLU A 235 12.66 -29.49 56.54
CA GLU A 235 13.67 -30.12 55.69
C GLU A 235 13.18 -31.48 55.21
N ARG A 236 13.66 -31.87 54.02
CA ARG A 236 13.38 -33.18 53.44
C ARG A 236 14.64 -33.71 52.77
N GLU A 237 15.11 -34.87 53.23
CA GLU A 237 16.34 -35.49 52.73
C GLU A 237 17.55 -34.56 52.82
N GLY A 238 17.57 -33.68 53.84
CA GLY A 238 18.68 -32.77 54.03
C GLY A 238 18.50 -31.39 53.44
N LYS A 239 17.66 -31.25 52.44
CA LYS A 239 17.51 -29.95 51.81
C LYS A 239 16.47 -29.11 52.56
N PRO A 240 16.68 -27.80 52.66
CA PRO A 240 15.73 -26.92 53.35
C PRO A 240 14.61 -26.38 52.45
N PHE A 241 13.44 -26.20 53.09
CA PHE A 241 12.23 -25.68 52.47
C PHE A 241 11.53 -24.73 53.42
N THR A 242 10.73 -23.86 52.86
CA THR A 242 9.85 -23.02 53.67
C THR A 242 8.51 -22.97 52.98
N ILE A 243 7.46 -23.30 53.73
CA ILE A 243 6.10 -23.23 53.24
C ILE A 243 5.43 -22.04 53.91
N ILE A 244 4.54 -21.38 53.18
CA ILE A 244 3.87 -20.17 53.66
C ILE A 244 2.44 -20.54 54.03
N ASP A 245 2.06 -20.24 55.26
CA ASP A 245 0.67 -20.40 55.69
C ASP A 245 -0.29 -19.37 55.08
N LYS A 261 -12.39 -17.56 55.06
CA LYS A 261 -11.16 -18.32 54.80
C LYS A 261 -10.40 -17.77 53.60
N PHE A 262 -10.96 -17.94 52.39
CA PHE A 262 -10.29 -17.55 51.16
C PHE A 262 -10.40 -16.05 50.89
N SER A 263 -9.28 -15.46 50.51
CA SER A 263 -9.14 -14.04 50.25
C SER A 263 -8.31 -13.81 48.99
N VAL A 264 -8.86 -13.08 48.02
CA VAL A 264 -8.02 -12.65 46.90
C VAL A 264 -6.78 -11.92 47.40
N ILE A 265 -6.94 -11.03 48.38
CA ILE A 265 -5.77 -10.31 48.87
C ILE A 265 -4.77 -11.29 49.48
N LYS A 266 -5.26 -12.28 50.24
CA LYS A 266 -4.35 -13.24 50.83
C LYS A 266 -3.69 -14.11 49.76
N ALA A 267 -4.38 -14.39 48.66
CA ALA A 267 -3.74 -15.17 47.61
C ALA A 267 -2.65 -14.37 46.92
N MET A 268 -2.89 -13.08 46.66
CA MET A 268 -1.85 -12.25 46.09
C MET A 268 -0.66 -12.12 47.03
N GLN A 269 -0.92 -11.99 48.33
CA GLN A 269 0.18 -11.85 49.26
C GLN A 269 0.98 -13.15 49.37
N ALA A 270 0.31 -14.30 49.28
CA ALA A 270 1.03 -15.56 49.27
C ALA A 270 2.01 -15.63 48.09
N VAL A 271 1.55 -15.23 46.91
CA VAL A 271 2.44 -15.30 45.74
C VAL A 271 3.66 -14.40 45.92
N GLU A 272 3.46 -13.15 46.36
CA GLU A 272 4.60 -12.23 46.47
C GLU A 272 5.60 -12.66 47.52
N ALA A 273 5.13 -13.33 48.55
CA ALA A 273 6.04 -13.78 49.59
C ALA A 273 6.84 -15.00 49.18
N ALA A 274 6.50 -15.62 48.07
CA ALA A 274 7.06 -16.90 47.70
C ALA A 274 8.03 -16.73 46.54
N ASN A 275 8.88 -17.74 46.34
CA ASN A 275 9.61 -17.85 45.10
C ASN A 275 9.13 -19.03 44.26
N VAL A 276 8.30 -19.91 44.82
CA VAL A 276 7.59 -20.96 44.09
C VAL A 276 6.15 -20.99 44.57
N ALA A 277 5.21 -21.25 43.66
CA ALA A 277 3.81 -21.41 44.02
C ALA A 277 3.34 -22.80 43.62
N VAL A 278 2.60 -23.47 44.51
CA VAL A 278 1.91 -24.71 44.18
C VAL A 278 0.44 -24.40 43.99
N LEU A 279 -0.03 -24.47 42.75
CA LEU A 279 -1.42 -24.22 42.44
C LEU A 279 -2.20 -25.52 42.54
N VAL A 280 -3.22 -25.56 43.39
CA VAL A 280 -4.01 -26.77 43.64
C VAL A 280 -5.33 -26.67 42.88
N LEU A 281 -5.67 -27.73 42.15
CA LEU A 281 -6.90 -27.79 41.38
C LEU A 281 -7.74 -28.95 41.88
N ASP A 282 -9.05 -28.75 41.87
CA ASP A 282 -10.00 -29.80 42.20
C ASP A 282 -10.29 -30.55 40.90
N ALA A 283 -9.74 -31.76 40.77
CA ALA A 283 -9.94 -32.51 39.54
C ALA A 283 -11.37 -32.96 39.38
N GLN A 284 -12.14 -32.97 40.46
CA GLN A 284 -13.51 -33.45 40.36
C GLN A 284 -14.47 -32.40 39.82
N GLN A 285 -13.98 -31.22 39.43
CA GLN A 285 -14.86 -30.24 38.82
C GLN A 285 -14.20 -29.68 37.56
N ASP A 286 -15.00 -29.05 36.72
CA ASP A 286 -14.41 -28.36 35.58
C ASP A 286 -13.52 -27.23 36.08
N ILE A 287 -12.46 -26.93 35.33
CA ILE A 287 -11.65 -25.75 35.65
C ILE A 287 -12.53 -24.51 35.56
N ALA A 288 -12.49 -23.67 36.59
CA ALA A 288 -13.37 -22.52 36.72
C ALA A 288 -12.63 -21.22 36.43
N ASP A 289 -13.42 -20.18 36.15
CA ASP A 289 -12.83 -18.85 35.99
C ASP A 289 -11.86 -18.55 37.12
N GLN A 290 -12.23 -18.86 38.35
CA GLN A 290 -11.40 -18.50 39.48
C GLN A 290 -10.11 -19.31 39.52
N ASP A 291 -10.15 -20.57 39.07
CA ASP A 291 -8.88 -21.28 38.85
C ASP A 291 -7.96 -20.51 37.93
N ALA A 292 -8.50 -19.95 36.84
CA ALA A 292 -7.65 -19.33 35.82
C ALA A 292 -7.11 -17.96 36.26
N THR A 293 -7.91 -17.17 36.98
CA THR A 293 -7.41 -15.85 37.38
C THR A 293 -6.33 -15.98 38.45
N ILE A 294 -6.47 -16.94 39.37
CA ILE A 294 -5.40 -17.18 40.32
C ILE A 294 -4.12 -17.57 39.57
N ALA A 295 -4.20 -18.56 38.70
CA ALA A 295 -3.01 -18.91 37.93
C ALA A 295 -2.50 -17.70 37.14
N GLY A 296 -3.41 -16.93 36.53
CA GLY A 296 -3.00 -15.77 35.77
C GLY A 296 -2.21 -14.77 36.60
N PHE A 297 -2.65 -14.54 37.85
CA PHE A 297 -1.89 -13.62 38.70
C PHE A 297 -0.50 -14.15 38.96
N ALA A 298 -0.40 -15.43 39.32
CA ALA A 298 0.90 -16.04 39.52
C ALA A 298 1.76 -15.86 38.27
N LEU A 299 1.16 -16.03 37.10
CA LEU A 299 1.93 -15.86 35.87
C LEU A 299 2.41 -14.41 35.70
N GLU A 300 1.51 -13.44 35.90
CA GLU A 300 1.93 -12.05 35.77
C GLU A 300 3.01 -11.70 36.78
N ALA A 301 3.03 -12.40 37.92
CA ALA A 301 4.11 -12.17 38.86
C ALA A 301 5.40 -12.82 38.39
N GLY A 302 5.36 -13.61 37.32
CA GLY A 302 6.53 -14.38 36.93
C GLY A 302 6.91 -15.44 37.93
N ARG A 303 5.98 -15.83 38.80
CA ARG A 303 6.25 -16.77 39.88
C ARG A 303 6.53 -18.16 39.32
N ALA A 304 7.61 -18.79 39.76
CA ALA A 304 7.84 -20.18 39.44
C ALA A 304 6.67 -21.01 39.96
N LEU A 305 6.37 -22.10 39.29
CA LEU A 305 5.08 -22.73 39.52
C LEU A 305 5.18 -24.24 39.43
N VAL A 306 4.46 -24.93 40.32
CA VAL A 306 4.18 -26.36 40.22
C VAL A 306 2.67 -26.53 40.35
N VAL A 307 2.09 -27.41 39.54
CA VAL A 307 0.64 -27.58 39.51
C VAL A 307 0.29 -28.93 40.13
N ALA A 308 -0.55 -28.89 41.15
CA ALA A 308 -0.99 -30.08 41.87
C ALA A 308 -2.45 -30.33 41.52
N VAL A 309 -2.71 -31.29 40.64
CA VAL A 309 -4.08 -31.69 40.33
C VAL A 309 -4.57 -32.60 41.44
N ASN A 310 -5.47 -32.10 42.28
CA ASN A 310 -5.80 -32.80 43.52
C ASN A 310 -7.12 -33.56 43.38
N LYS A 311 -7.40 -34.40 44.38
CA LYS A 311 -8.58 -35.26 44.44
C LYS A 311 -8.60 -36.28 43.29
N TRP A 312 -7.42 -36.71 42.85
CA TRP A 312 -7.32 -37.68 41.78
C TRP A 312 -7.90 -39.01 42.21
N ASP A 313 -8.01 -39.22 43.52
CA ASP A 313 -8.60 -40.44 44.06
C ASP A 313 -10.05 -40.62 43.60
N GLY A 314 -10.73 -39.52 43.29
CA GLY A 314 -12.12 -39.61 42.88
C GLY A 314 -12.33 -40.01 41.43
N ILE A 315 -11.35 -39.73 40.57
CA ILE A 315 -11.52 -39.90 39.12
C ILE A 315 -11.35 -41.37 38.76
N SER A 316 -12.38 -41.94 38.12
CA SER A 316 -12.29 -43.29 37.56
C SER A 316 -11.34 -43.30 36.36
N GLU A 317 -10.91 -44.51 35.99
CA GLU A 317 -9.88 -44.64 34.97
C GLU A 317 -10.37 -44.12 33.62
N GLU A 318 -11.59 -44.52 33.23
CA GLU A 318 -12.17 -44.04 31.98
C GLU A 318 -12.19 -42.50 31.92
N ARG A 319 -12.66 -41.87 33.00
CA ARG A 319 -12.75 -40.43 33.02
C ARG A 319 -11.39 -39.75 33.14
N ARG A 320 -10.32 -40.50 33.36
CA ARG A 320 -9.05 -39.85 33.73
C ARG A 320 -8.42 -39.12 32.56
N GLU A 321 -8.39 -39.73 31.37
CA GLU A 321 -7.78 -39.03 30.24
C GLU A 321 -8.65 -37.87 29.80
N GLN A 322 -9.97 -38.04 29.80
CA GLN A 322 -10.87 -36.92 29.51
C GLN A 322 -10.60 -35.73 30.42
N VAL A 323 -10.01 -35.97 31.59
CA VAL A 323 -9.74 -34.90 32.54
C VAL A 323 -8.35 -34.29 32.32
N LYS A 324 -7.32 -35.10 32.09
CA LYS A 324 -6.03 -34.53 31.74
C LYS A 324 -6.12 -33.69 30.47
N ARG A 325 -6.82 -34.19 29.46
CA ARG A 325 -7.11 -33.39 28.27
C ARG A 325 -7.73 -32.06 28.65
N ASP A 326 -8.90 -32.09 29.32
CA ASP A 326 -9.61 -30.88 29.73
C ASP A 326 -8.70 -29.88 30.44
N ILE A 327 -7.79 -30.37 31.27
CA ILE A 327 -6.99 -29.46 32.08
C ILE A 327 -5.92 -28.80 31.23
N SER A 328 -5.24 -29.55 30.38
CA SER A 328 -4.23 -28.91 29.54
C SER A 328 -4.87 -27.99 28.50
N ARG A 329 -6.11 -28.26 28.05
CA ARG A 329 -6.74 -27.37 27.08
C ARG A 329 -7.13 -26.03 27.72
N LYS A 330 -7.53 -26.06 28.98
CA LYS A 330 -8.06 -24.86 29.60
C LYS A 330 -7.01 -24.10 30.38
N LEU A 331 -5.90 -24.73 30.72
CA LEU A 331 -4.83 -24.02 31.38
C LEU A 331 -3.63 -24.07 30.46
N TYR A 332 -3.86 -23.77 29.17
CA TYR A 332 -2.77 -23.82 28.19
C TYR A 332 -1.59 -22.96 28.61
N PHE A 333 -1.85 -21.77 29.15
CA PHE A 333 -0.77 -20.85 29.48
C PHE A 333 0.09 -21.33 30.63
N LEU A 334 -0.18 -22.51 31.19
CA LEU A 334 0.67 -23.10 32.22
C LEU A 334 1.50 -24.24 31.69
N ASP A 335 1.62 -24.35 30.37
CA ASP A 335 2.37 -25.45 29.77
C ASP A 335 3.83 -25.45 30.18
N PHE A 336 4.33 -24.40 30.83
CA PHE A 336 5.71 -24.36 31.31
C PHE A 336 5.91 -25.05 32.65
N ALA A 337 4.85 -25.52 33.31
CA ALA A 337 4.97 -26.08 34.64
C ALA A 337 4.68 -27.58 34.62
N LYS A 338 5.34 -28.32 35.51
CA LYS A 338 5.02 -29.74 35.65
C LYS A 338 3.67 -29.89 36.37
N PHE A 339 2.84 -30.80 35.89
CA PHE A 339 1.57 -31.10 36.53
C PHE A 339 1.67 -32.42 37.28
N HIS A 340 1.33 -32.40 38.57
CA HIS A 340 1.23 -33.61 39.36
C HIS A 340 -0.23 -33.96 39.57
N PHE A 341 -0.51 -35.26 39.66
CA PHE A 341 -1.87 -35.77 39.84
C PHE A 341 -1.90 -36.54 41.15
N ILE A 342 -2.44 -35.92 42.19
CA ILE A 342 -2.21 -36.35 43.56
C ILE A 342 -3.53 -36.48 44.30
N SER A 343 -3.47 -37.11 45.47
CA SER A 343 -4.61 -37.12 46.40
C SER A 343 -4.08 -36.66 47.76
N ALA A 344 -4.38 -35.41 48.12
CA ALA A 344 -3.97 -34.90 49.43
C ALA A 344 -4.61 -35.69 50.55
N LEU A 345 -5.88 -36.08 50.38
CA LEU A 345 -6.57 -36.81 51.44
C LEU A 345 -5.88 -38.12 51.73
N LYS A 346 -5.73 -38.97 50.71
CA LYS A 346 -5.09 -40.27 50.88
C LYS A 346 -3.56 -40.14 50.85
N GLU A 347 -3.04 -38.91 50.75
CA GLU A 347 -1.61 -38.62 50.90
C GLU A 347 -0.79 -39.44 49.93
N ARG A 348 -1.25 -39.50 48.68
CA ARG A 348 -0.60 -40.22 47.60
C ARG A 348 -0.03 -39.21 46.60
N GLY A 349 1.19 -39.45 46.14
CA GLY A 349 1.79 -38.55 45.21
C GLY A 349 2.44 -37.32 45.81
N ILE A 350 2.43 -37.17 47.14
CA ILE A 350 3.03 -36.00 47.77
C ILE A 350 4.56 -36.03 47.67
N ASP A 351 5.16 -37.22 47.65
CA ASP A 351 6.61 -37.32 47.64
C ASP A 351 7.23 -36.62 46.43
N GLY A 352 6.66 -36.84 45.24
CA GLY A 352 7.19 -36.25 44.02
C GLY A 352 7.01 -34.75 43.93
N LEU A 353 6.14 -34.17 44.77
CA LEU A 353 5.97 -32.73 44.77
C LEU A 353 7.28 -32.03 45.10
N PHE A 354 8.07 -32.62 46.00
CA PHE A 354 9.21 -31.88 46.52
C PHE A 354 10.29 -31.67 45.46
N GLU A 355 10.58 -32.68 44.65
CA GLU A 355 11.54 -32.49 43.57
C GLU A 355 11.10 -31.37 42.63
N SER A 356 9.82 -31.34 42.24
CA SER A 356 9.39 -30.34 41.28
C SER A 356 9.46 -28.94 41.84
N ILE A 357 9.19 -28.79 43.15
CA ILE A 357 9.32 -27.49 43.80
C ILE A 357 10.78 -27.06 43.77
N GLN A 358 11.68 -27.98 44.11
CA GLN A 358 13.10 -27.67 43.97
C GLN A 358 13.45 -27.36 42.52
N ALA A 359 12.96 -28.18 41.59
CA ALA A 359 13.32 -27.94 40.19
C ALA A 359 12.83 -26.57 39.72
N ALA A 360 11.60 -26.21 40.09
CA ALA A 360 11.08 -24.90 39.66
C ALA A 360 11.89 -23.76 40.27
N TYR A 361 12.27 -23.87 41.54
CA TYR A 361 13.07 -22.83 42.15
C TYR A 361 14.43 -22.69 41.44
N ASN A 362 15.11 -23.82 41.25
CA ASN A 362 16.39 -23.79 40.55
C ASN A 362 16.25 -23.12 39.20
N ALA A 363 15.26 -23.53 38.41
CA ALA A 363 15.05 -22.91 37.11
C ALA A 363 14.82 -21.42 37.26
N ALA A 364 14.00 -21.02 38.23
CA ALA A 364 13.69 -19.61 38.41
C ALA A 364 14.94 -18.80 38.67
N MET A 365 15.93 -19.41 39.34
CA MET A 365 17.11 -18.69 39.78
C MET A 365 18.30 -18.82 38.85
N ILE A 366 18.11 -19.39 37.65
CA ILE A 366 19.25 -19.76 36.83
C ILE A 366 20.02 -18.52 36.37
N LYS A 367 21.35 -18.68 36.23
CA LYS A 367 22.22 -17.70 35.59
C LYS A 367 22.87 -18.39 34.39
N MET A 368 22.53 -17.95 33.18
CA MET A 368 22.95 -18.59 31.94
C MET A 368 24.05 -17.77 31.27
N PRO A 369 25.22 -18.33 30.97
CA PRO A 369 26.28 -17.54 30.33
C PRO A 369 25.90 -17.20 28.89
N THR A 370 26.16 -15.95 28.52
CA THR A 370 25.87 -15.46 27.17
C THR A 370 26.36 -16.38 26.06
N PRO A 371 27.59 -16.92 26.09
CA PRO A 371 27.99 -17.83 24.99
C PRO A 371 27.16 -19.09 24.89
N LYS A 372 26.76 -19.69 26.02
CA LYS A 372 25.90 -20.86 25.91
C LYS A 372 24.57 -20.50 25.26
N ILE A 373 23.97 -19.40 25.71
CA ILE A 373 22.69 -18.99 25.12
C ILE A 373 22.85 -18.78 23.61
N THR A 374 23.84 -17.99 23.21
CA THR A 374 24.04 -17.73 21.79
C THR A 374 24.25 -19.03 21.02
N ARG A 375 24.95 -19.98 21.64
CA ARG A 375 25.20 -21.28 21.02
C ARG A 375 23.88 -22.01 20.76
N VAL A 376 23.02 -22.08 21.78
CA VAL A 376 21.73 -22.73 21.60
C VAL A 376 20.89 -22.00 20.57
N LEU A 377 20.94 -20.67 20.60
CA LEU A 377 20.20 -19.86 19.63
C LEU A 377 20.68 -20.09 18.20
N GLN A 378 21.99 -20.04 17.98
CA GLN A 378 22.46 -20.21 16.62
C GLN A 378 22.18 -21.61 16.12
N THR A 379 22.16 -22.58 17.02
CA THR A 379 21.84 -23.93 16.57
C THR A 379 20.37 -24.05 16.23
N ALA A 380 19.50 -23.54 17.10
CA ALA A 380 18.08 -23.56 16.82
C ALA A 380 17.77 -22.90 15.48
N VAL A 381 18.38 -21.75 15.21
CA VAL A 381 18.13 -21.01 13.98
C VAL A 381 18.69 -21.77 12.78
N GLY A 382 19.83 -22.43 12.96
CA GLY A 382 20.40 -23.19 11.85
C GLY A 382 19.52 -24.37 11.45
N ARG A 383 18.86 -25.00 12.44
CA ARG A 383 18.02 -26.15 12.14
C ARG A 383 16.69 -25.73 11.54
N GLN A 384 16.14 -24.60 11.98
CA GLN A 384 14.87 -24.10 11.47
C GLN A 384 14.97 -22.59 11.42
N GLN A 385 15.09 -22.05 10.21
CA GLN A 385 15.20 -20.62 10.02
C GLN A 385 13.88 -19.96 10.38
N PRO A 386 13.90 -18.69 10.77
CA PRO A 386 12.65 -17.97 10.95
C PRO A 386 11.90 -17.92 9.64
N PRO A 387 10.56 -17.80 9.67
CA PRO A 387 9.75 -17.90 8.46
C PRO A 387 9.94 -16.79 7.42
N VAL A 392 10.90 -10.58 3.78
CA VAL A 392 12.25 -10.37 4.32
C VAL A 392 12.53 -11.37 5.43
N ARG A 393 13.74 -11.93 5.43
CA ARG A 393 14.08 -13.03 6.32
C ARG A 393 14.88 -12.53 7.51
N PRO A 394 14.33 -12.53 8.72
CA PRO A 394 15.05 -12.02 9.88
C PRO A 394 16.30 -12.85 10.15
N LYS A 395 17.30 -12.18 10.70
CA LYS A 395 18.58 -12.80 11.04
C LYS A 395 18.76 -12.69 12.56
N MET A 396 18.92 -13.83 13.22
CA MET A 396 19.12 -13.91 14.66
C MET A 396 20.54 -14.37 14.94
N ARG A 397 21.35 -13.51 15.55
CA ARG A 397 22.79 -13.74 15.65
C ARG A 397 23.26 -14.08 17.04
N TYR A 398 22.79 -13.39 18.09
CA TYR A 398 23.23 -13.72 19.44
C TYR A 398 22.13 -13.38 20.45
N ALA A 399 22.37 -13.79 21.70
CA ALA A 399 21.38 -13.65 22.74
C ALA A 399 22.05 -13.68 24.11
N HIS A 400 21.42 -13.02 25.08
CA HIS A 400 21.94 -12.93 26.44
C HIS A 400 20.78 -12.86 27.43
N GLN A 401 21.09 -13.12 28.70
CA GLN A 401 20.06 -13.11 29.73
C GLN A 401 19.84 -11.67 30.22
N GLY A 402 18.61 -11.19 30.13
CA GLY A 402 18.32 -9.83 30.57
C GLY A 402 17.37 -9.73 31.76
N GLY A 403 17.19 -10.82 32.49
CA GLY A 403 16.32 -10.84 33.65
C GLY A 403 16.43 -12.16 34.38
N MET A 404 15.95 -12.14 35.62
CA MET A 404 16.04 -13.30 36.48
C MET A 404 14.73 -13.48 37.24
N ASN A 405 14.39 -14.74 37.54
CA ASN A 405 13.22 -15.09 38.33
C ASN A 405 12.00 -14.29 37.88
N PRO A 406 11.46 -14.56 36.69
CA PRO A 406 11.82 -15.59 35.71
C PRO A 406 13.02 -15.19 34.86
N PRO A 407 13.73 -16.16 34.29
CA PRO A 407 14.76 -15.82 33.31
C PRO A 407 14.15 -15.20 32.06
N VAL A 408 14.79 -14.16 31.56
CA VAL A 408 14.40 -13.52 30.31
C VAL A 408 15.60 -13.55 29.37
N ILE A 409 15.37 -14.01 28.13
CA ILE A 409 16.41 -14.11 27.13
C ILE A 409 16.15 -13.05 26.06
N VAL A 410 17.16 -12.24 25.78
CA VAL A 410 17.07 -11.14 24.82
C VAL A 410 17.82 -11.53 23.56
N VAL A 411 17.13 -11.52 22.42
CA VAL A 411 17.69 -11.91 21.14
C VAL A 411 17.96 -10.68 20.29
N HIS A 412 19.17 -10.60 19.72
CA HIS A 412 19.63 -9.45 18.95
C HIS A 412 19.80 -9.83 17.47
N GLY A 413 19.43 -8.90 16.58
CA GLY A 413 19.63 -9.16 15.17
C GLY A 413 18.95 -8.11 14.30
N ASN A 414 18.68 -8.50 13.06
CA ASN A 414 18.04 -7.66 12.06
C ASN A 414 16.65 -8.17 11.70
N SER A 415 15.77 -7.22 11.36
CA SER A 415 14.42 -7.52 10.91
C SER A 415 13.67 -8.37 11.94
N LEU A 416 13.82 -8.01 13.21
CA LEU A 416 13.20 -8.77 14.29
C LEU A 416 11.93 -8.11 14.80
N HIS A 417 11.27 -7.28 13.99
CA HIS A 417 10.14 -6.54 14.54
C HIS A 417 8.82 -7.28 14.42
N ALA A 418 8.74 -8.30 13.55
CA ALA A 418 7.52 -9.10 13.37
C ALA A 418 7.91 -10.57 13.34
N ILE A 419 8.21 -11.11 14.51
CA ILE A 419 8.48 -12.53 14.65
C ILE A 419 7.21 -13.20 15.14
N SER A 420 6.81 -14.27 14.46
CA SER A 420 5.55 -14.92 14.76
C SER A 420 5.54 -15.46 16.18
N ASP A 421 4.35 -15.53 16.77
CA ASP A 421 4.25 -16.10 18.11
C ASP A 421 4.65 -17.57 18.09
N SER A 422 4.40 -18.27 16.98
CA SER A 422 4.72 -19.69 16.90
C SER A 422 6.21 -19.94 16.83
N TYR A 423 6.98 -19.05 16.20
CA TYR A 423 8.43 -19.27 16.19
C TYR A 423 9.01 -19.00 17.57
N THR A 424 8.60 -17.91 18.21
CA THR A 424 8.99 -17.63 19.59
C THR A 424 8.65 -18.81 20.51
N ARG A 425 7.58 -19.55 20.19
CA ARG A 425 7.27 -20.74 20.96
C ARG A 425 8.32 -21.82 20.74
N TYR A 426 8.77 -21.99 19.48
CA TYR A 426 9.82 -22.95 19.17
C TYR A 426 11.13 -22.61 19.89
N LEU A 427 11.51 -21.32 19.89
CA LEU A 427 12.70 -20.90 20.62
C LEU A 427 12.53 -21.09 22.12
N THR A 428 11.36 -20.71 22.67
CA THR A 428 11.13 -20.86 24.11
C THR A 428 11.29 -22.33 24.50
N GLN A 429 10.63 -23.23 23.76
CA GLN A 429 10.80 -24.65 24.07
C GLN A 429 12.25 -25.09 23.90
N THR A 430 12.92 -24.63 22.82
CA THR A 430 14.32 -25.01 22.63
C THR A 430 15.15 -24.60 23.83
N PHE A 431 15.03 -23.35 24.26
CA PHE A 431 15.79 -22.90 25.43
C PHE A 431 15.39 -23.67 26.68
N ARG A 432 14.09 -23.94 26.84
CA ARG A 432 13.61 -24.66 28.01
C ARG A 432 14.21 -26.06 28.07
N LYS A 433 14.18 -26.79 26.95
CA LYS A 433 14.78 -28.11 26.96
C LYS A 433 16.26 -28.01 27.30
N ALA A 434 16.96 -27.07 26.67
CA ALA A 434 18.42 -27.04 26.76
C ALA A 434 18.90 -26.64 28.15
N PHE A 435 18.15 -25.80 28.87
CA PHE A 435 18.59 -25.31 30.17
C PHE A 435 17.76 -25.85 31.32
N ASN A 436 16.86 -26.80 31.07
CA ASN A 436 16.05 -27.43 32.12
C ASN A 436 15.23 -26.41 32.89
N LEU A 437 14.48 -25.59 32.15
CA LEU A 437 13.79 -24.45 32.72
C LEU A 437 12.32 -24.70 33.02
N GLN A 438 11.87 -25.96 33.01
CA GLN A 438 10.49 -26.23 33.39
C GLN A 438 10.22 -25.70 34.78
N GLY A 439 9.09 -25.04 34.94
CA GLY A 439 8.70 -24.49 36.22
C GLY A 439 8.86 -23.00 36.37
N THR A 440 9.57 -22.34 35.44
CA THR A 440 9.68 -20.89 35.52
C THR A 440 9.17 -20.27 34.23
N PRO A 441 8.41 -19.23 34.31
CA PRO A 441 7.82 -18.74 33.04
C PRO A 441 8.81 -17.95 32.19
N LEU A 442 9.83 -18.66 31.71
CA LEU A 442 10.81 -18.10 30.79
C LEU A 442 10.16 -17.41 29.59
N ARG A 443 10.66 -16.22 29.24
CA ARG A 443 10.13 -15.48 28.09
C ARG A 443 11.28 -14.94 27.23
N ILE A 444 11.03 -14.90 25.91
CA ILE A 444 11.94 -14.39 24.89
C ILE A 444 11.59 -12.95 24.58
N GLN A 445 12.61 -12.11 24.38
CA GLN A 445 12.40 -10.69 24.13
C GLN A 445 13.38 -10.23 23.06
N TYR A 446 12.93 -9.39 22.13
CA TYR A 446 13.74 -8.94 21.00
C TYR A 446 14.09 -7.46 21.10
N ASN A 447 15.38 -7.14 20.89
CA ASN A 447 15.87 -5.75 20.89
C ASN A 447 15.76 -5.17 19.49
N VAL A 448 14.90 -4.14 19.32
CA VAL A 448 14.67 -3.53 18.00
C VAL A 448 15.23 -2.11 17.87
N ILE B 16 28.83 19.42 3.21
CA ILE B 16 28.53 20.79 2.78
C ILE B 16 27.67 20.82 1.51
N MET B 17 26.35 20.73 1.69
CA MET B 17 25.42 20.62 0.57
C MET B 17 25.15 21.98 -0.07
N LYS B 18 25.06 22.00 -1.41
CA LYS B 18 24.84 23.24 -2.16
C LYS B 18 23.34 23.54 -2.29
N PRO B 19 22.98 24.82 -2.51
CA PRO B 19 21.59 25.24 -2.31
C PRO B 19 20.64 24.78 -3.41
N THR B 20 19.36 24.66 -3.02
CA THR B 20 18.30 24.28 -3.94
C THR B 20 17.23 25.38 -3.98
N ILE B 21 16.89 25.84 -5.18
CA ILE B 21 15.87 26.86 -5.37
C ILE B 21 14.62 26.19 -5.98
N ALA B 22 13.46 26.45 -5.41
CA ALA B 22 12.22 25.85 -5.88
C ALA B 22 11.37 26.92 -6.58
N LEU B 23 11.06 26.73 -7.86
CA LEU B 23 10.15 27.63 -8.57
C LEU B 23 8.71 27.20 -8.35
N ILE B 24 7.85 28.17 -7.97
CA ILE B 24 6.45 27.89 -7.64
C ILE B 24 5.56 28.93 -8.27
N GLY B 25 4.42 28.50 -8.80
CA GLY B 25 3.44 29.44 -9.32
C GLY B 25 2.41 28.71 -10.14
N ARG B 26 1.31 29.42 -10.41
CA ARG B 26 0.21 28.96 -11.24
C ARG B 26 0.71 28.41 -12.57
N PRO B 27 -0.04 27.54 -13.23
CA PRO B 27 0.33 27.14 -14.61
C PRO B 27 0.38 28.35 -15.53
N ASN B 28 1.37 28.34 -16.44
CA ASN B 28 1.49 29.35 -17.49
C ASN B 28 2.00 30.71 -17.04
N VAL B 29 2.70 30.83 -15.91
CA VAL B 29 3.27 32.14 -15.55
C VAL B 29 4.71 32.27 -16.00
N GLY B 30 5.32 31.18 -16.47
CA GLY B 30 6.64 31.22 -17.04
C GLY B 30 7.65 30.33 -16.36
N LYS B 31 7.22 29.34 -15.56
CA LYS B 31 8.17 28.58 -14.74
C LYS B 31 9.17 27.82 -15.62
N SER B 32 8.67 26.97 -16.52
CA SER B 32 9.59 26.24 -17.39
C SER B 32 10.45 27.19 -18.22
N THR B 33 9.89 28.30 -18.70
CA THR B 33 10.74 29.23 -19.43
C THR B 33 11.88 29.73 -18.55
N LEU B 34 11.57 30.09 -17.30
CA LEU B 34 12.61 30.51 -16.37
C LEU B 34 13.58 29.37 -16.11
N PHE B 35 13.03 28.18 -15.83
CA PHE B 35 13.86 27.02 -15.50
C PHE B 35 14.85 26.71 -16.60
N ASN B 36 14.39 26.75 -17.86
CA ASN B 36 15.29 26.50 -18.98
C ASN B 36 16.36 27.59 -19.06
N ARG B 37 15.98 28.85 -18.80
CA ARG B 37 16.98 29.90 -18.75
C ARG B 37 18.03 29.63 -17.68
N LEU B 38 17.59 29.24 -16.48
CA LEU B 38 18.54 29.11 -15.38
C LEU B 38 19.43 27.89 -15.53
N THR B 39 18.97 26.87 -16.23
CA THR B 39 19.74 25.63 -16.37
C THR B 39 20.29 25.44 -17.78
N ARG B 40 20.30 26.48 -18.60
CA ARG B 40 20.71 26.36 -20.00
C ARG B 40 22.19 26.10 -20.13
N THR B 41 22.55 24.98 -20.74
CA THR B 41 23.92 24.63 -21.05
C THR B 41 24.38 25.29 -22.35
N LYS B 42 25.60 25.84 -22.32
CA LYS B 42 26.20 26.41 -23.52
C LYS B 42 26.29 25.37 -24.65
N ASP B 43 26.71 24.15 -24.32
CA ASP B 43 26.88 23.12 -25.34
C ASP B 43 25.57 22.38 -25.64
N ALA B 44 24.68 22.27 -24.66
CA ALA B 44 23.41 21.55 -24.80
C ALA B 44 23.65 20.11 -25.28
N LEU B 45 24.27 19.33 -24.38
CA LEU B 45 24.64 17.95 -24.64
C LEU B 45 23.77 17.03 -23.79
N VAL B 46 22.68 16.54 -24.40
CA VAL B 46 21.88 15.45 -23.85
C VAL B 46 21.75 14.40 -24.94
N HIS B 47 21.70 13.13 -24.52
CA HIS B 47 21.45 12.05 -25.47
C HIS B 47 19.97 12.08 -25.85
N ASP B 48 19.64 13.05 -26.71
CA ASP B 48 18.31 13.15 -27.23
C ASP B 48 18.25 12.63 -28.66
N LEU B 49 17.10 12.16 -29.03
CA LEU B 49 16.79 11.54 -30.31
C LEU B 49 16.12 12.56 -31.22
N PRO B 50 16.02 12.27 -32.53
CA PRO B 50 15.40 13.24 -33.44
C PRO B 50 13.90 13.30 -33.22
N GLY B 51 13.36 14.52 -33.20
CA GLY B 51 11.95 14.76 -33.02
C GLY B 51 11.51 14.79 -31.57
N LEU B 52 12.37 14.36 -30.65
CA LEU B 52 12.05 14.30 -29.24
C LEU B 52 12.81 15.38 -28.47
N THR B 53 12.24 15.77 -27.36
CA THR B 53 12.92 16.64 -26.42
C THR B 53 12.78 16.06 -25.01
N ARG B 54 13.90 15.91 -24.31
CA ARG B 54 13.87 15.23 -23.02
C ARG B 54 13.35 16.18 -21.94
N ASP B 55 12.34 15.72 -21.20
CA ASP B 55 11.77 16.52 -20.11
C ASP B 55 12.74 16.67 -18.95
N ARG B 56 12.83 17.90 -18.43
CA ARG B 56 13.64 18.22 -17.25
C ARG B 56 12.83 19.17 -16.40
N HIS B 57 12.58 18.82 -15.14
CA HIS B 57 12.07 19.83 -14.24
C HIS B 57 12.97 20.03 -13.02
N TYR B 58 14.13 19.39 -12.98
CA TYR B 58 15.14 19.74 -12.01
C TYR B 58 16.51 19.48 -12.60
N GLY B 59 17.46 20.35 -12.27
CA GLY B 59 18.81 20.22 -12.79
C GLY B 59 19.76 21.24 -12.15
N HIS B 60 20.96 21.33 -12.74
CA HIS B 60 21.98 22.22 -12.21
C HIS B 60 21.78 23.64 -12.70
N GLY B 61 21.87 24.58 -11.76
CA GLY B 61 21.77 26.00 -12.10
C GLY B 61 23.02 26.49 -12.80
N LYS B 62 22.84 27.23 -13.88
CA LYS B 62 23.96 27.73 -14.65
C LYS B 62 24.12 29.24 -14.66
N VAL B 63 23.08 30.00 -14.34
CA VAL B 63 23.18 31.46 -14.22
C VAL B 63 23.52 31.82 -12.79
N GLY B 64 24.66 32.46 -12.58
CA GLY B 64 25.00 32.94 -11.25
C GLY B 64 26.43 32.59 -10.87
N SER B 65 26.86 33.19 -9.76
CA SER B 65 28.22 33.10 -9.26
C SER B 65 28.47 31.87 -8.38
N LYS B 66 27.45 31.31 -7.78
CA LYS B 66 27.58 30.08 -7.00
C LYS B 66 26.86 28.94 -7.70
N PRO B 67 27.22 27.69 -7.42
CA PRO B 67 26.42 26.56 -7.91
C PRO B 67 25.15 26.37 -7.09
N TYR B 68 24.14 25.77 -7.74
CA TYR B 68 22.86 25.52 -7.09
C TYR B 68 22.03 24.59 -7.97
N PHE B 69 21.02 24.00 -7.36
CA PHE B 69 20.01 23.21 -8.06
C PHE B 69 18.77 24.05 -8.26
N VAL B 70 17.99 23.73 -9.31
CA VAL B 70 16.70 24.36 -9.53
C VAL B 70 15.65 23.28 -9.67
N ILE B 71 14.47 23.51 -9.11
CA ILE B 71 13.32 22.66 -9.29
C ILE B 71 12.19 23.47 -9.87
N ASP B 72 11.63 23.02 -10.98
CA ASP B 72 10.39 23.62 -11.47
C ASP B 72 9.26 22.77 -10.89
N THR B 73 8.58 23.28 -9.88
CA THR B 73 7.52 22.46 -9.31
C THR B 73 6.36 22.29 -10.27
N GLY B 74 6.36 23.04 -11.38
CA GLY B 74 5.37 22.80 -12.43
C GLY B 74 5.43 21.40 -13.00
N GLY B 75 6.57 20.75 -12.90
CA GLY B 75 6.75 19.39 -13.35
C GLY B 75 6.12 18.32 -12.49
N PHE B 76 5.45 18.69 -11.38
CA PHE B 76 4.75 17.75 -10.51
C PHE B 76 3.27 17.68 -10.83
N GLU B 77 2.67 18.79 -11.25
CA GLU B 77 1.21 18.94 -11.34
C GLU B 77 0.56 18.05 -12.41
N HIS B 86 -5.96 26.11 -7.92
CA HIS B 86 -6.39 24.81 -7.40
C HIS B 86 -5.79 24.55 -6.02
N GLU B 87 -5.47 23.28 -5.74
CA GLU B 87 -4.66 22.91 -4.59
C GLU B 87 -3.21 22.69 -5.04
N MET B 88 -2.28 22.85 -4.11
CA MET B 88 -0.89 22.55 -4.42
C MET B 88 -0.59 21.07 -4.27
N ALA B 89 0.32 20.59 -5.10
CA ALA B 89 0.64 19.16 -5.11
C ALA B 89 1.49 18.80 -3.91
N LYS B 90 1.37 17.55 -3.48
CA LYS B 90 2.14 17.11 -2.32
C LYS B 90 3.62 17.35 -2.55
N GLN B 91 4.14 16.94 -3.71
CA GLN B 91 5.56 17.15 -3.93
C GLN B 91 5.89 18.62 -3.97
N THR B 92 4.94 19.46 -4.38
CA THR B 92 5.22 20.89 -4.38
C THR B 92 5.37 21.40 -2.96
N LEU B 93 4.48 20.98 -2.07
CA LEU B 93 4.56 21.41 -0.68
C LEU B 93 5.86 20.93 -0.05
N GLN B 94 6.30 19.72 -0.40
CA GLN B 94 7.60 19.22 0.06
C GLN B 94 8.75 20.10 -0.43
N ALA B 95 8.69 20.53 -1.68
CA ALA B 95 9.72 21.42 -2.19
C ALA B 95 9.78 22.70 -1.36
N VAL B 96 8.62 23.23 -0.97
CA VAL B 96 8.60 24.40 -0.12
C VAL B 96 9.28 24.12 1.21
N ASP B 97 9.06 22.92 1.77
CA ASP B 97 9.69 22.61 3.04
C ASP B 97 11.18 22.43 2.90
N GLU B 98 11.64 21.76 1.85
CA GLU B 98 13.01 21.29 1.81
C GLU B 98 13.93 22.16 0.99
N ALA B 99 13.40 22.96 0.07
CA ALA B 99 14.27 23.84 -0.69
C ALA B 99 14.90 24.88 0.22
N ASP B 100 16.08 25.35 -0.17
CA ASP B 100 16.72 26.42 0.57
C ASP B 100 16.07 27.76 0.31
N ALA B 101 15.36 27.90 -0.81
CA ALA B 101 14.65 29.15 -1.08
C ALA B 101 13.58 28.87 -2.11
N VAL B 102 12.54 29.68 -2.12
CA VAL B 102 11.46 29.53 -3.10
C VAL B 102 11.36 30.81 -3.92
N VAL B 103 11.21 30.67 -5.24
CA VAL B 103 10.82 31.80 -6.09
C VAL B 103 9.35 31.60 -6.42
N PHE B 104 8.54 32.58 -6.08
CA PHE B 104 7.12 32.51 -6.34
C PHE B 104 6.90 33.34 -7.59
N LEU B 105 6.59 32.68 -8.69
CA LEU B 105 6.50 33.35 -9.97
C LEU B 105 5.06 33.76 -10.22
N VAL B 106 4.82 35.04 -10.52
CA VAL B 106 3.49 35.55 -10.83
C VAL B 106 3.53 36.32 -12.14
N ASP B 107 2.35 36.48 -12.73
CA ASP B 107 2.23 37.03 -14.07
C ASP B 107 1.94 38.53 -14.00
N GLY B 108 2.93 39.35 -14.33
CA GLY B 108 2.75 40.79 -14.21
C GLY B 108 1.84 41.36 -15.27
N ARG B 109 1.76 40.72 -16.43
CA ARG B 109 0.84 41.19 -17.45
C ARG B 109 -0.59 40.83 -17.07
N THR B 110 -0.75 39.64 -16.47
CA THR B 110 -2.09 39.17 -16.13
C THR B 110 -2.71 40.02 -15.04
N GLY B 111 -1.98 40.22 -13.95
CA GLY B 111 -2.56 40.73 -12.73
C GLY B 111 -2.47 39.73 -11.59
N LEU B 112 -3.31 39.95 -10.58
CA LEU B 112 -3.33 39.21 -9.32
C LEU B 112 -4.63 38.43 -9.28
N THR B 113 -4.52 36.99 -9.42
CA THR B 113 -5.52 35.93 -9.40
C THR B 113 -5.80 35.45 -7.97
N PRO B 114 -7.02 34.98 -7.68
CA PRO B 114 -7.26 34.42 -6.35
C PRO B 114 -6.41 33.19 -6.04
N GLN B 115 -6.05 32.41 -7.06
CA GLN B 115 -5.09 31.32 -6.86
C GLN B 115 -3.76 31.83 -6.33
N ASP B 116 -3.27 32.96 -6.86
CA ASP B 116 -2.00 33.50 -6.38
C ASP B 116 -2.05 33.75 -4.89
N LYS B 117 -3.20 34.24 -4.40
CA LYS B 117 -3.32 34.55 -2.97
C LYS B 117 -3.37 33.27 -2.15
N ILE B 118 -3.99 32.21 -2.69
CA ILE B 118 -3.95 30.94 -1.98
C ILE B 118 -2.53 30.46 -1.83
N ILE B 119 -1.75 30.54 -2.91
CA ILE B 119 -0.34 30.17 -2.86
C ILE B 119 0.41 31.05 -1.87
N ALA B 120 0.20 32.37 -1.93
CA ALA B 120 0.90 33.30 -1.05
C ALA B 120 0.62 33.03 0.42
N ASP B 121 -0.60 32.62 0.76
CA ASP B 121 -0.91 32.34 2.16
C ASP B 121 -0.08 31.19 2.69
N ARG B 122 0.19 30.20 1.84
CA ARG B 122 1.00 29.09 2.28
C ARG B 122 2.48 29.49 2.32
N LEU B 123 2.96 30.22 1.31
CA LEU B 123 4.37 30.55 1.28
C LEU B 123 4.75 31.50 2.40
N ARG B 124 3.83 32.37 2.80
CA ARG B 124 4.15 33.36 3.83
C ARG B 124 4.58 32.70 5.12
N GLN B 125 4.05 31.53 5.43
CA GLN B 125 4.45 30.85 6.66
C GLN B 125 5.85 30.26 6.61
N SER B 126 6.51 30.22 5.46
CA SER B 126 7.80 29.53 5.35
C SER B 126 8.85 30.19 6.23
N PRO B 127 9.56 29.45 7.06
CA PRO B 127 10.70 30.02 7.78
C PRO B 127 11.92 30.28 6.90
N ARG B 128 11.84 29.99 5.62
CA ARG B 128 12.94 30.12 4.69
C ARG B 128 12.67 31.23 3.65
N PRO B 129 13.69 31.64 2.90
CA PRO B 129 13.49 32.72 1.93
C PRO B 129 12.40 32.42 0.93
N VAL B 130 11.57 33.43 0.66
CA VAL B 130 10.54 33.36 -0.37
C VAL B 130 10.64 34.66 -1.16
N TYR B 131 11.02 34.56 -2.43
CA TYR B 131 11.16 35.72 -3.30
C TYR B 131 9.96 35.77 -4.24
N LEU B 132 9.31 36.91 -4.30
CA LEU B 132 8.19 37.14 -5.20
C LEU B 132 8.72 37.67 -6.52
N ALA B 133 8.55 36.92 -7.59
CA ALA B 133 9.00 37.37 -8.91
C ALA B 133 7.79 37.71 -9.76
N VAL B 134 7.70 38.96 -10.18
CA VAL B 134 6.62 39.40 -11.06
C VAL B 134 7.13 39.26 -12.49
N ASN B 135 6.69 38.20 -13.17
CA ASN B 135 7.30 37.80 -14.42
C ASN B 135 6.66 38.54 -15.58
N LYS B 136 7.27 38.39 -16.75
CA LYS B 136 6.76 38.96 -17.99
C LYS B 136 6.65 40.49 -17.89
N GLY B 137 7.56 41.11 -17.11
CA GLY B 137 7.56 42.54 -16.97
C GLY B 137 8.64 43.18 -17.81
N GLU B 138 8.50 43.00 -19.10
CA GLU B 138 9.35 43.67 -20.07
C GLU B 138 8.44 44.64 -20.84
N GLY B 139 8.92 45.87 -21.02
CA GLY B 139 8.05 46.90 -21.59
C GLY B 139 6.90 47.29 -20.68
N GLY B 140 7.18 47.42 -19.37
CA GLY B 140 6.15 47.68 -18.39
C GLY B 140 6.67 48.57 -17.27
N ASP B 141 5.73 49.08 -16.48
CA ASP B 141 6.03 50.03 -15.42
C ASP B 141 6.35 49.28 -14.15
N ARG B 142 7.57 49.45 -13.65
CA ARG B 142 8.00 48.74 -12.46
C ARG B 142 7.22 49.20 -11.23
N ALA B 143 6.94 50.50 -11.13
CA ALA B 143 6.30 51.04 -9.94
C ALA B 143 4.89 50.48 -9.75
N VAL B 144 4.10 50.44 -10.84
CA VAL B 144 2.71 49.95 -10.73
C VAL B 144 2.68 48.48 -10.37
N LEU B 145 3.63 47.69 -10.91
CA LEU B 145 3.69 46.27 -10.61
C LEU B 145 4.20 45.97 -9.20
N ALA B 146 4.68 46.96 -8.47
CA ALA B 146 5.07 46.64 -7.12
C ALA B 146 3.98 46.97 -6.13
N ALA B 147 3.08 47.89 -6.49
CA ALA B 147 2.00 48.27 -5.59
C ALA B 147 0.93 47.20 -5.58
N GLU B 148 0.58 46.69 -6.77
CA GLU B 148 -0.42 45.63 -6.87
C GLU B 148 -0.02 44.42 -6.03
N PHE B 149 1.25 44.05 -6.06
CA PHE B 149 1.67 42.81 -5.45
C PHE B 149 2.10 42.95 -4.00
N TYR B 150 2.14 44.17 -3.44
CA TYR B 150 2.37 44.28 -2.00
C TYR B 150 1.22 43.67 -1.23
N GLU B 151 0.05 43.54 -1.87
CA GLU B 151 -1.09 42.94 -1.21
C GLU B 151 -0.84 41.48 -0.85
N LEU B 152 0.11 40.83 -1.51
CA LEU B 152 0.47 39.46 -1.15
C LEU B 152 1.32 39.39 0.10
N ALA B 153 1.91 40.51 0.51
CA ALA B 153 2.68 40.59 1.75
C ALA B 153 3.79 39.55 1.78
N LEU B 154 4.48 39.39 0.65
CA LEU B 154 5.67 38.56 0.56
C LEU B 154 6.92 39.40 0.38
N GLY B 155 6.83 40.68 0.65
CA GLY B 155 7.97 41.56 0.53
C GLY B 155 8.06 42.22 -0.83
N GLU B 156 9.26 42.73 -1.10
CA GLU B 156 9.53 43.51 -2.30
C GLU B 156 9.49 42.61 -3.53
N PRO B 157 8.68 42.92 -4.53
CA PRO B 157 8.67 42.12 -5.76
C PRO B 157 9.86 42.38 -6.65
N HIS B 158 10.37 41.31 -7.24
CA HIS B 158 11.38 41.40 -8.29
C HIS B 158 10.66 41.40 -9.64
N VAL B 159 10.65 42.54 -10.31
CA VAL B 159 10.15 42.60 -11.67
C VAL B 159 11.20 41.97 -12.59
N ILE B 160 10.82 40.92 -13.32
CA ILE B 160 11.73 40.24 -14.24
C ILE B 160 11.03 39.87 -15.54
N SER B 161 11.80 39.26 -16.43
CA SER B 161 11.36 38.70 -17.71
C SER B 161 12.11 37.38 -17.96
N GLY B 162 11.48 36.25 -17.61
CA GLY B 162 12.13 34.96 -17.81
C GLY B 162 12.45 34.68 -19.27
N ALA B 163 11.55 35.11 -20.18
CA ALA B 163 11.79 34.89 -21.59
C ALA B 163 13.05 35.61 -22.06
N HIS B 164 13.19 36.89 -21.69
CA HIS B 164 14.24 37.78 -22.19
C HIS B 164 15.43 37.98 -21.26
N GLY B 165 15.28 37.72 -19.99
CA GLY B 165 16.39 37.81 -19.06
C GLY B 165 16.40 39.05 -18.20
N ASP B 166 15.55 40.04 -18.51
CA ASP B 166 15.46 41.25 -17.71
C ASP B 166 15.36 40.88 -16.23
N GLY B 167 16.36 41.30 -15.47
CA GLY B 167 16.34 41.20 -14.02
C GLY B 167 16.62 39.83 -13.44
N VAL B 168 16.72 38.78 -14.26
CA VAL B 168 16.91 37.44 -13.74
C VAL B 168 18.24 37.31 -13.02
N TYR B 169 19.31 37.82 -13.63
CA TYR B 169 20.63 37.69 -13.02
C TYR B 169 20.64 38.27 -11.61
N TYR B 170 20.01 39.43 -11.45
CA TYR B 170 20.01 40.05 -10.13
C TYR B 170 19.14 39.28 -9.16
N LEU B 171 18.04 38.67 -9.64
CA LEU B 171 17.23 37.84 -8.77
C LEU B 171 18.06 36.72 -8.20
N ILE B 172 18.77 36.01 -9.07
CA ILE B 172 19.58 34.88 -8.63
C ILE B 172 20.66 35.31 -7.67
N GLU B 173 21.38 36.39 -7.99
CA GLU B 173 22.48 36.78 -7.12
C GLU B 173 21.98 37.17 -5.74
N GLU B 174 20.78 37.76 -5.66
CA GLU B 174 20.25 38.06 -4.34
C GLU B 174 19.87 36.80 -3.59
N ILE B 175 19.39 35.78 -4.31
CA ILE B 175 19.12 34.50 -3.67
C ILE B 175 20.42 33.87 -3.20
N LEU B 176 21.46 33.93 -4.03
CA LEU B 176 22.69 33.24 -3.71
C LEU B 176 23.57 33.97 -2.70
N GLU B 177 23.31 35.26 -2.39
CA GLU B 177 24.13 35.95 -1.40
C GLU B 177 23.94 35.39 0.00
N ASN B 178 22.96 34.52 0.20
CA ASN B 178 22.79 33.88 1.51
C ASN B 178 23.83 32.77 1.70
N PHE B 179 23.85 31.82 0.79
CA PHE B 179 24.65 30.61 0.98
C PHE B 179 26.10 30.84 0.55
N PRO B 180 27.08 30.69 1.44
CA PRO B 180 28.47 30.88 1.02
C PRO B 180 29.05 29.60 0.44
N GLU B 181 29.91 29.76 -0.57
CA GLU B 181 30.48 28.57 -1.20
C GLU B 181 31.79 28.18 -0.50
N ALA B 187 37.95 18.04 -3.28
CA ALA B 187 38.80 16.88 -2.96
C ALA B 187 38.18 15.56 -3.45
N ASP B 188 38.99 14.75 -4.12
CA ASP B 188 38.54 13.46 -4.64
C ASP B 188 38.73 12.37 -3.60
N ALA B 189 37.67 11.59 -3.35
CA ALA B 189 37.84 10.44 -2.47
C ALA B 189 38.70 9.39 -3.14
N LYS B 190 39.53 8.71 -2.36
CA LYS B 190 40.42 7.75 -2.99
C LYS B 190 39.70 6.43 -3.31
N HIS B 191 38.42 6.31 -2.97
CA HIS B 191 37.66 5.09 -3.09
C HIS B 191 36.24 5.44 -3.51
N PRO B 192 35.48 4.48 -4.06
CA PRO B 192 34.13 4.80 -4.52
C PRO B 192 33.21 5.20 -3.38
N VAL B 193 32.51 6.30 -3.57
CA VAL B 193 31.48 6.75 -2.63
C VAL B 193 30.18 6.74 -3.41
N PHE B 194 29.31 5.77 -3.14
CA PHE B 194 28.17 5.59 -4.01
C PHE B 194 26.86 5.86 -3.29
N ALA B 195 25.89 6.33 -4.08
CA ALA B 195 24.56 6.65 -3.63
C ALA B 195 23.60 5.70 -4.33
N VAL B 196 22.68 5.12 -3.57
CA VAL B 196 21.63 4.29 -4.15
C VAL B 196 20.46 5.22 -4.45
N ILE B 197 20.06 5.28 -5.72
CA ILE B 197 19.02 6.19 -6.16
C ILE B 197 17.99 5.42 -6.97
N GLY B 198 16.83 6.03 -7.13
CA GLY B 198 15.72 5.45 -7.89
C GLY B 198 14.38 5.90 -7.33
N ARG B 199 13.35 5.72 -8.15
CA ARG B 199 12.01 6.13 -7.75
C ARG B 199 11.52 5.38 -6.51
N PRO B 200 10.49 5.87 -5.85
CA PRO B 200 9.98 5.16 -4.66
C PRO B 200 9.61 3.72 -4.95
N ASN B 201 9.87 2.87 -3.97
CA ASN B 201 9.36 1.50 -3.86
C ASN B 201 10.08 0.52 -4.79
N VAL B 202 11.22 0.90 -5.36
CA VAL B 202 11.95 -0.02 -6.22
C VAL B 202 12.89 -0.94 -5.46
N GLY B 203 13.18 -0.64 -4.21
CA GLY B 203 13.97 -1.56 -3.43
C GLY B 203 15.28 -0.96 -2.95
N LYS B 204 15.40 0.37 -3.00
CA LYS B 204 16.63 1.01 -2.55
C LYS B 204 16.92 0.64 -1.10
N SER B 205 15.91 0.76 -0.25
CA SER B 205 16.09 0.45 1.17
C SER B 205 16.50 -1.00 1.38
N THR B 206 15.88 -1.92 0.65
CA THR B 206 16.27 -3.32 0.80
C THR B 206 17.69 -3.56 0.31
N LEU B 207 18.09 -2.90 -0.78
CA LEU B 207 19.43 -3.10 -1.30
C LEU B 207 20.48 -2.60 -0.32
N VAL B 208 20.21 -1.49 0.37
CA VAL B 208 21.18 -0.98 1.34
C VAL B 208 21.35 -1.97 2.49
N ASN B 209 20.24 -2.46 3.04
CA ASN B 209 20.32 -3.46 4.10
C ASN B 209 21.01 -4.71 3.60
N ALA B 210 20.68 -5.15 2.38
CA ALA B 210 21.34 -6.31 1.82
C ALA B 210 22.84 -6.06 1.70
N ILE B 211 23.23 -4.85 1.30
CA ILE B 211 24.65 -4.53 1.14
C ILE B 211 25.34 -4.53 2.49
N LEU B 212 24.78 -3.81 3.46
CA LEU B 212 25.42 -3.66 4.75
C LEU B 212 25.31 -4.91 5.60
N GLY B 213 24.39 -5.81 5.27
CA GLY B 213 24.22 -7.05 5.99
C GLY B 213 24.85 -8.24 5.31
N GLU B 214 25.57 -8.03 4.20
CA GLU B 214 26.20 -9.13 3.47
C GLU B 214 27.26 -9.79 4.35
N LYS B 215 27.57 -11.04 4.02
CA LYS B 215 28.38 -11.86 4.92
C LYS B 215 29.77 -11.28 5.15
N ARG B 216 30.41 -10.78 4.08
CA ARG B 216 31.80 -10.32 4.12
C ARG B 216 31.99 -8.83 4.47
N VAL B 217 30.92 -8.08 4.77
CA VAL B 217 31.00 -6.64 5.03
C VAL B 217 31.22 -6.37 6.51
N ILE B 218 31.96 -5.29 6.81
CA ILE B 218 32.14 -4.77 8.18
C ILE B 218 32.26 -3.25 8.15
N ALA B 219 31.40 -2.55 8.89
CA ALA B 219 31.41 -1.08 8.94
C ALA B 219 32.25 -0.54 10.09
N ILE B 230 25.74 11.49 7.37
CA ILE B 230 25.07 11.03 6.15
C ILE B 230 25.97 10.12 5.29
N HIS B 231 27.16 9.80 5.80
CA HIS B 231 28.09 8.88 5.17
C HIS B 231 28.22 7.61 6.01
N ILE B 232 28.19 6.45 5.37
CA ILE B 232 28.44 5.20 6.05
C ILE B 232 29.68 4.58 5.44
N ASP B 233 30.80 4.61 6.16
CA ASP B 233 32.01 3.98 5.67
C ASP B 233 31.98 2.51 6.00
N PHE B 234 32.37 1.67 5.03
CA PHE B 234 32.48 0.25 5.31
C PHE B 234 33.57 -0.34 4.44
N GLU B 235 33.90 -1.61 4.70
CA GLU B 235 34.89 -2.34 3.93
C GLU B 235 34.35 -3.72 3.59
N ARG B 236 34.70 -4.22 2.41
CA ARG B 236 34.25 -5.53 1.95
C ARG B 236 35.40 -6.21 1.21
N GLU B 237 35.72 -7.43 1.63
CA GLU B 237 36.83 -8.21 1.06
C GLU B 237 38.15 -7.43 1.10
N GLY B 238 38.30 -6.57 2.12
CA GLY B 238 39.49 -5.76 2.33
C GLY B 238 39.45 -4.36 1.73
N LYS B 239 38.65 -4.12 0.64
CA LYS B 239 38.66 -2.83 -0.02
C LYS B 239 37.66 -1.86 0.61
N PRO B 240 37.97 -0.56 0.63
CA PRO B 240 37.07 0.44 1.24
C PRO B 240 36.01 1.00 0.29
N PHE B 241 34.86 1.32 0.88
CA PHE B 241 33.70 1.91 0.19
C PHE B 241 32.99 2.89 1.13
N THR B 242 32.18 3.76 0.54
CA THR B 242 31.26 4.55 1.35
C THR B 242 29.91 4.62 0.65
N ILE B 243 28.86 4.30 1.38
CA ILE B 243 27.49 4.41 0.88
C ILE B 243 26.84 5.60 1.54
N ILE B 244 25.96 6.27 0.80
CA ILE B 244 25.35 7.51 1.25
C ILE B 244 23.88 7.28 1.59
N ASP B 245 23.50 7.60 2.82
CA ASP B 245 22.10 7.69 3.23
C ASP B 245 21.70 9.15 3.35
N THR B 246 20.87 9.64 2.42
CA THR B 246 20.19 10.92 2.64
C THR B 246 18.68 10.68 2.67
N PHE B 262 9.94 9.93 -0.23
CA PHE B 262 10.86 10.23 -1.33
C PHE B 262 10.98 11.72 -1.59
N SER B 263 12.21 12.18 -1.84
CA SER B 263 12.48 13.60 -2.05
C SER B 263 13.36 13.78 -3.27
N VAL B 264 12.85 14.48 -4.27
CA VAL B 264 13.71 14.89 -5.38
C VAL B 264 14.96 15.60 -4.86
N ILE B 265 14.79 16.54 -3.92
CA ILE B 265 15.95 17.28 -3.43
C ILE B 265 16.96 16.35 -2.77
N LYS B 266 16.46 15.37 -2.00
CA LYS B 266 17.37 14.44 -1.37
C LYS B 266 18.09 13.58 -2.42
N ALA B 267 17.43 13.28 -3.55
CA ALA B 267 18.08 12.49 -4.60
C ALA B 267 19.17 13.29 -5.30
N MET B 268 18.89 14.56 -5.61
CA MET B 268 19.92 15.41 -6.17
C MET B 268 21.09 15.56 -5.21
N GLN B 269 20.79 15.68 -3.93
CA GLN B 269 21.88 15.85 -2.99
C GLN B 269 22.69 14.56 -2.87
N ALA B 270 22.03 13.41 -2.96
CA ALA B 270 22.77 12.15 -2.95
C ALA B 270 23.71 12.08 -4.15
N VAL B 271 23.21 12.40 -5.33
CA VAL B 271 24.03 12.32 -6.53
C VAL B 271 25.24 13.25 -6.43
N GLU B 272 25.04 14.51 -6.01
CA GLU B 272 26.17 15.43 -6.01
C GLU B 272 27.22 15.03 -4.97
N ALA B 273 26.81 14.39 -3.89
CA ALA B 273 27.76 13.98 -2.86
C ALA B 273 28.55 12.73 -3.20
N ALA B 274 28.23 12.03 -4.29
CA ALA B 274 28.81 10.74 -4.56
C ALA B 274 29.81 10.87 -5.70
N ASN B 275 30.65 9.84 -5.87
CA ASN B 275 31.39 9.71 -7.12
C ASN B 275 30.89 8.53 -7.96
N VAL B 276 30.04 7.66 -7.41
CA VAL B 276 29.33 6.65 -8.18
C VAL B 276 27.88 6.62 -7.72
N ALA B 277 26.95 6.41 -8.64
CA ALA B 277 25.54 6.25 -8.28
C ALA B 277 25.07 4.89 -8.76
N VAL B 278 24.38 4.17 -7.89
CA VAL B 278 23.72 2.91 -8.24
C VAL B 278 22.26 3.24 -8.46
N LEU B 279 21.78 3.15 -9.72
CA LEU B 279 20.39 3.41 -10.03
C LEU B 279 19.60 2.11 -9.93
N VAL B 280 18.58 2.07 -9.06
CA VAL B 280 17.81 0.85 -8.85
C VAL B 280 16.50 0.94 -9.63
N LEU B 281 16.18 -0.09 -10.38
CA LEU B 281 14.96 -0.14 -11.15
C LEU B 281 14.11 -1.32 -10.69
N ASP B 282 12.79 -1.11 -10.72
CA ASP B 282 11.82 -2.18 -10.43
C ASP B 282 11.58 -2.93 -11.74
N ALA B 283 12.16 -4.12 -11.89
CA ALA B 283 11.99 -4.87 -13.14
C ALA B 283 10.57 -5.33 -13.34
N GLN B 284 9.75 -5.36 -12.29
CA GLN B 284 8.36 -5.80 -12.41
C GLN B 284 7.44 -4.70 -12.92
N GLN B 285 7.96 -3.55 -13.31
CA GLN B 285 7.13 -2.50 -13.89
C GLN B 285 7.79 -1.95 -15.14
N ASP B 286 6.99 -1.32 -15.99
CA ASP B 286 7.57 -0.61 -17.11
C ASP B 286 8.40 0.54 -16.56
N ILE B 287 9.46 0.89 -17.30
CA ILE B 287 10.25 2.06 -16.93
C ILE B 287 9.35 3.28 -16.95
N ALA B 288 9.40 4.08 -15.90
CA ALA B 288 8.51 5.23 -15.77
C ALA B 288 9.26 6.53 -16.03
N ASP B 289 8.49 7.59 -16.31
CA ASP B 289 9.08 8.93 -16.45
C ASP B 289 10.04 9.23 -15.29
N GLN B 290 9.65 8.85 -14.07
CA GLN B 290 10.49 9.20 -12.93
C GLN B 290 11.79 8.40 -12.93
N ASP B 291 11.73 7.13 -13.36
CA ASP B 291 12.97 6.39 -13.63
C ASP B 291 13.84 7.19 -14.58
N ALA B 292 13.23 7.73 -15.63
CA ALA B 292 14.02 8.38 -16.67
C ALA B 292 14.52 9.74 -16.21
N THR B 293 13.73 10.51 -15.45
CA THR B 293 14.23 11.83 -15.05
C THR B 293 15.33 11.71 -14.00
N ILE B 294 15.28 10.72 -13.10
CA ILE B 294 16.38 10.53 -12.17
C ILE B 294 17.67 10.17 -12.91
N ALA B 295 17.61 9.16 -13.78
CA ALA B 295 18.80 8.81 -14.55
C ALA B 295 19.29 10.01 -15.37
N GLY B 296 18.35 10.75 -15.96
CA GLY B 296 18.75 11.94 -16.70
C GLY B 296 19.54 12.91 -15.84
N PHE B 297 19.09 13.12 -14.59
CA PHE B 297 19.82 14.02 -13.70
C PHE B 297 21.21 13.49 -13.41
N ALA B 298 21.31 12.19 -13.11
CA ALA B 298 22.61 11.61 -12.85
C ALA B 298 23.55 11.83 -14.03
N LEU B 299 23.02 11.66 -15.25
CA LEU B 299 23.83 11.82 -16.45
C LEU B 299 24.27 13.28 -16.62
N GLU B 300 23.36 14.24 -16.42
CA GLU B 300 23.75 15.65 -16.53
C GLU B 300 24.84 15.99 -15.53
N ALA B 301 24.87 15.29 -14.40
CA ALA B 301 25.96 15.53 -13.48
C ALA B 301 27.25 14.86 -13.93
N GLY B 302 27.23 14.11 -15.02
CA GLY B 302 28.40 13.31 -15.35
C GLY B 302 28.71 12.24 -14.34
N ARG B 303 27.73 11.86 -13.53
CA ARG B 303 27.98 10.90 -12.46
C ARG B 303 28.22 9.51 -13.03
N ALA B 304 29.30 8.87 -12.60
CA ALA B 304 29.52 7.47 -12.93
C ALA B 304 28.32 6.65 -12.48
N LEU B 305 28.07 5.53 -13.15
CA LEU B 305 26.78 4.91 -12.98
C LEU B 305 26.90 3.39 -13.03
N VAL B 306 26.15 2.71 -12.17
CA VAL B 306 25.89 1.28 -12.27
C VAL B 306 24.38 1.11 -12.16
N VAL B 307 23.79 0.25 -12.99
CA VAL B 307 22.34 0.11 -13.01
C VAL B 307 21.97 -1.23 -12.37
N ALA B 308 21.15 -1.16 -11.32
CA ALA B 308 20.73 -2.36 -10.60
C ALA B 308 19.26 -2.58 -10.94
N VAL B 309 19.01 -3.50 -11.86
CA VAL B 309 17.66 -3.93 -12.19
C VAL B 309 17.23 -4.92 -11.10
N ASN B 310 16.29 -4.50 -10.26
CA ASN B 310 15.92 -5.23 -9.04
C ASN B 310 14.62 -5.99 -9.23
N LYS B 311 14.32 -6.85 -8.24
CA LYS B 311 13.12 -7.70 -8.23
C LYS B 311 13.10 -8.69 -9.40
N TRP B 312 14.29 -9.09 -9.85
CA TRP B 312 14.43 -10.03 -10.94
C TRP B 312 13.91 -11.41 -10.56
N ASP B 313 13.82 -11.69 -9.25
CA ASP B 313 13.34 -12.98 -8.78
C ASP B 313 11.90 -13.23 -9.19
N GLY B 314 11.12 -12.16 -9.39
CA GLY B 314 9.73 -12.30 -9.77
C GLY B 314 9.52 -12.61 -11.23
N ILE B 315 10.49 -12.27 -12.08
CA ILE B 315 10.33 -12.41 -13.53
C ILE B 315 10.50 -13.87 -13.90
N SER B 316 9.51 -14.43 -14.58
CA SER B 316 9.65 -15.74 -15.17
C SER B 316 10.61 -15.67 -16.35
N GLU B 317 11.11 -16.84 -16.76
CA GLU B 317 12.18 -16.86 -17.76
C GLU B 317 11.72 -16.29 -19.10
N GLU B 318 10.53 -16.70 -19.56
CA GLU B 318 9.98 -16.18 -20.81
C GLU B 318 9.94 -14.65 -20.83
N ARG B 319 9.42 -14.04 -19.76
CA ARG B 319 9.32 -12.58 -19.70
C ARG B 319 10.68 -11.91 -19.49
N ARG B 320 11.74 -12.67 -19.23
CA ARG B 320 12.99 -12.03 -18.83
C ARG B 320 13.65 -11.31 -20.00
N GLU B 321 13.65 -11.92 -21.19
CA GLU B 321 14.19 -11.23 -22.36
C GLU B 321 13.28 -10.08 -22.78
N GLN B 322 11.97 -10.26 -22.64
CA GLN B 322 11.02 -9.16 -22.83
C GLN B 322 11.33 -7.95 -21.94
N VAL B 323 11.99 -8.16 -20.81
CA VAL B 323 12.27 -7.06 -19.89
C VAL B 323 13.62 -6.41 -20.18
N LYS B 324 14.66 -7.19 -20.46
CA LYS B 324 15.92 -6.61 -20.91
C LYS B 324 15.71 -5.82 -22.20
N ARG B 325 14.88 -6.34 -23.11
CA ARG B 325 14.52 -5.62 -24.32
CA ARG B 325 14.54 -5.60 -24.32
C ARG B 325 13.93 -4.25 -23.99
N ASP B 326 12.80 -4.25 -23.26
CA ASP B 326 12.08 -3.03 -22.85
C ASP B 326 13.01 -2.03 -22.15
N ILE B 327 13.90 -2.52 -21.28
CA ILE B 327 14.71 -1.60 -20.50
C ILE B 327 15.81 -1.02 -21.35
N SER B 328 16.42 -1.82 -22.21
CA SER B 328 17.46 -1.28 -23.06
C SER B 328 16.87 -0.28 -24.08
N ARG B 329 15.62 -0.48 -24.48
CA ARG B 329 15.01 0.43 -25.43
C ARG B 329 14.70 1.78 -24.77
N LYS B 330 14.31 1.75 -23.51
CA LYS B 330 13.79 2.94 -22.85
C LYS B 330 14.83 3.69 -22.05
N LEU B 331 15.95 3.07 -21.73
CA LEU B 331 17.06 3.77 -21.09
C LEU B 331 18.28 3.72 -22.00
N TYR B 332 18.07 3.99 -23.30
CA TYR B 332 19.15 3.95 -24.28
C TYR B 332 20.33 4.83 -23.88
N PHE B 333 20.06 6.01 -23.34
CA PHE B 333 21.14 6.93 -22.99
C PHE B 333 21.98 6.43 -21.83
N LEU B 334 21.67 5.26 -21.28
CA LEU B 334 22.50 4.71 -20.23
C LEU B 334 23.38 3.57 -20.74
N ASP B 335 23.54 3.45 -22.06
CA ASP B 335 24.32 2.34 -22.60
C ASP B 335 25.78 2.36 -22.18
N PHE B 336 26.23 3.42 -21.53
CA PHE B 336 27.59 3.44 -21.01
C PHE B 336 27.72 2.70 -19.68
N ALA B 337 26.63 2.20 -19.09
CA ALA B 337 26.67 1.61 -17.77
C ALA B 337 26.46 0.10 -17.82
N LYS B 338 27.09 -0.60 -16.89
CA LYS B 338 26.83 -2.01 -16.72
C LYS B 338 25.45 -2.18 -16.12
N PHE B 339 24.71 -3.15 -16.62
CA PHE B 339 23.40 -3.46 -16.06
C PHE B 339 23.52 -4.76 -15.28
N HIS B 340 23.13 -4.73 -14.02
CA HIS B 340 23.01 -5.92 -13.18
C HIS B 340 21.53 -6.25 -12.97
N PHE B 341 21.25 -7.56 -12.87
CA PHE B 341 19.90 -8.08 -12.66
C PHE B 341 19.94 -8.85 -11.35
N ILE B 342 19.35 -8.25 -10.31
CA ILE B 342 19.59 -8.66 -8.93
C ILE B 342 18.25 -8.86 -8.22
N SER B 343 18.32 -9.46 -7.04
CA SER B 343 17.19 -9.50 -6.12
C SER B 343 17.69 -9.09 -4.74
N ALA B 344 17.40 -7.84 -4.34
CA ALA B 344 17.79 -7.38 -3.01
C ALA B 344 17.15 -8.23 -1.92
N LEU B 345 15.90 -8.63 -2.13
CA LEU B 345 15.18 -9.42 -1.14
C LEU B 345 15.87 -10.76 -0.89
N LYS B 346 16.04 -11.56 -1.95
CA LYS B 346 16.71 -12.85 -1.85
C LYS B 346 18.23 -12.73 -1.87
N GLU B 347 18.76 -11.50 -1.94
CA GLU B 347 20.19 -11.24 -1.79
C GLU B 347 21.02 -12.00 -2.83
N ARG B 348 20.54 -12.01 -4.06
CA ARG B 348 21.22 -12.66 -5.17
C ARG B 348 21.71 -11.58 -6.11
N GLY B 349 22.91 -11.76 -6.65
CA GLY B 349 23.49 -10.77 -7.52
C GLY B 349 24.11 -9.61 -6.80
N ILE B 350 24.04 -9.58 -5.46
CA ILE B 350 24.63 -8.48 -4.70
C ILE B 350 26.15 -8.54 -4.78
N ASP B 351 26.72 -9.74 -4.87
CA ASP B 351 28.17 -9.87 -4.92
C ASP B 351 28.75 -9.14 -6.13
N GLY B 352 28.14 -9.33 -7.30
CA GLY B 352 28.65 -8.73 -8.52
C GLY B 352 28.55 -7.22 -8.59
N LEU B 353 27.67 -6.62 -7.76
CA LEU B 353 27.54 -5.16 -7.73
C LEU B 353 28.84 -4.49 -7.34
N PHE B 354 29.54 -5.05 -6.36
CA PHE B 354 30.69 -4.35 -5.81
C PHE B 354 31.80 -4.23 -6.84
N GLU B 355 32.00 -5.25 -7.67
CA GLU B 355 32.95 -5.10 -8.76
C GLU B 355 32.56 -3.94 -9.67
N SER B 356 31.29 -3.87 -10.10
CA SER B 356 30.92 -2.84 -11.06
C SER B 356 31.01 -1.45 -10.45
N ILE B 357 30.70 -1.31 -9.17
CA ILE B 357 30.83 0.00 -8.53
C ILE B 357 32.29 0.44 -8.57
N GLN B 358 33.21 -0.45 -8.22
CA GLN B 358 34.63 -0.12 -8.27
C GLN B 358 35.07 0.21 -9.69
N ALA B 359 34.65 -0.58 -10.68
CA ALA B 359 35.09 -0.31 -12.04
C ALA B 359 34.64 1.08 -12.49
N ALA B 360 33.40 1.45 -12.17
CA ALA B 360 32.87 2.75 -12.57
C ALA B 360 33.68 3.89 -11.95
N TYR B 361 34.05 3.73 -10.68
CA TYR B 361 34.87 4.75 -10.04
C TYR B 361 36.22 4.89 -10.75
N ASN B 362 36.93 3.77 -10.94
CA ASN B 362 38.22 3.82 -11.63
C ASN B 362 38.06 4.47 -12.99
N ALA B 363 37.02 4.06 -13.73
CA ALA B 363 36.78 4.66 -15.03
C ALA B 363 36.60 6.16 -14.90
N ALA B 364 35.81 6.60 -13.91
CA ALA B 364 35.52 8.02 -13.75
C ALA B 364 36.80 8.82 -13.46
N MET B 365 37.73 8.24 -12.72
CA MET B 365 38.88 8.98 -12.24
C MET B 365 40.09 8.83 -13.15
N ILE B 366 39.92 8.30 -14.37
CA ILE B 366 41.07 7.94 -15.18
C ILE B 366 41.84 9.18 -15.62
N LYS B 367 43.16 9.03 -15.75
CA LYS B 367 44.05 10.03 -16.34
C LYS B 367 44.76 9.41 -17.54
N MET B 368 44.41 9.88 -18.74
CA MET B 368 44.86 9.27 -20.01
C MET B 368 45.95 10.12 -20.67
N PRO B 369 47.13 9.57 -20.92
CA PRO B 369 48.19 10.37 -21.54
C PRO B 369 47.85 10.71 -22.99
N THR B 370 48.04 11.99 -23.34
CA THR B 370 47.76 12.46 -24.69
C THR B 370 48.31 11.56 -25.77
N PRO B 371 49.53 11.03 -25.68
CA PRO B 371 50.00 10.15 -26.77
C PRO B 371 49.17 8.88 -26.94
N LYS B 372 48.74 8.25 -25.85
CA LYS B 372 47.91 7.06 -25.97
C LYS B 372 46.57 7.40 -26.61
N ILE B 373 45.93 8.47 -26.16
CA ILE B 373 44.68 8.87 -26.77
C ILE B 373 44.85 9.08 -28.27
N THR B 374 45.84 9.89 -28.65
CA THR B 374 46.05 10.17 -30.07
C THR B 374 46.27 8.89 -30.85
N ARG B 375 46.99 7.93 -30.25
CA ARG B 375 47.24 6.66 -30.92
C ARG B 375 45.94 5.93 -31.22
N VAL B 376 45.07 5.82 -30.23
CA VAL B 376 43.80 5.13 -30.44
C VAL B 376 42.95 5.87 -31.46
N LEU B 377 42.97 7.20 -31.42
CA LEU B 377 42.21 7.98 -32.40
C LEU B 377 42.70 7.71 -33.83
N GLN B 378 44.02 7.76 -34.05
CA GLN B 378 44.51 7.56 -35.41
C GLN B 378 44.26 6.14 -35.91
N THR B 379 44.25 5.17 -34.99
CA THR B 379 43.97 3.79 -35.38
C THR B 379 42.51 3.62 -35.79
N ALA B 380 41.59 4.14 -34.97
CA ALA B 380 40.17 4.08 -35.27
C ALA B 380 39.84 4.76 -36.59
N VAL B 381 40.46 5.91 -36.85
CA VAL B 381 40.21 6.63 -38.09
C VAL B 381 40.75 5.85 -39.28
N GLY B 382 41.90 5.20 -39.12
CA GLY B 382 42.43 4.42 -40.21
C GLY B 382 41.52 3.26 -40.58
N ARG B 383 40.85 2.68 -39.58
CA ARG B 383 39.97 1.55 -39.83
C ARG B 383 38.64 2.00 -40.45
N GLN B 384 38.13 3.16 -40.03
CA GLN B 384 36.89 3.70 -40.59
C GLN B 384 37.01 5.22 -40.61
N GLN B 385 37.24 5.77 -41.80
CA GLN B 385 37.41 7.21 -41.98
C GLN B 385 36.08 7.92 -41.71
N PRO B 386 36.11 9.17 -41.27
CA PRO B 386 34.86 9.94 -41.19
C PRO B 386 34.29 10.16 -42.58
N PRO B 387 32.96 10.24 -42.70
CA PRO B 387 32.32 10.31 -44.03
C PRO B 387 32.51 11.61 -44.81
N LEU B 391 31.04 18.10 -50.38
CA LEU B 391 31.77 16.97 -49.84
C LEU B 391 33.18 17.38 -49.39
N VAL B 392 33.30 17.72 -48.10
CA VAL B 392 34.56 18.03 -47.46
C VAL B 392 34.94 16.85 -46.58
N ARG B 393 36.24 16.51 -46.55
CA ARG B 393 36.70 15.32 -45.85
C ARG B 393 37.37 15.72 -44.53
N PRO B 394 36.72 15.50 -43.38
CA PRO B 394 37.32 15.93 -42.12
C PRO B 394 38.60 15.15 -41.81
N LYS B 395 39.53 15.82 -41.14
CA LYS B 395 40.79 15.22 -40.76
C LYS B 395 40.94 15.31 -39.24
N MET B 396 41.11 14.16 -38.61
CA MET B 396 41.29 14.09 -37.17
C MET B 396 42.72 13.63 -36.89
N ARG B 397 43.52 14.51 -36.27
CA ARG B 397 44.97 14.29 -36.19
C ARG B 397 45.45 13.93 -34.80
N TYR B 398 44.96 14.57 -33.74
CA TYR B 398 45.42 14.20 -32.40
C TYR B 398 44.30 14.47 -31.41
N ALA B 399 44.50 14.05 -30.17
CA ALA B 399 43.48 14.18 -29.14
C ALA B 399 44.11 14.13 -27.76
N HIS B 400 43.46 14.79 -26.80
CA HIS B 400 43.96 14.85 -25.43
C HIS B 400 42.78 14.90 -24.49
N GLN B 401 43.04 14.62 -23.21
CA GLN B 401 41.98 14.59 -22.21
C GLN B 401 41.70 16.00 -21.73
N GLY B 402 40.46 16.45 -21.84
CA GLY B 402 40.13 17.80 -21.44
C GLY B 402 39.20 17.88 -20.26
N GLY B 403 39.06 16.80 -19.52
CA GLY B 403 38.18 16.81 -18.36
C GLY B 403 38.29 15.49 -17.63
N MET B 404 37.80 15.50 -16.39
CA MET B 404 37.90 14.32 -15.55
C MET B 404 36.59 14.14 -14.79
N ASN B 405 36.23 12.87 -14.57
CA ASN B 405 35.04 12.52 -13.79
C ASN B 405 33.86 13.39 -14.19
N PRO B 406 33.29 13.21 -15.39
CA PRO B 406 33.65 12.25 -16.43
C PRO B 406 34.84 12.66 -17.31
N PRO B 407 35.52 11.67 -17.89
CA PRO B 407 36.57 11.98 -18.86
C PRO B 407 36.01 12.63 -20.11
N VAL B 408 36.69 13.66 -20.57
CA VAL B 408 36.36 14.34 -21.81
C VAL B 408 37.58 14.32 -22.72
N ILE B 409 37.37 13.89 -23.96
CA ILE B 409 38.42 13.80 -24.97
C ILE B 409 38.16 14.87 -26.01
N VAL B 410 39.17 15.67 -26.30
CA VAL B 410 39.08 16.76 -27.27
C VAL B 410 39.84 16.33 -28.51
N VAL B 411 39.16 16.32 -29.65
CA VAL B 411 39.75 15.90 -30.92
C VAL B 411 40.10 17.13 -31.74
N HIS B 412 41.33 17.18 -32.24
CA HIS B 412 41.86 18.32 -32.97
C HIS B 412 42.07 17.94 -34.44
N GLY B 413 41.76 18.88 -35.34
CA GLY B 413 41.99 18.64 -36.75
C GLY B 413 41.35 19.74 -37.59
N ASN B 414 41.10 19.41 -38.86
CA ASN B 414 40.50 20.33 -39.81
C ASN B 414 39.08 19.87 -40.16
N SER B 415 38.22 20.85 -40.46
CA SER B 415 36.86 20.60 -40.93
C SER B 415 36.09 19.71 -39.95
N LEU B 416 36.19 20.07 -38.67
CA LEU B 416 35.54 19.33 -37.60
C LEU B 416 34.22 19.97 -37.20
N HIS B 417 33.58 20.72 -38.10
CA HIS B 417 32.39 21.49 -37.71
C HIS B 417 31.08 20.73 -37.90
N ALA B 418 31.05 19.70 -38.74
CA ALA B 418 29.84 18.91 -38.97
C ALA B 418 30.20 17.41 -38.95
N ILE B 419 30.46 16.90 -37.75
CA ILE B 419 30.74 15.49 -37.55
C ILE B 419 29.43 14.84 -37.14
N SER B 420 29.04 13.78 -37.83
CA SER B 420 27.75 13.17 -37.55
C SER B 420 27.69 12.64 -36.13
N ASP B 421 26.48 12.57 -35.59
CA ASP B 421 26.29 11.98 -34.26
C ASP B 421 26.68 10.51 -34.27
N SER B 422 26.44 9.81 -35.39
CA SER B 422 26.70 8.38 -35.47
C SER B 422 28.19 8.05 -35.46
N TYR B 423 29.01 8.92 -36.07
CA TYR B 423 30.44 8.69 -36.06
C TYR B 423 31.03 8.95 -34.67
N THR B 424 30.61 10.03 -34.02
CA THR B 424 31.02 10.29 -32.65
C THR B 424 30.71 9.10 -31.75
N ARG B 425 29.61 8.39 -32.03
CA ARG B 425 29.29 7.18 -31.29
C ARG B 425 30.33 6.08 -31.56
N TYR B 426 30.76 5.92 -32.82
CA TYR B 426 31.82 4.95 -33.10
C TYR B 426 33.11 5.29 -32.37
N LEU B 427 33.50 6.57 -32.35
CA LEU B 427 34.70 6.94 -31.60
C LEU B 427 34.50 6.73 -30.10
N THR B 428 33.34 7.12 -29.57
CA THR B 428 33.08 6.94 -28.13
C THR B 428 33.16 5.49 -27.73
N GLN B 429 32.52 4.59 -28.49
CA GLN B 429 32.63 3.16 -28.19
C GLN B 429 34.07 2.70 -28.32
N THR B 430 34.77 3.15 -29.37
CA THR B 430 36.16 2.75 -29.55
C THR B 430 37.02 3.14 -28.36
N PHE B 431 36.94 4.40 -27.93
CA PHE B 431 37.68 4.82 -26.75
C PHE B 431 37.24 4.04 -25.51
N ARG B 432 35.94 3.74 -25.41
CA ARG B 432 35.41 3.03 -24.25
C ARG B 432 36.01 1.63 -24.16
N LYS B 433 36.05 0.89 -25.27
CA LYS B 433 36.70 -0.41 -25.25
C LYS B 433 38.18 -0.27 -24.92
N ALA B 434 38.86 0.72 -25.52
CA ALA B 434 40.32 0.77 -25.43
C ALA B 434 40.80 1.12 -24.03
N PHE B 435 40.04 1.93 -23.29
CA PHE B 435 40.44 2.38 -21.97
C PHE B 435 39.55 1.81 -20.85
N ASN B 436 38.70 0.84 -21.14
CA ASN B 436 37.85 0.20 -20.14
C ASN B 436 36.99 1.23 -19.39
N LEU B 437 36.32 2.07 -20.14
CA LEU B 437 35.64 3.22 -19.57
C LEU B 437 34.16 2.96 -19.29
N GLN B 438 33.73 1.70 -19.30
CA GLN B 438 32.36 1.42 -18.93
C GLN B 438 32.10 1.95 -17.53
N GLY B 439 30.96 2.60 -17.36
CA GLY B 439 30.57 3.15 -16.08
C GLY B 439 30.71 4.65 -15.97
N THR B 440 31.37 5.31 -16.91
CA THR B 440 31.46 6.75 -16.82
C THR B 440 30.95 7.41 -18.09
N PRO B 441 30.21 8.47 -17.99
CA PRO B 441 29.63 9.03 -19.22
C PRO B 441 30.65 9.80 -20.05
N LEU B 442 31.65 9.06 -20.55
CA LEU B 442 32.70 9.58 -21.43
C LEU B 442 32.12 10.39 -22.59
N ARG B 443 32.74 11.52 -22.87
CA ARG B 443 32.23 12.45 -23.86
C ARG B 443 33.35 12.90 -24.80
N ILE B 444 33.01 13.00 -26.09
CA ILE B 444 33.91 13.48 -27.14
C ILE B 444 33.56 14.92 -27.49
N GLN B 445 34.59 15.73 -27.72
CA GLN B 445 34.42 17.13 -28.03
C GLN B 445 35.41 17.50 -29.14
N TYR B 446 34.98 18.32 -30.10
CA TYR B 446 35.81 18.71 -31.23
C TYR B 446 36.18 20.18 -31.13
N ASN B 447 37.47 20.48 -31.27
CA ASN B 447 37.98 21.86 -31.25
C ASN B 447 37.86 22.42 -32.65
N VAL B 448 37.00 23.43 -32.82
CA VAL B 448 36.70 23.98 -34.15
C VAL B 448 37.24 25.41 -34.36
N MET C 17 -31.82 -10.28 2.26
CA MET C 17 -30.81 -9.98 3.26
C MET C 17 -31.39 -9.13 4.41
N LYS C 18 -30.98 -9.47 5.66
CA LYS C 18 -31.44 -8.77 6.85
C LYS C 18 -30.54 -7.56 7.15
N PRO C 19 -31.05 -6.57 7.88
CA PRO C 19 -30.36 -5.28 7.98
C PRO C 19 -29.16 -5.30 8.91
N THR C 20 -28.22 -4.42 8.62
CA THR C 20 -27.04 -4.24 9.45
C THR C 20 -27.06 -2.85 10.06
N ILE C 21 -26.89 -2.79 11.37
CA ILE C 21 -26.85 -1.53 12.11
C ILE C 21 -25.43 -1.31 12.57
N ALA C 22 -24.88 -0.15 12.28
CA ALA C 22 -23.50 0.19 12.65
C ALA C 22 -23.55 1.20 13.80
N LEU C 23 -22.92 0.85 14.92
CA LEU C 23 -22.79 1.76 16.04
C LEU C 23 -21.56 2.64 15.82
N ILE C 24 -21.74 3.95 15.97
CA ILE C 24 -20.71 4.95 15.71
C ILE C 24 -20.73 5.94 16.87
N GLY C 25 -19.54 6.34 17.32
CA GLY C 25 -19.46 7.37 18.34
C GLY C 25 -18.06 7.48 18.92
N ARG C 26 -17.83 8.61 19.63
CA ARG C 26 -16.58 8.87 20.35
C ARG C 26 -16.19 7.72 21.23
N PRO C 27 -14.91 7.57 21.56
CA PRO C 27 -14.54 6.60 22.58
C PRO C 27 -15.17 6.96 23.93
N ASN C 28 -15.60 5.93 24.64
CA ASN C 28 -16.13 5.98 26.00
C ASN C 28 -17.59 6.42 26.07
N VAL C 29 -18.36 6.36 24.97
CA VAL C 29 -19.75 6.77 25.03
C VAL C 29 -20.71 5.62 25.26
N GLY C 30 -20.25 4.37 25.14
CA GLY C 30 -21.10 3.27 25.52
C GLY C 30 -21.39 2.30 24.40
N LYS C 31 -20.55 2.31 23.36
CA LYS C 31 -20.84 1.48 22.19
C LYS C 31 -20.80 0.00 22.54
N SER C 32 -19.65 -0.50 23.01
CA SER C 32 -19.56 -1.92 23.31
C SER C 32 -20.58 -2.32 24.37
N THR C 33 -20.83 -1.44 25.33
CA THR C 33 -21.86 -1.70 26.32
C THR C 33 -23.21 -1.89 25.63
N LEU C 34 -23.53 -1.00 24.68
CA LEU C 34 -24.77 -1.15 23.93
C LEU C 34 -24.75 -2.44 23.11
N PHE C 35 -23.65 -2.67 22.39
CA PHE C 35 -23.52 -3.84 21.53
C PHE C 35 -23.75 -5.12 22.31
N ASN C 36 -23.19 -5.20 23.52
CA ASN C 36 -23.40 -6.38 24.33
C ASN C 36 -24.86 -6.53 24.68
N ARG C 37 -25.55 -5.41 24.99
CA ARG C 37 -26.98 -5.51 25.25
C ARG C 37 -27.70 -6.07 24.04
N LEU C 38 -27.35 -5.58 22.85
CA LEU C 38 -28.07 -5.91 21.64
C LEU C 38 -27.79 -7.33 21.17
N THR C 39 -26.63 -7.88 21.49
CA THR C 39 -26.28 -9.22 21.03
C THR C 39 -26.22 -10.25 22.17
N ARG C 40 -26.68 -9.91 23.37
CA ARG C 40 -26.58 -10.82 24.52
C ARG C 40 -27.52 -12.00 24.37
N ASP C 48 -16.36 -21.26 25.04
CA ASP C 48 -15.16 -20.52 25.47
C ASP C 48 -14.59 -21.10 26.77
N LEU C 49 -13.33 -20.75 27.04
CA LEU C 49 -12.47 -21.30 28.08
C LEU C 49 -12.53 -20.47 29.35
N PRO C 50 -12.01 -20.99 30.47
CA PRO C 50 -12.09 -20.24 31.73
C PRO C 50 -11.16 -19.04 31.74
N GLY C 51 -11.65 -17.92 32.27
CA GLY C 51 -10.84 -16.73 32.38
C GLY C 51 -10.78 -15.87 31.14
N LEU C 52 -11.28 -16.35 30.01
CA LEU C 52 -11.21 -15.62 28.76
C LEU C 52 -12.60 -15.15 28.39
N THR C 53 -12.64 -14.07 27.64
CA THR C 53 -13.87 -13.55 27.09
C THR C 53 -13.61 -13.24 25.63
N ARG C 54 -14.50 -13.69 24.76
CA ARG C 54 -14.27 -13.60 23.32
C ARG C 54 -14.63 -12.22 22.80
N ASP C 55 -13.68 -11.57 22.13
CA ASP C 55 -13.91 -10.23 21.60
C ASP C 55 -14.92 -10.30 20.46
N ARG C 56 -15.90 -9.40 20.48
CA ARG C 56 -16.90 -9.32 19.43
C ARG C 56 -17.16 -7.86 19.13
N HIS C 57 -16.96 -7.44 17.90
CA HIS C 57 -17.46 -6.14 17.51
C HIS C 57 -18.48 -6.23 16.38
N TYR C 58 -18.90 -7.44 16.01
CA TYR C 58 -20.06 -7.60 15.13
C TYR C 58 -20.75 -8.91 15.47
N GLY C 59 -22.07 -8.90 15.37
CA GLY C 59 -22.83 -10.11 15.67
C GLY C 59 -24.28 -9.96 15.28
N HIS C 60 -25.07 -10.94 15.71
CA HIS C 60 -26.50 -10.99 15.42
C HIS C 60 -27.29 -10.21 16.45
N GLY C 61 -28.14 -9.32 15.98
CA GLY C 61 -29.00 -8.61 16.91
C GLY C 61 -30.03 -9.58 17.48
N LYS C 62 -30.15 -9.57 18.79
CA LYS C 62 -31.10 -10.42 19.48
C LYS C 62 -32.23 -9.62 20.12
N VAL C 63 -32.03 -8.33 20.33
CA VAL C 63 -33.06 -7.45 20.88
C VAL C 63 -33.91 -6.92 19.73
N GLY C 64 -35.19 -7.26 19.73
CA GLY C 64 -36.11 -6.80 18.72
C GLY C 64 -36.88 -7.95 18.09
N SER C 65 -37.91 -7.57 17.33
CA SER C 65 -38.79 -8.58 16.74
C SER C 65 -38.24 -9.12 15.42
N LYS C 66 -37.38 -8.37 14.73
CA LYS C 66 -36.78 -8.75 13.47
C LYS C 66 -35.31 -9.11 13.69
N PRO C 67 -34.74 -9.93 12.83
CA PRO C 67 -33.29 -10.16 12.88
C PRO C 67 -32.53 -9.03 12.22
N TYR C 68 -31.28 -8.88 12.63
CA TYR C 68 -30.41 -7.85 12.08
C TYR C 68 -29.00 -8.09 12.60
N PHE C 69 -28.03 -7.54 11.89
CA PHE C 69 -26.65 -7.60 12.33
C PHE C 69 -26.28 -6.29 13.00
N VAL C 70 -25.33 -6.36 13.91
CA VAL C 70 -24.85 -5.16 14.59
C VAL C 70 -23.35 -5.10 14.44
N ILE C 71 -22.83 -3.92 14.14
CA ILE C 71 -21.40 -3.67 14.10
C ILE C 71 -21.10 -2.60 15.12
N ASP C 72 -20.17 -2.87 16.02
CA ASP C 72 -19.63 -1.83 16.89
C ASP C 72 -18.35 -1.34 16.24
N THR C 73 -18.40 -0.16 15.60
CA THR C 73 -17.19 0.30 14.93
C THR C 73 -16.10 0.68 15.91
N GLY C 74 -16.39 0.70 17.21
CA GLY C 74 -15.30 0.85 18.17
C GLY C 74 -14.26 -0.24 18.08
N GLY C 75 -14.61 -1.41 17.56
CA GLY C 75 -13.67 -2.51 17.37
C GLY C 75 -12.72 -2.34 16.22
N PHE C 76 -12.80 -1.26 15.44
CA PHE C 76 -11.86 -1.05 14.36
C PHE C 76 -10.68 -0.18 14.78
N GLU C 77 -10.94 0.84 15.60
CA GLU C 77 -9.99 1.93 15.83
C GLU C 77 -8.74 1.49 16.60
N HIS C 86 -8.93 13.32 16.51
CA HIS C 86 -8.93 12.10 15.71
C HIS C 86 -10.06 12.09 14.65
N GLU C 87 -9.71 11.73 13.42
CA GLU C 87 -10.68 11.51 12.36
C GLU C 87 -11.21 10.08 12.45
N MET C 88 -12.28 9.79 11.71
CA MET C 88 -12.83 8.44 11.75
C MET C 88 -11.85 7.46 11.12
N ALA C 89 -12.20 6.19 11.10
CA ALA C 89 -11.29 5.16 10.63
C ALA C 89 -11.77 4.64 9.27
N LYS C 90 -10.82 4.11 8.50
CA LYS C 90 -11.17 3.65 7.16
C LYS C 90 -12.34 2.69 7.24
N GLN C 91 -12.22 1.66 8.08
CA GLN C 91 -13.32 0.70 8.19
C GLN C 91 -14.57 1.35 8.78
N THR C 92 -14.42 2.38 9.60
CA THR C 92 -15.60 3.03 10.16
C THR C 92 -16.39 3.76 9.09
N LEU C 93 -15.71 4.48 8.20
CA LEU C 93 -16.42 5.16 7.12
C LEU C 93 -17.06 4.14 6.17
N GLN C 94 -16.36 3.03 5.91
CA GLN C 94 -16.94 1.95 5.12
C GLN C 94 -18.21 1.44 5.77
N ALA C 95 -18.22 1.28 7.09
CA ALA C 95 -19.42 0.81 7.78
C ALA C 95 -20.58 1.75 7.53
N VAL C 96 -20.32 3.06 7.49
CA VAL C 96 -21.37 4.02 7.22
C VAL C 96 -21.93 3.83 5.82
N ASP C 97 -21.06 3.60 4.84
CA ASP C 97 -21.50 3.43 3.46
C ASP C 97 -22.30 2.15 3.30
N GLU C 98 -21.92 1.11 4.04
CA GLU C 98 -22.45 -0.23 3.81
C GLU C 98 -23.55 -0.65 4.75
N ALA C 99 -23.62 -0.10 5.96
CA ALA C 99 -24.70 -0.47 6.86
C ALA C 99 -26.03 0.05 6.34
N ASP C 100 -27.09 -0.63 6.71
CA ASP C 100 -28.42 -0.17 6.38
C ASP C 100 -28.83 0.99 7.25
N ALA C 101 -28.19 1.16 8.40
CA ALA C 101 -28.46 2.28 9.29
C ALA C 101 -27.31 2.41 10.26
N VAL C 102 -27.13 3.63 10.77
CA VAL C 102 -26.10 3.98 11.73
C VAL C 102 -26.76 4.50 12.98
N VAL C 103 -26.28 4.07 14.15
CA VAL C 103 -26.63 4.71 15.41
C VAL C 103 -25.42 5.51 15.86
N PHE C 104 -25.61 6.80 16.02
CA PHE C 104 -24.55 7.71 16.45
C PHE C 104 -24.75 7.91 17.94
N LEU C 105 -23.84 7.35 18.73
CA LEU C 105 -23.97 7.36 20.18
C LEU C 105 -23.19 8.53 20.77
N VAL C 106 -23.85 9.32 21.64
CA VAL C 106 -23.21 10.45 22.31
C VAL C 106 -23.51 10.42 23.80
N ASP C 107 -22.63 11.06 24.57
CA ASP C 107 -22.67 11.02 26.03
C ASP C 107 -23.52 12.18 26.51
N GLY C 108 -24.75 11.88 26.94
CA GLY C 108 -25.69 12.93 27.28
C GLY C 108 -25.38 13.63 28.58
N ARG C 109 -24.64 12.98 29.47
CA ARG C 109 -24.30 13.56 30.76
C ARG C 109 -23.28 14.67 30.62
N THR C 110 -22.33 14.48 29.69
CA THR C 110 -21.20 15.40 29.54
C THR C 110 -21.64 16.77 29.05
N GLY C 111 -22.39 16.80 27.95
CA GLY C 111 -22.49 17.98 27.13
C GLY C 111 -21.98 17.59 25.75
N LEU C 112 -21.56 18.57 24.95
CA LEU C 112 -21.23 18.34 23.54
C LEU C 112 -19.75 18.57 23.29
N THR C 113 -19.02 17.50 22.95
CA THR C 113 -17.63 17.66 22.62
C THR C 113 -17.51 18.09 21.15
N PRO C 114 -16.47 18.84 20.79
CA PRO C 114 -16.28 19.18 19.37
C PRO C 114 -16.03 17.98 18.48
N GLN C 115 -15.44 16.89 19.01
CA GLN C 115 -15.33 15.68 18.19
C GLN C 115 -16.70 15.22 17.72
N ASP C 116 -17.70 15.26 18.60
CA ASP C 116 -19.06 14.87 18.24
C ASP C 116 -19.60 15.69 17.06
N LYS C 117 -19.29 16.99 17.03
CA LYS C 117 -19.83 17.84 15.97
C LYS C 117 -19.20 17.51 14.61
N ILE C 118 -17.93 17.10 14.61
CA ILE C 118 -17.29 16.69 13.36
C ILE C 118 -17.95 15.44 12.80
N ILE C 119 -18.11 14.42 13.66
CA ILE C 119 -18.73 13.16 13.25
C ILE C 119 -20.12 13.41 12.71
N ALA C 120 -20.88 14.27 13.37
CA ALA C 120 -22.23 14.57 12.90
C ALA C 120 -22.22 15.20 11.51
N ASP C 121 -21.18 15.97 11.19
CA ASP C 121 -21.12 16.61 9.88
C ASP C 121 -20.99 15.59 8.76
N ARG C 122 -20.23 14.52 8.99
CA ARG C 122 -20.09 13.46 7.99
C ARG C 122 -21.34 12.61 7.92
N LEU C 123 -21.93 12.26 9.07
CA LEU C 123 -23.10 11.39 9.06
C LEU C 123 -24.30 12.09 8.43
N ARG C 124 -24.41 13.41 8.59
CA ARG C 124 -25.59 14.10 8.08
C ARG C 124 -25.73 13.90 6.59
N GLN C 125 -24.61 13.68 5.90
CA GLN C 125 -24.56 13.41 4.47
C GLN C 125 -25.03 12.01 4.11
N SER C 126 -25.23 11.13 5.09
CA SER C 126 -25.59 9.76 4.78
C SER C 126 -26.94 9.72 4.07
N PRO C 127 -27.06 9.08 2.91
CA PRO C 127 -28.36 8.88 2.29
C PRO C 127 -29.18 7.79 2.96
N ARG C 128 -28.64 7.19 3.99
CA ARG C 128 -29.24 6.12 4.76
C ARG C 128 -29.55 6.60 6.17
N PRO C 129 -30.37 5.87 6.91
CA PRO C 129 -30.74 6.35 8.25
C PRO C 129 -29.56 6.58 9.16
N VAL C 130 -29.63 7.67 9.91
CA VAL C 130 -28.68 8.01 10.96
C VAL C 130 -29.54 8.37 12.17
N TYR C 131 -29.50 7.53 13.19
CA TYR C 131 -30.26 7.77 14.41
C TYR C 131 -29.30 8.31 15.47
N LEU C 132 -29.66 9.45 16.04
CA LEU C 132 -28.87 10.09 17.08
C LEU C 132 -29.32 9.57 18.44
N ALA C 133 -28.45 8.86 19.14
CA ALA C 133 -28.76 8.28 20.44
C ALA C 133 -28.01 9.03 21.53
N VAL C 134 -28.76 9.67 22.43
CA VAL C 134 -28.19 10.42 23.55
C VAL C 134 -28.13 9.47 24.73
N ASN C 135 -26.94 8.95 25.00
CA ASN C 135 -26.82 7.79 25.85
C ASN C 135 -26.72 8.17 27.32
N LYS C 136 -26.83 7.14 28.16
CA LYS C 136 -26.67 7.22 29.61
C LYS C 136 -27.67 8.19 30.22
N GLY C 137 -28.84 8.29 29.59
CA GLY C 137 -29.90 9.13 30.10
C GLY C 137 -30.95 8.29 30.79
N GLU C 138 -30.55 7.72 31.91
CA GLU C 138 -31.42 6.87 32.72
C GLU C 138 -31.79 7.64 33.97
N GLY C 139 -33.05 7.54 34.36
CA GLY C 139 -33.54 8.36 35.45
C GLY C 139 -33.46 9.85 35.18
N GLY C 140 -33.39 10.26 33.91
CA GLY C 140 -33.24 11.66 33.56
C GLY C 140 -34.51 12.33 33.03
N ASP C 141 -34.32 13.59 32.65
CA ASP C 141 -35.30 14.33 31.88
C ASP C 141 -34.93 14.15 30.40
N ARG C 142 -35.74 13.39 29.66
CA ARG C 142 -35.39 13.06 28.28
C ARG C 142 -35.45 14.26 27.35
N ALA C 143 -36.17 15.33 27.72
CA ALA C 143 -36.25 16.51 26.86
C ALA C 143 -35.04 17.42 27.07
N VAL C 144 -34.72 17.74 28.33
CA VAL C 144 -33.59 18.62 28.62
C VAL C 144 -32.28 17.95 28.20
N LEU C 145 -32.18 16.63 28.35
CA LEU C 145 -30.95 15.93 28.01
C LEU C 145 -30.72 15.83 26.50
N ALA C 146 -31.73 16.14 25.69
CA ALA C 146 -31.59 16.23 24.25
C ALA C 146 -31.73 17.67 23.76
N ALA C 147 -31.42 18.65 24.61
CA ALA C 147 -31.63 20.04 24.24
C ALA C 147 -30.54 20.55 23.31
N GLU C 148 -29.28 20.36 23.72
CA GLU C 148 -28.13 20.78 22.92
C GLU C 148 -28.12 20.11 21.56
N PHE C 149 -28.61 18.88 21.47
CA PHE C 149 -28.30 18.00 20.36
C PHE C 149 -29.18 18.22 19.13
N TYR C 150 -30.21 19.06 19.23
CA TYR C 150 -30.90 19.44 18.01
C TYR C 150 -30.00 20.24 17.08
N GLU C 151 -28.95 20.87 17.61
CA GLU C 151 -28.00 21.63 16.80
C GLU C 151 -27.24 20.73 15.84
N LEU C 152 -27.20 19.43 16.11
CA LEU C 152 -26.50 18.50 15.24
C LEU C 152 -27.23 18.30 13.93
N ALA C 153 -28.50 18.68 13.87
CA ALA C 153 -29.31 18.57 12.67
C ALA C 153 -29.28 17.14 12.12
N LEU C 154 -29.32 16.17 13.04
CA LEU C 154 -29.45 14.76 12.68
C LEU C 154 -30.82 14.23 13.08
N GLY C 155 -31.76 15.14 13.36
CA GLY C 155 -33.08 14.75 13.77
C GLY C 155 -33.25 14.61 15.27
N GLU C 156 -34.32 13.91 15.62
CA GLU C 156 -34.75 13.71 16.99
C GLU C 156 -33.68 12.98 17.77
N PRO C 157 -33.19 13.54 18.88
CA PRO C 157 -32.30 12.77 19.74
C PRO C 157 -33.13 11.75 20.49
N HIS C 158 -32.60 10.54 20.56
CA HIS C 158 -33.23 9.44 21.28
C HIS C 158 -32.51 9.28 22.61
N VAL C 159 -33.15 9.71 23.69
CA VAL C 159 -32.56 9.50 25.01
C VAL C 159 -32.69 8.02 25.35
N ILE C 160 -31.56 7.38 25.64
CA ILE C 160 -31.52 5.98 26.00
C ILE C 160 -30.53 5.78 27.15
N SER C 161 -30.39 4.53 27.56
CA SER C 161 -29.37 4.09 28.53
C SER C 161 -28.95 2.69 28.08
N GLY C 162 -27.79 2.61 27.41
CA GLY C 162 -27.33 1.32 26.92
C GLY C 162 -27.12 0.31 28.03
N ALA C 163 -26.56 0.77 29.16
CA ALA C 163 -26.30 -0.11 30.30
C ALA C 163 -27.59 -0.72 30.83
N HIS C 164 -28.57 0.13 31.18
CA HIS C 164 -29.77 -0.37 31.85
C HIS C 164 -30.92 -0.69 30.89
N GLY C 165 -30.90 -0.18 29.67
CA GLY C 165 -31.86 -0.58 28.67
C GLY C 165 -33.01 0.37 28.40
N ASP C 166 -33.16 1.45 29.20
CA ASP C 166 -34.22 2.44 29.00
C ASP C 166 -34.28 2.90 27.56
N GLY C 167 -35.38 2.61 26.87
CA GLY C 167 -35.58 3.11 25.53
C GLY C 167 -34.80 2.41 24.43
N VAL C 168 -33.92 1.46 24.77
CA VAL C 168 -33.15 0.77 23.74
C VAL C 168 -34.07 -0.09 22.89
N TYR C 169 -34.91 -0.89 23.53
CA TYR C 169 -35.83 -1.74 22.77
C TYR C 169 -36.68 -0.89 21.83
N TYR C 170 -37.18 0.25 22.33
CA TYR C 170 -38.01 1.11 21.50
C TYR C 170 -37.20 1.80 20.40
N LEU C 171 -35.93 2.14 20.65
CA LEU C 171 -35.09 2.69 19.59
C LEU C 171 -34.92 1.68 18.47
N ILE C 172 -34.56 0.44 18.82
CA ILE C 172 -34.31 -0.58 17.80
C ILE C 172 -35.56 -0.80 16.98
N GLU C 173 -36.73 -0.84 17.63
CA GLU C 173 -37.97 -1.11 16.92
C GLU C 173 -38.26 -0.05 15.87
N GLU C 174 -37.89 1.21 16.13
CA GLU C 174 -38.07 2.23 15.11
C GLU C 174 -37.07 2.09 13.97
N ILE C 175 -35.86 1.64 14.26
CA ILE C 175 -34.90 1.40 13.19
C ILE C 175 -35.42 0.33 12.25
N LEU C 176 -35.98 -0.74 12.83
CA LEU C 176 -36.44 -1.88 12.05
C LEU C 176 -37.79 -1.63 11.36
N GLU C 177 -38.53 -0.59 11.71
CA GLU C 177 -39.79 -0.31 11.03
C GLU C 177 -39.60 0.10 9.57
N ASN C 178 -38.36 0.34 9.13
CA ASN C 178 -38.11 0.62 7.72
C ASN C 178 -38.16 -0.67 6.91
N PHE C 179 -37.33 -1.65 7.28
CA PHE C 179 -37.11 -2.89 6.54
C PHE C 179 -38.20 -3.92 6.86
N PRO C 180 -38.92 -4.42 5.86
CA PRO C 180 -39.96 -5.43 6.14
C PRO C 180 -39.36 -6.82 6.28
N GLU C 181 -40.01 -7.64 7.08
CA GLU C 181 -39.50 -8.99 7.36
C GLU C 181 -39.99 -9.99 6.33
N ALA C 187 -36.91 -21.73 3.61
CA ALA C 187 -36.86 -23.05 2.96
C ALA C 187 -35.42 -23.42 2.60
N ASP C 188 -35.03 -24.65 2.92
CA ASP C 188 -33.66 -25.11 2.72
C ASP C 188 -33.47 -25.63 1.31
N ALA C 189 -32.39 -25.19 0.66
CA ALA C 189 -32.04 -25.72 -0.66
C ALA C 189 -31.65 -27.18 -0.54
N LYS C 190 -31.97 -27.94 -1.60
CA LYS C 190 -31.75 -29.37 -1.55
C LYS C 190 -30.28 -29.77 -1.72
N HIS C 191 -29.35 -28.80 -1.87
CA HIS C 191 -27.95 -29.11 -2.11
C HIS C 191 -27.07 -28.09 -1.38
N PRO C 192 -25.76 -28.33 -1.20
CA PRO C 192 -24.94 -27.37 -0.45
C PRO C 192 -24.83 -26.05 -1.17
N VAL C 193 -25.07 -24.96 -0.43
CA VAL C 193 -24.90 -23.60 -0.93
C VAL C 193 -23.85 -22.96 -0.02
N PHE C 194 -22.64 -22.75 -0.53
CA PHE C 194 -21.54 -22.37 0.33
C PHE C 194 -20.90 -21.03 -0.02
N ALA C 195 -20.36 -20.41 1.03
CA ALA C 195 -19.65 -19.15 0.93
C ALA C 195 -18.20 -19.41 1.29
N VAL C 196 -17.29 -18.87 0.51
CA VAL C 196 -15.87 -18.90 0.84
C VAL C 196 -15.59 -17.63 1.65
N ILE C 197 -15.13 -17.78 2.88
CA ILE C 197 -14.93 -16.61 3.74
C ILE C 197 -13.55 -16.68 4.37
N GLY C 198 -13.10 -15.52 4.87
CA GLY C 198 -11.81 -15.42 5.52
C GLY C 198 -11.11 -14.09 5.28
N ARG C 199 -10.01 -13.88 6.00
CA ARG C 199 -9.18 -12.69 5.93
C ARG C 199 -8.75 -12.36 4.51
N PRO C 200 -8.39 -11.10 4.22
CA PRO C 200 -7.77 -10.79 2.93
C PRO C 200 -6.45 -11.54 2.79
N ASN C 201 -6.19 -12.01 1.57
CA ASN C 201 -4.95 -12.65 1.09
C ASN C 201 -4.78 -14.10 1.50
N VAL C 202 -5.83 -14.76 1.97
CA VAL C 202 -5.69 -16.17 2.33
C VAL C 202 -5.84 -17.07 1.11
N GLY C 203 -6.42 -16.56 0.02
CA GLY C 203 -6.50 -17.33 -1.20
C GLY C 203 -7.90 -17.60 -1.70
N LYS C 204 -8.88 -16.83 -1.19
CA LYS C 204 -10.26 -17.08 -1.55
C LYS C 204 -10.46 -17.01 -3.06
N SER C 205 -9.93 -15.97 -3.71
CA SER C 205 -10.12 -15.88 -5.16
C SER C 205 -9.48 -17.06 -5.87
N THR C 206 -8.28 -17.43 -5.43
CA THR C 206 -7.60 -18.55 -6.06
C THR C 206 -8.40 -19.82 -5.88
N LEU C 207 -8.99 -20.00 -4.68
CA LEU C 207 -9.81 -21.18 -4.46
C LEU C 207 -11.06 -21.15 -5.33
N VAL C 208 -11.71 -19.98 -5.46
CA VAL C 208 -12.93 -19.89 -6.26
C VAL C 208 -12.60 -20.15 -7.73
N ASN C 209 -11.52 -19.55 -8.23
CA ASN C 209 -11.14 -19.81 -9.62
C ASN C 209 -10.78 -21.27 -9.82
N ALA C 210 -10.07 -21.88 -8.87
CA ALA C 210 -9.75 -23.29 -9.00
C ALA C 210 -11.02 -24.13 -9.05
N ILE C 211 -12.02 -23.74 -8.25
CA ILE C 211 -13.28 -24.47 -8.21
C ILE C 211 -14.09 -24.27 -9.50
N LEU C 212 -14.35 -23.01 -9.86
CA LEU C 212 -15.20 -22.68 -11.00
C LEU C 212 -14.52 -22.66 -12.36
N GLY C 213 -13.21 -22.44 -12.43
CA GLY C 213 -12.60 -22.28 -13.73
C GLY C 213 -12.94 -20.95 -14.37
N GLU C 214 -12.26 -20.62 -15.47
CA GLU C 214 -12.47 -19.31 -16.08
C GLU C 214 -13.89 -19.19 -16.63
N LYS C 215 -14.36 -20.20 -17.35
CA LYS C 215 -15.61 -20.06 -18.09
C LYS C 215 -16.79 -19.84 -17.14
N ARG C 216 -16.84 -20.55 -16.02
CA ARG C 216 -18.05 -20.36 -15.21
C ARG C 216 -17.94 -19.16 -14.27
N VAL C 217 -16.77 -18.54 -14.17
CA VAL C 217 -16.64 -17.40 -13.28
C VAL C 217 -16.91 -16.12 -14.05
N ILE C 218 -16.72 -16.13 -15.37
CA ILE C 218 -17.06 -14.98 -16.21
C ILE C 218 -18.56 -14.74 -16.27
N ALA C 219 -19.38 -15.71 -15.88
CA ALA C 219 -20.83 -15.56 -15.88
C ALA C 219 -21.37 -15.00 -14.57
N PHE C 220 -20.50 -14.66 -13.62
CA PHE C 220 -20.87 -13.85 -12.45
C PHE C 220 -21.08 -12.40 -12.88
N ILE C 230 -24.16 -13.07 -7.79
CA ILE C 230 -24.63 -13.42 -6.45
C ILE C 230 -24.56 -14.95 -6.24
N HIS C 231 -25.42 -15.74 -6.89
CA HIS C 231 -25.34 -17.21 -6.80
C HIS C 231 -24.85 -17.78 -8.13
N ILE C 232 -23.85 -18.66 -8.05
CA ILE C 232 -23.34 -19.38 -9.22
C ILE C 232 -23.62 -20.86 -9.03
N ASP C 233 -24.56 -21.40 -9.80
CA ASP C 233 -24.85 -22.84 -9.73
C ASP C 233 -23.88 -23.62 -10.61
N PHE C 234 -23.38 -24.73 -10.08
CA PHE C 234 -22.51 -25.54 -10.90
C PHE C 234 -22.62 -26.99 -10.45
N GLU C 235 -22.00 -27.85 -11.23
CA GLU C 235 -22.03 -29.29 -11.01
C GLU C 235 -20.61 -29.83 -10.99
N ARG C 236 -20.44 -30.87 -10.18
CA ARG C 236 -19.12 -31.46 -10.02
C ARG C 236 -19.33 -32.97 -9.97
N GLU C 237 -18.73 -33.67 -10.92
CA GLU C 237 -18.91 -35.11 -11.03
C GLU C 237 -20.40 -35.47 -11.07
N GLY C 238 -21.21 -34.53 -11.57
CA GLY C 238 -22.64 -34.74 -11.67
C GLY C 238 -23.45 -34.22 -10.50
N LYS C 239 -22.84 -34.08 -9.33
CA LYS C 239 -23.67 -33.65 -8.20
C LYS C 239 -23.74 -32.11 -8.12
N PRO C 240 -24.86 -31.51 -7.71
CA PRO C 240 -25.01 -30.05 -7.74
C PRO C 240 -24.49 -29.30 -6.53
N PHE C 241 -23.99 -28.09 -6.80
CA PHE C 241 -23.46 -27.18 -5.80
C PHE C 241 -23.80 -25.77 -6.17
N THR C 242 -23.77 -24.88 -5.18
CA THR C 242 -23.90 -23.46 -5.43
C THR C 242 -22.89 -22.71 -4.62
N ILE C 243 -22.12 -21.84 -5.27
CA ILE C 243 -21.17 -20.98 -4.56
C ILE C 243 -21.76 -19.58 -4.53
N ILE C 244 -21.55 -18.88 -3.42
CA ILE C 244 -22.03 -17.51 -3.21
C ILE C 244 -20.84 -16.59 -3.34
N ASP C 245 -20.93 -15.66 -4.27
CA ASP C 245 -19.99 -14.56 -4.41
C ASP C 245 -20.67 -13.26 -3.99
N THR C 246 -19.96 -12.46 -3.19
CA THR C 246 -20.46 -11.16 -2.74
C THR C 246 -19.33 -10.14 -2.63
N PHE C 262 -11.50 -4.87 3.05
CA PHE C 262 -12.31 -5.96 3.63
C PHE C 262 -13.61 -5.40 4.17
N SER C 263 -14.69 -6.15 3.97
CA SER C 263 -16.02 -5.70 4.41
C SER C 263 -16.59 -6.74 5.35
N VAL C 264 -16.64 -6.39 6.64
CA VAL C 264 -17.34 -7.20 7.62
C VAL C 264 -18.77 -7.40 7.21
N ILE C 265 -19.45 -6.33 6.76
CA ILE C 265 -20.86 -6.48 6.43
C ILE C 265 -21.04 -7.49 5.32
N LYS C 266 -20.15 -7.45 4.33
CA LYS C 266 -20.27 -8.38 3.22
C LYS C 266 -20.03 -9.82 3.66
N ALA C 267 -19.14 -10.04 4.64
CA ALA C 267 -18.86 -11.39 5.11
C ALA C 267 -20.02 -11.97 5.89
N MET C 268 -20.65 -11.15 6.76
CA MET C 268 -21.81 -11.61 7.50
C MET C 268 -22.93 -12.00 6.55
N GLN C 269 -23.12 -11.23 5.50
CA GLN C 269 -24.19 -11.56 4.55
C GLN C 269 -23.87 -12.82 3.74
N ALA C 270 -22.61 -13.07 3.41
CA ALA C 270 -22.28 -14.34 2.79
C ALA C 270 -22.66 -15.49 3.71
N VAL C 271 -22.31 -15.35 5.00
CA VAL C 271 -22.65 -16.39 5.96
C VAL C 271 -24.16 -16.57 6.02
N GLU C 272 -24.91 -15.46 6.07
CA GLU C 272 -26.36 -15.59 6.19
C GLU C 272 -26.98 -16.28 4.99
N ALA C 273 -26.42 -16.07 3.81
CA ALA C 273 -27.02 -16.63 2.61
C ALA C 273 -26.64 -18.07 2.36
N ALA C 274 -25.71 -18.62 3.13
CA ALA C 274 -25.18 -19.95 2.81
C ALA C 274 -25.76 -21.00 3.74
N ASN C 275 -25.63 -22.27 3.36
CA ASN C 275 -25.82 -23.30 4.36
C ASN C 275 -24.52 -24.03 4.68
N VAL C 276 -23.44 -23.71 3.99
CA VAL C 276 -22.10 -24.13 4.40
C VAL C 276 -21.16 -22.94 4.22
N ALA C 277 -20.21 -22.80 5.13
CA ALA C 277 -19.18 -21.79 5.03
C ALA C 277 -17.85 -22.51 4.91
N VAL C 278 -17.04 -22.12 3.94
CA VAL C 278 -15.68 -22.62 3.83
C VAL C 278 -14.79 -21.51 4.34
N LEU C 279 -14.19 -21.70 5.50
CA LEU C 279 -13.30 -20.70 6.07
C LEU C 279 -11.89 -20.98 5.57
N VAL C 280 -11.26 -20.02 4.92
CA VAL C 280 -9.94 -20.20 4.34
C VAL C 280 -8.90 -19.59 5.28
N LEU C 281 -7.84 -20.33 5.58
CA LEU C 281 -6.76 -19.85 6.44
C LEU C 281 -5.44 -19.84 5.68
N ASP C 282 -4.61 -18.83 5.93
CA ASP C 282 -3.28 -18.77 5.32
C ASP C 282 -2.32 -19.55 6.21
N ALA C 283 -1.89 -20.72 5.75
CA ALA C 283 -1.01 -21.50 6.58
C ALA C 283 0.34 -20.84 6.82
N GLN C 284 0.75 -19.88 5.98
CA GLN C 284 2.06 -19.24 6.09
C GLN C 284 2.13 -18.13 7.11
N GLN C 285 1.06 -17.87 7.85
CA GLN C 285 1.02 -16.85 8.88
C GLN C 285 0.35 -17.41 10.13
N ASP C 286 0.61 -16.77 11.26
CA ASP C 286 -0.08 -17.13 12.49
C ASP C 286 -1.58 -16.84 12.35
N ILE C 287 -2.38 -17.64 13.04
CA ILE C 287 -3.80 -17.35 13.13
C ILE C 287 -3.99 -16.01 13.78
N ALA C 288 -4.79 -15.14 13.14
CA ALA C 288 -4.96 -13.77 13.58
C ALA C 288 -6.31 -13.54 14.28
N ASP C 289 -6.39 -12.44 15.02
CA ASP C 289 -7.66 -12.04 15.60
C ASP C 289 -8.79 -12.11 14.58
N GLN C 290 -8.53 -11.62 13.36
CA GLN C 290 -9.56 -11.49 12.34
C GLN C 290 -9.97 -12.84 11.79
N ASP C 291 -9.01 -13.77 11.65
CA ASP C 291 -9.37 -15.16 11.37
C ASP C 291 -10.38 -15.64 12.40
N ALA C 292 -10.13 -15.32 13.68
CA ALA C 292 -10.94 -15.86 14.75
C ALA C 292 -12.31 -15.19 14.85
N THR C 293 -12.40 -13.87 14.63
CA THR C 293 -13.74 -13.29 14.74
C THR C 293 -14.64 -13.73 13.60
N ILE C 294 -14.10 -13.90 12.39
CA ILE C 294 -14.90 -14.41 11.29
C ILE C 294 -15.43 -15.79 11.64
N ALA C 295 -14.56 -16.71 12.03
CA ALA C 295 -15.01 -18.04 12.40
C ALA C 295 -16.03 -17.97 13.52
N GLY C 296 -15.77 -17.11 14.53
CA GLY C 296 -16.70 -16.93 15.63
C GLY C 296 -18.09 -16.50 15.17
N PHE C 297 -18.14 -15.59 14.17
CA PHE C 297 -19.43 -15.16 13.66
C PHE C 297 -20.16 -16.34 13.02
N ALA C 298 -19.43 -17.13 12.23
CA ALA C 298 -20.03 -18.31 11.63
C ALA C 298 -20.58 -19.25 12.69
N LEU C 299 -19.84 -19.43 13.78
CA LEU C 299 -20.30 -20.30 14.85
C LEU C 299 -21.59 -19.76 15.49
N GLU C 300 -21.65 -18.45 15.76
CA GLU C 300 -22.85 -17.87 16.33
C GLU C 300 -24.02 -17.99 15.36
N ALA C 301 -23.76 -17.99 14.07
CA ALA C 301 -24.85 -18.19 13.14
C ALA C 301 -25.28 -19.64 13.06
N GLY C 302 -24.59 -20.56 13.73
CA GLY C 302 -24.91 -21.96 13.57
C GLY C 302 -24.64 -22.53 12.19
N ARG C 303 -23.81 -21.84 11.41
CA ARG C 303 -23.53 -22.24 10.04
C ARG C 303 -22.68 -23.50 10.03
N ALA C 304 -23.04 -24.48 9.20
CA ALA C 304 -22.13 -25.59 8.95
C ALA C 304 -20.83 -25.04 8.37
N LEU C 305 -19.74 -25.74 8.64
CA LEU C 305 -18.42 -25.18 8.41
C LEU C 305 -17.44 -26.26 7.96
N VAL C 306 -16.62 -25.91 6.97
CA VAL C 306 -15.45 -26.67 6.59
C VAL C 306 -14.28 -25.70 6.56
N VAL C 307 -13.12 -26.14 7.07
CA VAL C 307 -11.97 -25.27 7.23
C VAL C 307 -10.91 -25.66 6.21
N ALA C 308 -10.52 -24.69 5.38
CA ALA C 308 -9.54 -24.92 4.32
C ALA C 308 -8.24 -24.24 4.74
N VAL C 309 -7.28 -25.00 5.23
CA VAL C 309 -5.97 -24.44 5.52
C VAL C 309 -5.22 -24.39 4.19
N ASN C 310 -5.06 -23.20 3.63
CA ASN C 310 -4.58 -22.99 2.27
C ASN C 310 -3.11 -22.60 2.28
N LYS C 311 -2.51 -22.61 1.07
CA LYS C 311 -1.08 -22.33 0.89
C LYS C 311 -0.22 -23.37 1.60
N TRP C 312 -0.75 -24.60 1.71
CA TRP C 312 -0.03 -25.71 2.32
C TRP C 312 1.21 -26.09 1.51
N ASP C 313 1.26 -25.74 0.22
CA ASP C 313 2.44 -26.01 -0.59
C ASP C 313 3.67 -25.25 -0.08
N GLY C 314 3.45 -24.18 0.68
CA GLY C 314 4.54 -23.39 1.22
C GLY C 314 5.22 -24.00 2.43
N ILE C 315 4.55 -24.88 3.16
CA ILE C 315 5.06 -25.42 4.41
C ILE C 315 5.98 -26.62 4.16
N SER C 316 7.20 -26.56 4.70
CA SER C 316 8.04 -27.75 4.74
C SER C 316 7.50 -28.76 5.75
N GLU C 317 7.98 -30.00 5.65
CA GLU C 317 7.43 -31.07 6.48
C GLU C 317 7.70 -30.83 7.96
N GLU C 318 8.93 -30.43 8.32
CA GLU C 318 9.25 -30.16 9.72
C GLU C 318 8.23 -29.20 10.32
N ARG C 319 7.92 -28.13 9.60
CA ARG C 319 6.97 -27.12 10.06
C ARG C 319 5.52 -27.60 10.05
N ARG C 320 5.23 -28.74 9.45
CA ARG C 320 3.83 -29.08 9.19
C ARG C 320 3.08 -29.43 10.48
N GLU C 321 3.69 -30.22 11.36
CA GLU C 321 3.04 -30.53 12.62
C GLU C 321 2.99 -29.31 13.53
N GLN C 322 4.06 -28.51 13.54
CA GLN C 322 4.05 -27.27 14.30
C GLN C 322 2.90 -26.37 13.89
N VAL C 323 2.45 -26.45 12.64
CA VAL C 323 1.38 -25.56 12.17
C VAL C 323 0.01 -26.17 12.44
N LYS C 324 -0.11 -27.48 12.23
CA LYS C 324 -1.33 -28.17 12.66
C LYS C 324 -1.55 -28.04 14.16
N ARG C 325 -0.50 -28.21 14.96
CA ARG C 325 -0.66 -28.04 16.39
C ARG C 325 -1.05 -26.60 16.72
N ASP C 326 -0.41 -25.63 16.06
CA ASP C 326 -0.73 -24.22 16.27
C ASP C 326 -2.18 -23.92 15.92
N ILE C 327 -2.68 -24.50 14.83
CA ILE C 327 -4.01 -24.12 14.36
C ILE C 327 -5.09 -24.72 15.25
N SER C 328 -4.90 -25.96 15.70
CA SER C 328 -5.91 -26.54 16.59
C SER C 328 -5.87 -25.87 17.96
N ARG C 329 -4.69 -25.41 18.39
CA ARG C 329 -4.59 -24.71 19.66
C ARG C 329 -5.32 -23.37 19.60
N LYS C 330 -5.31 -22.70 18.46
CA LYS C 330 -5.88 -21.37 18.41
C LYS C 330 -7.31 -21.33 17.86
N LEU C 331 -7.75 -22.35 17.16
CA LEU C 331 -9.14 -22.42 16.73
C LEU C 331 -9.84 -23.63 17.34
N TYR C 332 -9.61 -23.86 18.64
CA TYR C 332 -10.19 -25.01 19.34
C TYR C 332 -11.70 -25.08 19.16
N PHE C 333 -12.37 -23.94 19.20
CA PHE C 333 -13.83 -23.91 19.10
C PHE C 333 -14.34 -24.36 17.74
N LEU C 334 -13.47 -24.76 16.81
CA LEU C 334 -13.91 -25.33 15.54
C LEU C 334 -13.66 -26.84 15.47
N ASP C 335 -13.38 -27.50 16.60
CA ASP C 335 -13.09 -28.93 16.55
C ASP C 335 -14.28 -29.76 16.07
N PHE C 336 -15.44 -29.17 15.89
CA PHE C 336 -16.56 -29.88 15.27
C PHE C 336 -16.47 -29.93 13.75
N ALA C 337 -15.49 -29.23 13.15
CA ALA C 337 -15.39 -29.14 11.71
C ALA C 337 -14.15 -29.84 11.19
N LYS C 338 -14.27 -30.44 10.00
CA LYS C 338 -13.13 -31.06 9.33
C LYS C 338 -12.18 -30.01 8.77
N PHE C 339 -10.88 -30.22 8.98
CA PHE C 339 -9.85 -29.30 8.50
C PHE C 339 -9.14 -29.93 7.30
N HIS C 340 -9.16 -29.24 6.16
CA HIS C 340 -8.43 -29.71 4.99
C HIS C 340 -7.19 -28.87 4.76
N PHE C 341 -6.15 -29.52 4.24
CA PHE C 341 -4.89 -28.86 3.99
C PHE C 341 -4.67 -28.90 2.49
N ILE C 342 -4.87 -27.74 1.87
CA ILE C 342 -5.04 -27.61 0.44
C ILE C 342 -4.07 -26.55 -0.07
N SER C 343 -3.95 -26.52 -1.40
CA SER C 343 -3.28 -25.46 -2.13
C SER C 343 -4.21 -25.00 -3.23
N ALA C 344 -4.87 -23.86 -3.05
CA ALA C 344 -5.71 -23.35 -4.13
C ALA C 344 -4.89 -23.11 -5.40
N LEU C 345 -3.65 -22.61 -5.25
CA LEU C 345 -2.83 -22.33 -6.41
C LEU C 345 -2.55 -23.59 -7.23
N LYS C 346 -1.98 -24.61 -6.60
CA LYS C 346 -1.65 -25.86 -7.27
C LYS C 346 -2.80 -26.84 -7.34
N GLU C 347 -3.99 -26.45 -6.87
CA GLU C 347 -5.23 -27.22 -7.03
C GLU C 347 -5.12 -28.62 -6.43
N ARG C 348 -4.56 -28.68 -5.23
CA ARG C 348 -4.44 -29.92 -4.48
C ARG C 348 -5.39 -29.89 -3.30
N GLY C 349 -6.01 -31.03 -3.01
CA GLY C 349 -6.95 -31.15 -1.93
C GLY C 349 -8.37 -30.68 -2.20
N ILE C 350 -8.66 -30.19 -3.41
CA ILE C 350 -10.00 -29.70 -3.70
C ILE C 350 -11.02 -30.82 -3.68
N ASP C 351 -10.65 -32.03 -4.12
CA ASP C 351 -11.65 -33.10 -4.14
C ASP C 351 -12.16 -33.40 -2.74
N GLY C 352 -11.25 -33.58 -1.78
CA GLY C 352 -11.70 -33.86 -0.43
C GLY C 352 -12.38 -32.69 0.22
N LEU C 353 -12.11 -31.47 -0.26
CA LEU C 353 -12.87 -30.33 0.23
C LEU C 353 -14.34 -30.51 -0.12
N PHE C 354 -14.62 -31.01 -1.32
CA PHE C 354 -16.02 -31.20 -1.69
C PHE C 354 -16.66 -32.34 -0.92
N GLU C 355 -15.93 -33.42 -0.64
CA GLU C 355 -16.53 -34.43 0.20
C GLU C 355 -16.98 -33.80 1.52
N SER C 356 -16.11 -33.02 2.14
CA SER C 356 -16.48 -32.46 3.45
C SER C 356 -17.59 -31.42 3.33
N ILE C 357 -17.65 -30.66 2.23
CA ILE C 357 -18.74 -29.69 2.08
C ILE C 357 -20.08 -30.42 2.04
N GLN C 358 -20.15 -31.50 1.25
CA GLN C 358 -21.37 -32.29 1.20
C GLN C 358 -21.72 -32.87 2.57
N ALA C 359 -20.73 -33.44 3.27
CA ALA C 359 -20.99 -33.98 4.60
C ALA C 359 -21.48 -32.89 5.56
N ALA C 360 -20.91 -31.69 5.50
CA ALA C 360 -21.38 -30.61 6.35
C ALA C 360 -22.81 -30.25 6.05
N TYR C 361 -23.17 -30.19 4.78
CA TYR C 361 -24.55 -29.89 4.46
C TYR C 361 -25.46 -30.97 4.99
N ASN C 362 -25.12 -32.25 4.74
CA ASN C 362 -25.95 -33.36 5.25
C ASN C 362 -26.12 -33.27 6.76
N ALA C 363 -25.01 -33.14 7.48
CA ALA C 363 -25.12 -33.04 8.92
C ALA C 363 -26.02 -31.87 9.29
N ALA C 364 -25.86 -30.73 8.63
CA ALA C 364 -26.64 -29.59 9.06
C ALA C 364 -28.13 -29.85 8.92
N MET C 365 -28.54 -30.61 7.92
CA MET C 365 -29.95 -30.76 7.57
C MET C 365 -30.55 -32.03 8.16
N ILE C 366 -29.84 -32.71 9.05
CA ILE C 366 -30.25 -34.02 9.48
C ILE C 366 -31.57 -33.92 10.24
N LYS C 367 -32.38 -34.98 10.11
CA LYS C 367 -33.59 -35.16 10.89
C LYS C 367 -33.42 -36.48 11.63
N MET C 368 -33.27 -36.42 12.96
CA MET C 368 -32.91 -37.60 13.77
C MET C 368 -34.13 -38.13 14.51
N PRO C 369 -34.47 -39.41 14.38
CA PRO C 369 -35.64 -39.94 15.09
C PRO C 369 -35.42 -40.02 16.60
N THR C 370 -36.42 -39.56 17.36
CA THR C 370 -36.32 -39.61 18.81
C THR C 370 -35.88 -40.97 19.34
N PRO C 371 -36.41 -42.09 18.88
CA PRO C 371 -35.92 -43.37 19.43
C PRO C 371 -34.44 -43.60 19.20
N LYS C 372 -33.88 -43.19 18.05
CA LYS C 372 -32.44 -43.33 17.86
C LYS C 372 -31.69 -42.44 18.84
N ILE C 373 -32.11 -41.19 18.96
CA ILE C 373 -31.44 -40.26 19.87
C ILE C 373 -31.47 -40.82 21.29
N THR C 374 -32.67 -41.18 21.76
CA THR C 374 -32.82 -41.68 23.13
C THR C 374 -31.98 -42.91 23.34
N ARG C 375 -31.89 -43.75 22.33
CA ARG C 375 -31.07 -44.95 22.42
C ARG C 375 -29.62 -44.59 22.62
N VAL C 376 -29.13 -43.64 21.81
CA VAL C 376 -27.75 -43.19 21.92
C VAL C 376 -27.50 -42.55 23.29
N LEU C 377 -28.46 -41.73 23.75
CA LEU C 377 -28.32 -41.10 25.05
C LEU C 377 -28.24 -42.13 26.16
N GLN C 378 -29.12 -43.14 26.12
CA GLN C 378 -29.15 -44.10 27.22
C GLN C 378 -27.91 -44.97 27.24
N THR C 379 -27.33 -45.26 26.08
CA THR C 379 -26.08 -46.00 26.08
C THR C 379 -24.95 -45.16 26.67
N ALA C 380 -24.84 -43.90 26.23
CA ALA C 380 -23.82 -43.03 26.81
C ALA C 380 -24.00 -42.88 28.32
N VAL C 381 -25.23 -42.67 28.77
CA VAL C 381 -25.46 -42.47 30.20
C VAL C 381 -25.13 -43.75 30.97
N GLY C 382 -25.43 -44.90 30.39
CA GLY C 382 -25.11 -46.15 31.06
C GLY C 382 -23.62 -46.39 31.21
N ARG C 383 -22.83 -45.95 30.23
CA ARG C 383 -21.39 -46.15 30.28
C ARG C 383 -20.69 -45.13 31.18
N GLN C 384 -21.20 -43.91 31.24
CA GLN C 384 -20.63 -42.87 32.10
C GLN C 384 -21.78 -42.04 32.63
N GLN C 385 -22.05 -42.15 33.93
CA GLN C 385 -23.11 -41.36 34.54
C GLN C 385 -22.75 -39.86 34.59
N PRO C 386 -23.77 -39.00 34.54
CA PRO C 386 -23.54 -37.56 34.67
C PRO C 386 -22.99 -37.21 36.04
N PRO C 387 -22.30 -36.07 36.16
CA PRO C 387 -21.68 -35.70 37.45
C PRO C 387 -22.74 -35.42 38.48
N ARG C 388 -22.48 -35.86 39.71
CA ARG C 388 -23.42 -35.59 40.80
C ARG C 388 -23.46 -34.09 41.07
N ALA C 389 -24.67 -33.54 41.12
CA ALA C 389 -24.92 -32.14 41.43
C ALA C 389 -24.82 -31.99 42.93
N GLY C 390 -23.59 -31.81 43.42
CA GLY C 390 -23.32 -31.90 44.85
C GLY C 390 -23.90 -33.17 45.41
N LEU C 391 -25.05 -33.05 46.08
CA LEU C 391 -25.68 -34.22 46.65
C LEU C 391 -26.62 -34.91 45.66
N VAL C 392 -27.27 -34.16 44.76
CA VAL C 392 -28.34 -34.69 43.91
C VAL C 392 -27.77 -35.33 42.65
N ARG C 393 -28.34 -36.47 42.27
CA ARG C 393 -27.85 -37.28 41.16
C ARG C 393 -28.73 -37.09 39.94
N PRO C 394 -28.26 -36.39 38.91
CA PRO C 394 -29.12 -36.16 37.75
C PRO C 394 -29.49 -37.46 37.07
N LYS C 395 -30.69 -37.47 36.49
CA LYS C 395 -31.17 -38.61 35.73
C LYS C 395 -31.45 -38.10 34.32
N MET C 396 -30.82 -38.71 33.34
CA MET C 396 -31.07 -38.36 31.95
C MET C 396 -31.82 -39.53 31.32
N ARG C 397 -33.06 -39.30 30.91
CA ARG C 397 -33.92 -40.41 30.50
C ARG C 397 -34.18 -40.49 29.01
N TYR C 398 -34.46 -39.38 28.32
CA TYR C 398 -34.72 -39.46 26.89
C TYR C 398 -34.30 -38.15 26.23
N ALA C 399 -34.34 -38.14 24.89
CA ALA C 399 -33.88 -36.95 24.19
C ALA C 399 -34.49 -36.90 22.80
N HIS C 400 -34.66 -35.68 22.30
CA HIS C 400 -35.24 -35.49 20.97
C HIS C 400 -34.63 -34.25 20.33
N GLN C 401 -34.84 -34.12 19.04
CA GLN C 401 -34.33 -32.99 18.29
C GLN C 401 -35.26 -31.80 18.43
N GLY C 402 -34.72 -30.65 18.83
CA GLY C 402 -35.51 -29.45 18.91
C GLY C 402 -35.09 -28.35 17.95
N GLY C 403 -34.28 -28.65 16.95
CA GLY C 403 -33.87 -27.66 15.97
C GLY C 403 -33.08 -28.30 14.86
N MET C 404 -32.95 -27.55 13.74
CA MET C 404 -32.26 -28.02 12.54
C MET C 404 -31.34 -26.93 12.00
N ASN C 405 -30.22 -27.36 11.43
CA ASN C 405 -29.26 -26.46 10.79
C ASN C 405 -28.93 -25.27 11.69
N PRO C 406 -28.24 -25.49 12.83
CA PRO C 406 -27.69 -26.75 13.33
C PRO C 406 -28.71 -27.62 14.05
N PRO C 407 -28.47 -28.92 14.09
CA PRO C 407 -29.31 -29.80 14.90
C PRO C 407 -29.11 -29.48 16.36
N VAL C 408 -30.21 -29.49 17.12
CA VAL C 408 -30.16 -29.34 18.56
C VAL C 408 -30.85 -30.54 19.20
N ILE C 409 -30.21 -31.14 20.19
CA ILE C 409 -30.76 -32.28 20.92
C ILE C 409 -31.13 -31.80 22.31
N VAL C 410 -32.37 -32.06 22.70
CA VAL C 410 -32.89 -31.67 24.00
C VAL C 410 -32.93 -32.91 24.88
N VAL C 411 -32.29 -32.86 26.03
CA VAL C 411 -32.22 -33.99 26.95
C VAL C 411 -33.19 -33.74 28.09
N HIS C 412 -33.99 -34.75 28.42
CA HIS C 412 -35.03 -34.67 29.43
C HIS C 412 -34.69 -35.51 30.65
N GLY C 413 -35.03 -35.01 31.83
CA GLY C 413 -34.82 -35.78 33.05
C GLY C 413 -35.05 -34.93 34.28
N ASN C 414 -34.43 -35.35 35.37
CA ASN C 414 -34.48 -34.64 36.64
C ASN C 414 -33.10 -34.10 36.99
N SER C 415 -33.11 -32.93 37.65
CA SER C 415 -31.89 -32.29 38.17
C SER C 415 -30.83 -32.08 37.09
N LEU C 416 -31.26 -31.56 35.94
CA LEU C 416 -30.33 -31.28 34.85
C LEU C 416 -29.90 -29.83 34.85
N HIS C 417 -29.96 -29.15 36.01
CA HIS C 417 -29.80 -27.70 36.05
C HIS C 417 -28.35 -27.26 36.19
N ALA C 418 -27.45 -28.16 36.59
CA ALA C 418 -26.02 -27.84 36.67
C ALA C 418 -25.22 -29.02 36.12
N ILE C 419 -25.26 -29.21 34.81
CA ILE C 419 -24.49 -30.27 34.18
C ILE C 419 -23.16 -29.67 33.75
N SER C 420 -22.05 -30.32 34.13
CA SER C 420 -20.75 -29.75 33.82
C SER C 420 -20.52 -29.67 32.32
N ASP C 421 -19.67 -28.72 31.92
CA ASP C 421 -19.32 -28.52 30.52
C ASP C 421 -18.63 -29.75 29.95
N SER C 422 -17.84 -30.44 30.76
CA SER C 422 -17.12 -31.59 30.23
C SER C 422 -18.05 -32.74 29.90
N TYR C 423 -19.10 -32.95 30.72
CA TYR C 423 -20.04 -34.01 30.42
C TYR C 423 -20.88 -33.67 29.20
N THR C 424 -21.31 -32.41 29.07
CA THR C 424 -21.98 -31.99 27.84
C THR C 424 -21.09 -32.20 26.64
N ARG C 425 -19.79 -32.03 26.80
CA ARG C 425 -18.88 -32.28 25.70
C ARG C 425 -18.85 -33.78 25.37
N TYR C 426 -18.87 -34.63 26.39
CA TYR C 426 -18.92 -36.07 26.16
C TYR C 426 -20.21 -36.48 25.42
N LEU C 427 -21.36 -35.91 25.80
CA LEU C 427 -22.57 -36.25 25.07
C LEU C 427 -22.48 -35.76 23.63
N THR C 428 -21.95 -34.56 23.43
CA THR C 428 -21.84 -34.02 22.08
C THR C 428 -20.98 -34.91 21.20
N GLN C 429 -19.82 -35.35 21.70
CA GLN C 429 -18.96 -36.21 20.90
C GLN C 429 -19.65 -37.52 20.58
N THR C 430 -20.31 -38.13 21.58
CA THR C 430 -21.04 -39.37 21.33
C THR C 430 -22.09 -39.18 20.25
N PHE C 431 -22.91 -38.13 20.34
CA PHE C 431 -23.92 -37.91 19.31
C PHE C 431 -23.28 -37.64 17.94
N ARG C 432 -22.20 -36.87 17.92
CA ARG C 432 -21.53 -36.58 16.65
C ARG C 432 -21.06 -37.86 16.00
N LYS C 433 -20.40 -38.74 16.75
CA LYS C 433 -19.99 -40.03 16.21
C LYS C 433 -21.20 -40.84 15.76
N ALA C 434 -22.26 -40.87 16.58
CA ALA C 434 -23.36 -41.78 16.28
C ALA C 434 -24.09 -41.36 15.00
N PHE C 435 -24.21 -40.06 14.75
CA PHE C 435 -24.97 -39.59 13.61
C PHE C 435 -24.10 -38.95 12.54
N ASN C 436 -22.78 -39.08 12.63
CA ASN C 436 -21.89 -38.51 11.62
C ASN C 436 -22.11 -36.99 11.46
N LEU C 437 -22.03 -36.24 12.55
CA LEU C 437 -22.41 -34.83 12.53
C LEU C 437 -21.25 -33.85 12.39
N GLN C 438 -20.04 -34.32 12.04
CA GLN C 438 -18.93 -33.41 11.78
C GLN C 438 -19.35 -32.37 10.75
N GLY C 439 -18.98 -31.12 10.98
CA GLY C 439 -19.35 -30.06 10.07
C GLY C 439 -20.51 -29.20 10.54
N THR C 440 -21.29 -29.65 11.53
CA THR C 440 -22.34 -28.77 11.98
C THR C 440 -22.24 -28.55 13.47
N PRO C 441 -22.44 -27.34 13.94
CA PRO C 441 -22.23 -27.05 15.37
C PRO C 441 -23.38 -27.56 16.22
N LEU C 442 -23.50 -28.89 16.29
CA LEU C 442 -24.51 -29.56 17.12
C LEU C 442 -24.48 -29.01 18.54
N ARG C 443 -25.65 -28.82 19.13
CA ARG C 443 -25.76 -28.22 20.46
C ARG C 443 -26.66 -29.11 21.30
N ILE C 444 -26.27 -29.31 22.57
CA ILE C 444 -27.05 -30.09 23.53
C ILE C 444 -27.77 -29.12 24.46
N GLN C 445 -29.01 -29.45 24.82
CA GLN C 445 -29.78 -28.56 25.67
C GLN C 445 -30.56 -29.38 26.68
N TYR C 446 -30.63 -28.91 27.93
CA TYR C 446 -31.27 -29.67 29.00
C TYR C 446 -32.62 -29.06 29.30
N ASN C 447 -33.67 -29.90 29.36
CA ASN C 447 -35.00 -29.38 29.66
C ASN C 447 -35.08 -29.24 31.17
N VAL C 448 -35.04 -27.99 31.63
CA VAL C 448 -35.01 -27.67 33.04
C VAL C 448 -36.29 -26.94 33.46
N ILE D 16 -11.80 17.88 -51.93
CA ILE D 16 -11.88 16.87 -50.88
C ILE D 16 -10.72 17.06 -49.90
N MET D 17 -10.06 18.22 -50.00
CA MET D 17 -8.97 18.54 -49.08
C MET D 17 -9.53 19.22 -47.84
N LYS D 18 -9.01 18.82 -46.69
CA LYS D 18 -9.47 19.42 -45.46
C LYS D 18 -8.64 20.68 -45.18
N PRO D 19 -9.18 21.63 -44.42
CA PRO D 19 -8.56 22.95 -44.31
C PRO D 19 -7.33 22.95 -43.41
N THR D 20 -6.42 23.87 -43.70
CA THR D 20 -5.21 24.04 -42.91
C THR D 20 -5.21 25.43 -42.29
N ILE D 21 -5.00 25.48 -40.98
CA ILE D 21 -4.96 26.72 -40.21
C ILE D 21 -3.54 26.98 -39.75
N ALA D 22 -3.03 28.17 -40.01
CA ALA D 22 -1.67 28.54 -39.64
C ALA D 22 -1.75 29.51 -38.46
N LEU D 23 -1.08 29.16 -37.36
CA LEU D 23 -0.97 30.05 -36.19
C LEU D 23 0.23 30.97 -36.39
N ILE D 24 0.00 32.27 -36.23
CA ILE D 24 1.01 33.29 -36.52
C ILE D 24 1.04 34.28 -35.37
N GLY D 25 2.24 34.66 -34.94
CA GLY D 25 2.39 35.69 -33.92
C GLY D 25 3.79 35.78 -33.32
N ARG D 26 4.10 36.91 -32.64
CA ARG D 26 5.37 37.15 -31.97
C ARG D 26 5.73 35.99 -31.07
N PRO D 27 7.01 35.79 -30.74
CA PRO D 27 7.36 34.80 -29.71
C PRO D 27 6.70 35.14 -28.38
N ASN D 28 6.29 34.10 -27.66
CA ASN D 28 5.76 34.17 -26.30
C ASN D 28 4.31 34.63 -26.23
N VAL D 29 3.53 34.56 -27.32
CA VAL D 29 2.13 35.02 -27.27
C VAL D 29 1.13 33.89 -27.03
N GLY D 30 1.54 32.65 -27.14
CA GLY D 30 0.68 31.53 -26.78
C GLY D 30 0.45 30.52 -27.88
N LYS D 31 1.26 30.55 -28.94
CA LYS D 31 1.01 29.68 -30.08
C LYS D 31 1.16 28.21 -29.70
N SER D 32 2.32 27.81 -29.17
CA SER D 32 2.49 26.40 -28.82
C SER D 32 1.45 25.95 -27.80
N THR D 33 1.13 26.80 -26.83
CA THR D 33 0.06 26.46 -25.92
C THR D 33 -1.26 26.25 -26.66
N LEU D 34 -1.59 27.15 -27.60
CA LEU D 34 -2.82 26.99 -28.37
C LEU D 34 -2.78 25.72 -29.20
N PHE D 35 -1.67 25.51 -29.90
CA PHE D 35 -1.51 24.35 -30.76
C PHE D 35 -1.72 23.07 -29.97
N ASN D 36 -1.15 23.01 -28.76
CA ASN D 36 -1.33 21.80 -27.95
C ASN D 36 -2.79 21.63 -27.57
N ARG D 37 -3.45 22.71 -27.19
CA ARG D 37 -4.86 22.61 -26.84
C ARG D 37 -5.66 22.07 -28.01
N LEU D 38 -5.37 22.55 -29.23
CA LEU D 38 -6.14 22.20 -30.41
C LEU D 38 -5.87 20.79 -30.90
N THR D 39 -4.70 20.23 -30.63
CA THR D 39 -4.34 18.91 -31.14
C THR D 39 -4.25 17.86 -30.03
N ARG D 40 -4.74 18.16 -28.83
CA ARG D 40 -4.63 17.25 -27.69
C ARG D 40 -5.52 16.03 -27.86
N THR D 41 -4.96 14.84 -27.58
CA THR D 41 -5.71 13.59 -27.54
C THR D 41 -5.65 13.02 -26.13
N LYS D 42 -6.73 12.36 -25.70
CA LYS D 42 -6.75 11.75 -24.37
C LYS D 42 -5.70 10.64 -24.27
N ASP D 43 -5.53 9.86 -25.34
CA ASP D 43 -4.50 8.83 -25.40
C ASP D 43 -3.13 9.47 -25.55
N HIS D 47 3.84 7.04 -30.70
CA HIS D 47 4.08 6.65 -29.31
C HIS D 47 5.35 7.30 -28.78
N ASP D 48 5.59 7.15 -27.47
CA ASP D 48 6.71 7.85 -26.85
C ASP D 48 7.26 7.03 -25.70
N LEU D 49 8.50 7.33 -25.35
CA LEU D 49 9.43 6.76 -24.38
C LEU D 49 9.40 7.56 -23.07
N PRO D 50 9.90 6.99 -21.98
CA PRO D 50 9.82 7.71 -20.69
C PRO D 50 10.76 8.91 -20.65
N GLY D 51 10.24 10.03 -20.16
CA GLY D 51 11.02 11.22 -20.03
C GLY D 51 11.09 12.09 -21.26
N LEU D 52 10.60 11.61 -22.40
CA LEU D 52 10.67 12.35 -23.65
C LEU D 52 9.30 12.85 -24.06
N THR D 53 9.29 13.96 -24.77
CA THR D 53 8.08 14.51 -25.36
C THR D 53 8.37 14.83 -26.81
N ARG D 54 7.47 14.39 -27.69
CA ARG D 54 7.71 14.52 -29.12
C ARG D 54 7.35 15.92 -29.58
N ASP D 55 8.27 16.60 -30.27
CA ASP D 55 7.99 17.93 -30.78
C ASP D 55 7.00 17.85 -31.93
N ARG D 56 6.00 18.72 -31.92
CA ARG D 56 5.02 18.79 -33.00
C ARG D 56 4.76 20.25 -33.26
N HIS D 57 4.96 20.72 -34.48
CA HIS D 57 4.47 22.04 -34.82
C HIS D 57 3.47 22.00 -35.96
N TYR D 58 3.05 20.81 -36.40
CA TYR D 58 1.90 20.67 -37.28
C TYR D 58 1.23 19.35 -36.98
N GLY D 59 -0.09 19.34 -37.06
CA GLY D 59 -0.81 18.13 -36.73
C GLY D 59 -2.28 18.24 -37.03
N HIS D 60 -3.02 17.26 -36.52
CA HIS D 60 -4.45 17.14 -36.75
C HIS D 60 -5.23 17.88 -35.67
N GLY D 61 -6.19 18.70 -36.11
CA GLY D 61 -7.05 19.39 -35.16
C GLY D 61 -8.02 18.41 -34.49
N LYS D 62 -8.13 18.51 -33.17
CA LYS D 62 -9.02 17.68 -32.39
C LYS D 62 -10.16 18.47 -31.74
N VAL D 63 -10.02 19.78 -31.63
CA VAL D 63 -11.08 20.66 -31.14
C VAL D 63 -11.84 21.18 -32.35
N GLY D 64 -13.13 20.85 -32.44
CA GLY D 64 -13.98 21.31 -33.52
C GLY D 64 -14.80 20.18 -34.10
N SER D 65 -15.78 20.57 -34.92
CA SER D 65 -16.73 19.62 -35.47
C SER D 65 -16.26 18.96 -36.76
N LYS D 66 -15.34 19.60 -37.48
CA LYS D 66 -14.73 19.12 -38.70
C LYS D 66 -13.28 18.78 -38.45
N PRO D 67 -12.67 17.93 -39.28
CA PRO D 67 -11.21 17.77 -39.22
C PRO D 67 -10.52 18.92 -39.94
N TYR D 68 -9.27 19.17 -39.54
CA TYR D 68 -8.44 20.21 -40.12
C TYR D 68 -7.01 20.00 -39.65
N PHE D 69 -6.06 20.61 -40.36
CA PHE D 69 -4.66 20.59 -39.97
C PHE D 69 -4.31 21.92 -39.30
N VAL D 70 -3.35 21.88 -38.38
CA VAL D 70 -2.90 23.10 -37.71
C VAL D 70 -1.38 23.17 -37.81
N ILE D 71 -0.84 24.35 -38.09
CA ILE D 71 0.59 24.60 -38.12
C ILE D 71 0.90 25.68 -37.11
N ASP D 72 1.84 25.40 -36.21
CA ASP D 72 2.35 26.48 -35.36
C ASP D 72 3.60 27.02 -36.03
N THR D 73 3.49 28.17 -36.69
CA THR D 73 4.67 28.66 -37.39
C THR D 73 5.77 29.09 -36.43
N GLY D 74 5.48 29.14 -35.12
CA GLY D 74 6.56 29.30 -34.17
C GLY D 74 7.58 28.20 -34.23
N GLY D 75 7.19 27.03 -34.74
CA GLY D 75 8.07 25.88 -34.87
C GLY D 75 9.08 25.96 -35.98
N PHE D 76 9.10 27.04 -36.76
CA PHE D 76 10.09 27.27 -37.80
C PHE D 76 11.25 28.16 -37.36
N GLU D 77 10.95 29.20 -36.58
CA GLU D 77 11.83 30.37 -36.40
C GLU D 77 13.19 30.16 -35.71
N MET D 88 9.02 38.57 -40.49
CA MET D 88 8.61 37.17 -40.44
C MET D 88 9.64 36.26 -41.17
N ALA D 89 9.36 34.97 -41.25
CA ALA D 89 10.28 33.98 -41.79
C ALA D 89 9.78 33.44 -43.14
N LYS D 90 10.71 32.89 -43.92
CA LYS D 90 10.36 32.35 -45.23
C LYS D 90 9.29 31.27 -45.10
N GLN D 91 9.53 30.26 -44.26
CA GLN D 91 8.52 29.21 -44.13
C GLN D 91 7.22 29.76 -43.56
N THR D 92 7.29 30.80 -42.74
CA THR D 92 6.09 31.39 -42.20
C THR D 92 5.30 32.12 -43.27
N LEU D 93 5.99 32.83 -44.17
CA LEU D 93 5.28 33.48 -45.27
C LEU D 93 4.64 32.45 -46.19
N GLN D 94 5.31 31.33 -46.41
CA GLN D 94 4.71 30.28 -47.23
C GLN D 94 3.41 29.77 -46.61
N ALA D 95 3.41 29.57 -45.29
CA ALA D 95 2.17 29.13 -44.63
C ALA D 95 1.06 30.13 -44.84
N VAL D 96 1.38 31.42 -44.82
CA VAL D 96 0.37 32.43 -45.04
C VAL D 96 -0.21 32.31 -46.44
N ASP D 97 0.64 32.07 -47.44
CA ASP D 97 0.17 31.91 -48.81
C ASP D 97 -0.64 30.62 -48.96
N GLU D 98 -0.21 29.54 -48.29
CA GLU D 98 -0.73 28.20 -48.54
C GLU D 98 -1.80 27.74 -47.55
N ALA D 99 -1.84 28.30 -46.35
CA ALA D 99 -2.89 27.83 -45.47
C ALA D 99 -4.24 28.27 -46.00
N ASP D 100 -5.27 27.55 -45.60
CA ASP D 100 -6.62 27.96 -45.93
C ASP D 100 -7.08 29.12 -45.08
N ALA D 101 -6.46 29.33 -43.92
CA ALA D 101 -6.77 30.45 -43.04
C ALA D 101 -5.62 30.61 -42.07
N VAL D 102 -5.49 31.82 -41.54
CA VAL D 102 -4.46 32.17 -40.56
C VAL D 102 -5.12 32.69 -39.28
N VAL D 103 -4.63 32.25 -38.13
CA VAL D 103 -4.96 32.88 -36.85
C VAL D 103 -3.75 33.69 -36.40
N PHE D 104 -3.97 34.97 -36.15
CA PHE D 104 -2.93 35.90 -35.71
C PHE D 104 -3.09 36.09 -34.22
N LEU D 105 -2.17 35.54 -33.45
CA LEU D 105 -2.26 35.58 -32.00
C LEU D 105 -1.47 36.76 -31.45
N VAL D 106 -2.10 37.56 -30.57
CA VAL D 106 -1.41 38.68 -29.95
C VAL D 106 -1.64 38.67 -28.45
N ASP D 107 -0.77 39.37 -27.72
CA ASP D 107 -0.81 39.42 -26.27
C ASP D 107 -1.67 40.60 -25.88
N GLY D 108 -2.89 40.33 -25.42
CA GLY D 108 -3.83 41.39 -25.10
C GLY D 108 -3.55 42.11 -23.79
N ARG D 109 -2.76 41.50 -22.92
CA ARG D 109 -2.51 42.07 -21.61
C ARG D 109 -1.61 43.29 -21.66
N THR D 110 -0.60 43.28 -22.53
CA THR D 110 0.42 44.33 -22.53
C THR D 110 -0.12 45.65 -23.02
N GLY D 111 -0.81 45.63 -24.14
CA GLY D 111 -0.92 46.76 -25.03
C GLY D 111 -0.38 46.24 -26.34
N LEU D 112 0.01 47.10 -27.28
CA LEU D 112 0.30 46.63 -28.64
C LEU D 112 1.74 46.95 -29.04
N THR D 113 2.53 45.91 -29.32
CA THR D 113 3.91 46.14 -29.69
C THR D 113 4.02 46.56 -31.16
N PRO D 114 5.08 47.30 -31.51
CA PRO D 114 5.29 47.65 -32.93
C PRO D 114 5.54 46.45 -33.85
N GLN D 115 6.15 45.37 -33.36
CA GLN D 115 6.28 44.18 -34.21
C GLN D 115 4.91 43.66 -34.64
N ASP D 116 3.95 43.63 -33.72
CA ASP D 116 2.62 43.14 -34.04
C ASP D 116 2.01 43.95 -35.16
N LYS D 117 2.24 45.26 -35.18
CA LYS D 117 1.66 46.08 -36.24
C LYS D 117 2.29 45.76 -37.59
N ILE D 118 3.57 45.40 -37.60
CA ILE D 118 4.21 45.01 -38.85
C ILE D 118 3.55 43.75 -39.42
N ILE D 119 3.39 42.72 -38.59
CA ILE D 119 2.76 41.48 -39.03
C ILE D 119 1.35 41.76 -39.52
N ALA D 120 0.60 42.59 -38.80
CA ALA D 120 -0.76 42.91 -39.25
C ALA D 120 -0.76 43.54 -40.62
N ASP D 121 0.26 44.34 -40.93
CA ASP D 121 0.30 44.99 -42.24
C ASP D 121 0.42 43.96 -43.35
N ARG D 122 1.19 42.90 -43.11
CA ARG D 122 1.34 41.86 -44.12
C ARG D 122 0.10 40.97 -44.19
N LEU D 123 -0.48 40.61 -43.04
CA LEU D 123 -1.64 39.72 -43.08
C LEU D 123 -2.85 40.38 -43.72
N ARG D 124 -3.02 41.70 -43.57
CA ARG D 124 -4.22 42.36 -44.10
C ARG D 124 -4.33 42.18 -45.60
N GLN D 125 -3.19 42.00 -46.28
CA GLN D 125 -3.12 41.74 -47.71
C GLN D 125 -3.60 40.35 -48.11
N SER D 126 -3.80 39.43 -47.17
CA SER D 126 -4.13 38.07 -47.52
C SER D 126 -5.50 37.98 -48.19
N PRO D 127 -5.63 37.29 -49.32
CA PRO D 127 -6.96 37.05 -49.89
C PRO D 127 -7.75 35.98 -49.17
N ARG D 128 -7.17 35.36 -48.15
CA ARG D 128 -7.75 34.27 -47.39
C ARG D 128 -8.06 34.73 -45.97
N PRO D 129 -8.90 34.00 -45.24
CA PRO D 129 -9.30 34.45 -43.89
C PRO D 129 -8.13 34.68 -42.95
N VAL D 130 -8.21 35.76 -42.19
CA VAL D 130 -7.25 36.08 -41.15
C VAL D 130 -8.03 36.44 -39.89
N TYR D 131 -7.88 35.64 -38.84
CA TYR D 131 -8.58 35.88 -37.58
C TYR D 131 -7.60 36.44 -36.55
N LEU D 132 -7.97 37.57 -35.97
CA LEU D 132 -7.19 38.24 -34.93
C LEU D 132 -7.62 37.70 -33.59
N ALA D 133 -6.73 36.97 -32.92
CA ALA D 133 -7.03 36.40 -31.61
C ALA D 133 -6.25 37.16 -30.54
N VAL D 134 -6.98 37.83 -29.66
CA VAL D 134 -6.40 38.62 -28.58
C VAL D 134 -6.33 37.70 -27.36
N ASN D 135 -5.13 37.23 -27.03
CA ASN D 135 -4.98 36.08 -26.16
C ASN D 135 -4.92 36.45 -24.69
N LYS D 136 -4.99 35.39 -23.87
CA LYS D 136 -4.79 35.38 -22.41
C LYS D 136 -5.84 36.21 -21.65
N GLY D 137 -7.09 36.12 -22.12
CA GLY D 137 -8.23 36.75 -21.48
C GLY D 137 -9.07 35.79 -20.67
N GLU D 138 -8.56 35.38 -19.50
CA GLU D 138 -9.25 34.43 -18.62
C GLU D 138 -9.84 35.18 -17.44
N GLY D 139 -11.16 35.34 -17.45
CA GLY D 139 -11.79 36.36 -16.63
C GLY D 139 -11.56 37.73 -17.20
N GLY D 140 -11.38 37.85 -18.51
CA GLY D 140 -11.10 39.12 -19.13
C GLY D 140 -12.22 39.61 -20.01
N ASP D 141 -12.83 40.72 -19.62
CA ASP D 141 -13.87 41.41 -20.39
C ASP D 141 -13.60 41.36 -21.89
N ARG D 142 -14.36 40.53 -22.62
CA ARG D 142 -14.20 40.37 -24.07
C ARG D 142 -14.65 41.60 -24.87
N ALA D 143 -15.14 42.65 -24.20
CA ALA D 143 -15.57 43.90 -24.83
C ALA D 143 -14.47 44.96 -24.80
N VAL D 144 -13.82 45.16 -23.65
CA VAL D 144 -12.77 46.19 -23.53
C VAL D 144 -11.59 45.84 -24.43
N LEU D 145 -11.29 44.56 -24.54
CA LEU D 145 -10.19 44.16 -25.40
C LEU D 145 -10.51 44.32 -26.91
N ALA D 146 -11.65 44.92 -27.30
CA ALA D 146 -11.96 45.16 -28.70
C ALA D 146 -11.68 46.58 -29.21
N ALA D 147 -11.43 47.55 -28.33
CA ALA D 147 -11.26 48.93 -28.82
C ALA D 147 -9.85 49.22 -29.31
N GLU D 148 -8.83 48.89 -28.50
CA GLU D 148 -7.45 49.16 -28.90
C GLU D 148 -7.10 48.47 -30.22
N PHE D 149 -7.59 47.24 -30.39
CA PHE D 149 -7.14 46.32 -31.42
C PHE D 149 -7.91 46.43 -32.73
N TYR D 150 -8.97 47.23 -32.78
CA TYR D 150 -9.62 47.48 -34.07
C TYR D 150 -8.74 48.28 -35.01
N GLU D 151 -7.78 49.04 -34.49
CA GLU D 151 -6.89 49.83 -35.35
C GLU D 151 -6.03 48.96 -36.24
N LEU D 152 -5.89 47.67 -35.94
CA LEU D 152 -5.12 46.80 -36.81
C LEU D 152 -5.83 46.53 -38.12
N ALA D 153 -7.12 46.89 -38.19
CA ALA D 153 -7.93 46.74 -39.40
C ALA D 153 -7.90 45.30 -39.91
N LEU D 154 -7.98 44.34 -38.99
CA LEU D 154 -8.10 42.93 -39.37
C LEU D 154 -9.46 42.36 -39.01
N GLY D 155 -10.44 43.20 -38.72
CA GLY D 155 -11.76 42.73 -38.36
C GLY D 155 -11.98 42.57 -36.86
N GLU D 156 -13.04 41.83 -36.54
CA GLU D 156 -13.47 41.63 -35.17
C GLU D 156 -12.39 40.85 -34.41
N PRO D 157 -11.86 41.41 -33.32
CA PRO D 157 -10.91 40.63 -32.51
C PRO D 157 -11.65 39.58 -31.73
N HIS D 158 -11.07 38.40 -31.66
CA HIS D 158 -11.62 37.32 -30.87
C HIS D 158 -10.80 37.23 -29.58
N VAL D 159 -11.40 37.66 -28.48
CA VAL D 159 -10.73 37.52 -27.19
C VAL D 159 -10.81 36.07 -26.76
N ILE D 160 -9.65 35.44 -26.53
CA ILE D 160 -9.58 34.06 -26.09
C ILE D 160 -8.57 33.93 -24.97
N SER D 161 -8.43 32.71 -24.47
CA SER D 161 -7.36 32.34 -23.52
C SER D 161 -6.96 30.91 -23.89
N GLY D 162 -5.89 30.79 -24.69
CA GLY D 162 -5.48 29.48 -25.17
C GLY D 162 -5.17 28.52 -24.05
N ALA D 163 -4.60 29.04 -22.96
CA ALA D 163 -4.28 28.21 -21.81
C ALA D 163 -5.54 27.55 -21.25
N HIS D 164 -6.56 28.36 -20.94
CA HIS D 164 -7.74 27.84 -20.26
C HIS D 164 -8.86 27.42 -21.21
N GLY D 165 -8.86 27.92 -22.44
CA GLY D 165 -9.82 27.47 -23.44
C GLY D 165 -10.99 28.41 -23.67
N ASP D 166 -11.13 29.46 -22.87
CA ASP D 166 -12.19 30.45 -23.05
C ASP D 166 -12.25 30.94 -24.50
N GLY D 167 -13.34 30.66 -25.20
CA GLY D 167 -13.52 31.19 -26.53
C GLY D 167 -12.76 30.51 -27.64
N VAL D 168 -11.90 29.52 -27.34
CA VAL D 168 -11.17 28.82 -28.38
C VAL D 168 -12.12 28.00 -29.24
N TYR D 169 -13.01 27.25 -28.59
CA TYR D 169 -13.94 26.44 -29.39
C TYR D 169 -14.78 27.33 -30.30
N TYR D 170 -15.26 28.46 -29.79
CA TYR D 170 -16.07 29.33 -30.63
C TYR D 170 -15.23 29.91 -31.77
N LEU D 171 -13.96 30.24 -31.51
CA LEU D 171 -13.09 30.74 -32.58
C LEU D 171 -12.92 29.70 -33.68
N ILE D 172 -12.60 28.47 -33.31
CA ILE D 172 -12.36 27.45 -34.32
C ILE D 172 -13.62 27.22 -35.13
N GLU D 173 -14.76 27.15 -34.45
CA GLU D 173 -16.00 26.81 -35.13
C GLU D 173 -16.38 27.83 -36.18
N GLU D 174 -16.03 29.11 -35.94
CA GLU D 174 -16.24 30.13 -36.95
C GLU D 174 -15.25 29.99 -38.10
N ILE D 175 -14.02 29.57 -37.83
CA ILE D 175 -13.09 29.33 -38.92
C ILE D 175 -13.58 28.19 -39.80
N LEU D 176 -14.12 27.14 -39.18
CA LEU D 176 -14.52 25.98 -39.94
C LEU D 176 -15.86 26.16 -40.66
N GLU D 177 -16.65 27.17 -40.27
CA GLU D 177 -17.92 27.42 -40.94
C GLU D 177 -17.73 27.92 -42.37
N ASN D 178 -16.50 28.21 -42.79
CA ASN D 178 -16.25 28.54 -44.19
C ASN D 178 -16.24 27.28 -45.04
N PHE D 179 -15.38 26.33 -44.71
CA PHE D 179 -15.14 25.17 -45.55
C PHE D 179 -16.16 24.08 -45.25
N PRO D 180 -17.00 23.69 -46.21
CA PRO D 180 -17.97 22.63 -45.96
C PRO D 180 -17.38 21.25 -46.15
N GLU D 181 -17.88 20.31 -45.35
CA GLU D 181 -17.37 18.93 -45.38
C GLU D 181 -18.15 18.09 -46.40
N ALA D 187 -14.85 7.15 -49.27
CA ALA D 187 -14.73 5.95 -50.10
C ALA D 187 -13.27 5.49 -50.21
N ASP D 188 -13.04 4.20 -49.99
CA ASP D 188 -11.70 3.62 -50.07
C ASP D 188 -11.43 3.18 -51.50
N ALA D 189 -10.28 3.58 -52.04
CA ALA D 189 -9.86 3.12 -53.36
C ALA D 189 -9.56 1.64 -53.31
N LYS D 190 -9.86 0.94 -54.41
CA LYS D 190 -9.69 -0.50 -54.34
C LYS D 190 -8.24 -0.95 -54.51
N HIS D 191 -7.30 -0.04 -54.70
CA HIS D 191 -5.91 -0.38 -54.97
C HIS D 191 -5.01 0.64 -54.27
N PRO D 192 -3.71 0.32 -54.10
CA PRO D 192 -2.85 1.23 -53.34
C PRO D 192 -2.68 2.56 -54.06
N VAL D 193 -2.89 3.64 -53.33
CA VAL D 193 -2.61 4.97 -53.84
C VAL D 193 -1.56 5.56 -52.92
N PHE D 194 -0.32 5.67 -53.40
CA PHE D 194 0.78 6.01 -52.50
C PHE D 194 1.45 7.33 -52.83
N ALA D 195 1.91 7.98 -51.77
CA ALA D 195 2.59 9.27 -51.85
C ALA D 195 4.00 9.07 -51.36
N VAL D 196 4.97 9.61 -52.10
CA VAL D 196 6.36 9.60 -51.70
C VAL D 196 6.57 10.86 -50.86
N ILE D 197 7.02 10.70 -49.62
CA ILE D 197 7.13 11.83 -48.71
C ILE D 197 8.49 11.80 -48.05
N GLY D 198 8.87 12.94 -47.44
CA GLY D 198 10.16 12.99 -46.78
C GLY D 198 10.83 14.34 -46.95
N ARG D 199 11.93 14.55 -46.21
CA ARG D 199 12.75 15.76 -46.19
C ARG D 199 13.20 16.16 -47.59
N PRO D 200 13.53 17.43 -47.81
CA PRO D 200 14.18 17.80 -49.07
C PRO D 200 15.52 17.10 -49.22
N ASN D 201 15.82 16.72 -50.45
CA ASN D 201 17.11 16.21 -50.91
C ASN D 201 17.35 14.74 -50.60
N VAL D 202 16.34 13.99 -50.14
CA VAL D 202 16.58 12.57 -49.84
C VAL D 202 16.44 11.70 -51.09
N GLY D 203 15.83 12.19 -52.16
CA GLY D 203 15.79 11.44 -53.39
C GLY D 203 14.41 11.12 -53.90
N LYS D 204 13.39 11.84 -53.41
CA LYS D 204 12.00 11.53 -53.76
C LYS D 204 11.77 11.57 -55.28
N SER D 205 12.24 12.63 -55.94
CA SER D 205 12.03 12.74 -57.39
C SER D 205 12.72 11.62 -58.12
N THR D 206 13.96 11.30 -57.74
CA THR D 206 14.64 10.19 -58.38
C THR D 206 13.85 8.91 -58.17
N LEU D 207 13.33 8.70 -56.96
CA LEU D 207 12.55 7.50 -56.70
C LEU D 207 11.26 7.46 -57.52
N VAL D 208 10.59 8.61 -57.67
CA VAL D 208 9.34 8.64 -58.44
C VAL D 208 9.61 8.28 -59.90
N ASN D 209 10.65 8.87 -60.50
CA ASN D 209 11.00 8.51 -61.87
C ASN D 209 11.48 7.06 -61.96
N ALA D 210 12.26 6.61 -60.98
CA ALA D 210 12.71 5.23 -61.00
C ALA D 210 11.51 4.28 -60.95
N ILE D 211 10.51 4.62 -60.14
CA ILE D 211 9.33 3.78 -60.00
C ILE D 211 8.55 3.74 -61.31
N LEU D 212 8.34 4.90 -61.93
CA LEU D 212 7.58 4.94 -63.18
C LEU D 212 8.37 4.35 -64.35
N GLY D 213 9.67 4.19 -64.20
CA GLY D 213 10.51 3.66 -65.26
C GLY D 213 11.03 2.27 -65.05
N GLU D 214 10.59 1.55 -64.01
CA GLU D 214 11.06 0.19 -63.82
C GLU D 214 10.56 -0.66 -64.98
N LYS D 215 11.25 -1.79 -65.24
CA LYS D 215 11.01 -2.56 -66.46
C LYS D 215 9.58 -3.06 -66.54
N ARG D 216 9.02 -3.50 -65.41
CA ARG D 216 7.72 -4.15 -65.36
C ARG D 216 6.55 -3.18 -65.22
N VAL D 217 6.81 -1.86 -65.22
CA VAL D 217 5.77 -0.84 -65.04
C VAL D 217 5.22 -0.41 -66.39
N ILE D 218 3.88 -0.39 -66.51
CA ILE D 218 3.13 0.11 -67.67
C ILE D 218 2.36 1.36 -67.26
N ALA D 219 2.88 2.55 -67.58
CA ALA D 219 2.26 3.80 -67.15
C ALA D 219 1.17 4.25 -68.13
N PHE D 220 -0.05 4.47 -67.60
CA PHE D 220 -1.22 4.87 -68.37
C PHE D 220 -1.47 6.36 -68.17
N ASP D 221 -1.42 7.14 -69.25
CA ASP D 221 -1.52 8.59 -69.14
C ASP D 221 -2.96 9.09 -69.24
N ILE D 230 -3.76 15.07 -60.69
CA ILE D 230 -2.71 14.94 -59.69
C ILE D 230 -2.40 13.47 -59.32
N HIS D 231 -3.10 12.53 -59.96
CA HIS D 231 -2.88 11.10 -59.78
C HIS D 231 -2.24 10.51 -61.04
N ILE D 232 -1.19 9.71 -60.89
CA ILE D 232 -0.62 9.00 -62.03
C ILE D 232 -0.96 7.53 -61.86
N ASP D 233 -1.88 7.05 -62.68
CA ASP D 233 -2.30 5.66 -62.66
C ASP D 233 -1.35 4.81 -63.50
N PHE D 234 -0.97 3.65 -62.98
CA PHE D 234 -0.14 2.73 -63.73
C PHE D 234 -0.41 1.30 -63.28
N GLU D 235 0.20 0.35 -64.00
CA GLU D 235 0.04 -1.06 -63.69
C GLU D 235 1.39 -1.77 -63.73
N ARG D 236 1.55 -2.77 -62.84
CA ARG D 236 2.76 -3.56 -62.76
C ARG D 236 2.36 -5.00 -62.50
N GLU D 237 2.79 -5.91 -63.38
CA GLU D 237 2.45 -7.33 -63.31
C GLU D 237 0.94 -7.56 -63.30
N GLY D 238 0.19 -6.70 -63.99
CA GLY D 238 -1.24 -6.83 -64.11
C GLY D 238 -2.06 -6.06 -63.08
N LYS D 239 -1.49 -5.77 -61.90
CA LYS D 239 -2.17 -5.12 -60.78
C LYS D 239 -2.10 -3.59 -60.90
N PRO D 240 -3.16 -2.87 -60.53
CA PRO D 240 -3.16 -1.40 -60.62
C PRO D 240 -2.57 -0.70 -59.41
N PHE D 241 -1.97 0.46 -59.66
CA PHE D 241 -1.39 1.30 -58.64
C PHE D 241 -1.67 2.75 -58.99
N THR D 242 -1.59 3.61 -57.98
CA THR D 242 -1.66 5.03 -58.27
C THR D 242 -0.62 5.75 -57.46
N ILE D 243 0.19 6.55 -58.12
CA ILE D 243 1.18 7.36 -57.44
C ILE D 243 0.72 8.81 -57.48
N ILE D 244 1.01 9.53 -56.40
CA ILE D 244 0.65 10.92 -56.22
C ILE D 244 1.90 11.77 -56.32
N ASP D 245 1.89 12.80 -57.17
CA ASP D 245 2.80 13.94 -56.96
C ASP D 245 1.96 15.20 -56.83
N THR D 246 2.09 15.88 -55.67
CA THR D 246 1.37 17.14 -55.41
C THR D 246 1.95 18.31 -56.20
N PHE D 262 10.39 23.44 -49.99
CA PHE D 262 9.64 22.43 -49.23
C PHE D 262 8.42 23.05 -48.57
N SER D 263 7.29 22.34 -48.61
CA SER D 263 6.07 22.87 -48.02
C SER D 263 5.47 21.81 -47.11
N VAL D 264 5.45 22.11 -45.82
CA VAL D 264 4.74 21.29 -44.84
C VAL D 264 3.29 21.06 -45.26
N ILE D 265 2.61 22.12 -45.72
CA ILE D 265 1.21 21.94 -46.10
C ILE D 265 1.08 20.99 -47.26
N LYS D 266 1.94 21.11 -48.26
CA LYS D 266 1.83 20.17 -49.37
C LYS D 266 2.13 18.75 -48.90
N ALA D 267 3.04 18.60 -47.93
CA ALA D 267 3.38 17.29 -47.42
C ALA D 267 2.24 16.69 -46.61
N MET D 268 1.58 17.48 -45.77
CA MET D 268 0.41 16.98 -45.08
C MET D 268 -0.65 16.57 -46.07
N GLN D 269 -0.77 17.33 -47.14
CA GLN D 269 -1.76 17.02 -48.15
C GLN D 269 -1.39 15.75 -48.91
N ALA D 270 -0.09 15.50 -49.13
CA ALA D 270 0.30 14.24 -49.77
C ALA D 270 -0.17 13.05 -48.93
N VAL D 271 0.08 13.11 -47.62
CA VAL D 271 -0.38 12.05 -46.75
C VAL D 271 -1.90 11.96 -46.83
N GLU D 272 -2.57 13.10 -46.82
CA GLU D 272 -4.02 13.09 -46.81
C GLU D 272 -4.58 12.41 -48.05
N ALA D 273 -3.90 12.56 -49.18
CA ALA D 273 -4.46 12.03 -50.41
C ALA D 273 -4.21 10.55 -50.57
N ALA D 274 -3.36 9.94 -49.76
CA ALA D 274 -2.90 8.59 -50.03
C ALA D 274 -3.51 7.59 -49.07
N ASN D 275 -3.46 6.30 -49.43
CA ASN D 275 -3.70 5.26 -48.46
C ASN D 275 -2.43 4.49 -48.12
N VAL D 276 -1.32 4.76 -48.80
CA VAL D 276 0.00 4.28 -48.39
C VAL D 276 0.99 5.44 -48.57
N ALA D 277 1.94 5.57 -47.67
CA ALA D 277 3.00 6.55 -47.81
C ALA D 277 4.34 5.86 -47.90
N VAL D 278 5.16 6.29 -48.84
CA VAL D 278 6.54 5.82 -48.90
C VAL D 278 7.39 6.94 -48.29
N LEU D 279 7.94 6.70 -47.10
CA LEU D 279 8.81 7.67 -46.46
C LEU D 279 10.23 7.38 -46.92
N VAL D 280 10.88 8.36 -47.54
CA VAL D 280 12.23 8.20 -48.10
C VAL D 280 13.22 8.85 -47.16
N LEU D 281 14.31 8.13 -46.84
CA LEU D 281 15.34 8.69 -45.97
C LEU D 281 16.68 8.74 -46.68
N ASP D 282 17.47 9.75 -46.37
CA ASP D 282 18.81 9.88 -46.89
C ASP D 282 19.71 9.11 -45.95
N ALA D 283 20.15 7.93 -46.37
CA ALA D 283 21.01 7.12 -45.51
C ALA D 283 22.37 7.74 -45.31
N GLN D 284 22.77 8.69 -46.14
CA GLN D 284 24.09 9.28 -45.99
C GLN D 284 24.15 10.37 -44.93
N GLN D 285 23.05 10.63 -44.23
CA GLN D 285 23.02 11.62 -43.18
C GLN D 285 22.38 11.04 -41.95
N ASP D 286 22.66 11.64 -40.80
CA ASP D 286 21.95 11.24 -39.61
C ASP D 286 20.48 11.54 -39.78
N ILE D 287 19.65 10.69 -39.19
CA ILE D 287 18.23 10.97 -39.18
C ILE D 287 18.00 12.30 -38.49
N ALA D 288 17.25 13.18 -39.15
CA ALA D 288 17.04 14.53 -38.68
C ALA D 288 15.66 14.71 -38.06
N ASP D 289 15.54 15.78 -37.28
CA ASP D 289 14.24 16.16 -36.73
C ASP D 289 13.15 16.16 -37.78
N GLN D 290 13.45 16.66 -38.97
CA GLN D 290 12.41 16.78 -39.97
C GLN D 290 11.99 15.42 -40.49
N ASP D 291 12.96 14.49 -40.63
CA ASP D 291 12.61 13.10 -40.89
C ASP D 291 11.63 12.62 -39.85
N ALA D 292 11.89 12.93 -38.59
CA ALA D 292 11.07 12.39 -37.54
C ALA D 292 9.70 13.09 -37.47
N THR D 293 9.63 14.41 -37.72
CA THR D 293 8.29 15.00 -37.62
C THR D 293 7.41 14.64 -38.80
N ILE D 294 7.98 14.51 -40.00
CA ILE D 294 7.19 14.02 -41.13
C ILE D 294 6.66 12.63 -40.83
N ALA D 295 7.54 11.74 -40.39
CA ALA D 295 7.10 10.39 -40.04
C ALA D 295 6.04 10.45 -38.94
N GLY D 296 6.29 11.25 -37.90
CA GLY D 296 5.33 11.38 -36.82
C GLY D 296 3.97 11.82 -37.32
N PHE D 297 3.95 12.75 -38.28
CA PHE D 297 2.67 13.20 -38.82
C PHE D 297 1.95 12.06 -39.50
N ALA D 298 2.67 11.29 -40.32
CA ALA D 298 2.07 10.13 -41.00
C ALA D 298 1.49 9.14 -40.00
N LEU D 299 2.22 8.87 -38.91
CA LEU D 299 1.72 7.95 -37.89
C LEU D 299 0.44 8.48 -37.24
N GLU D 300 0.41 9.77 -36.90
CA GLU D 300 -0.81 10.31 -36.30
C GLU D 300 -1.97 10.20 -37.27
N ALA D 301 -1.70 10.24 -38.56
CA ALA D 301 -2.77 10.04 -39.51
C ALA D 301 -3.14 8.57 -39.63
N GLY D 302 -2.40 7.67 -39.00
CA GLY D 302 -2.67 6.26 -39.20
C GLY D 302 -2.42 5.79 -40.62
N ARG D 303 -1.63 6.53 -41.39
CA ARG D 303 -1.37 6.19 -42.78
C ARG D 303 -0.54 4.93 -42.87
N ALA D 304 -0.93 3.98 -43.73
CA ALA D 304 -0.07 2.83 -44.00
C ALA D 304 1.29 3.33 -44.50
N LEU D 305 2.33 2.54 -44.25
CA LEU D 305 3.66 3.10 -44.44
C LEU D 305 4.65 2.05 -44.94
N VAL D 306 5.48 2.45 -45.88
CA VAL D 306 6.68 1.73 -46.28
C VAL D 306 7.83 2.73 -46.24
N VAL D 307 8.98 2.29 -45.72
CA VAL D 307 10.13 3.17 -45.51
C VAL D 307 11.21 2.77 -46.51
N ALA D 308 11.66 3.72 -47.31
CA ALA D 308 12.72 3.44 -48.28
C ALA D 308 13.97 4.15 -47.80
N VAL D 309 14.91 3.38 -47.26
CA VAL D 309 16.18 3.94 -46.86
C VAL D 309 16.98 4.09 -48.15
N ASN D 310 17.16 5.32 -48.61
CA ASN D 310 17.71 5.61 -49.93
C ASN D 310 19.18 6.04 -49.84
N LYS D 311 19.81 6.09 -51.02
CA LYS D 311 21.23 6.40 -51.17
C LYS D 311 22.10 5.33 -50.51
N TRP D 312 21.60 4.09 -50.50
CA TRP D 312 22.33 2.95 -49.97
C TRP D 312 23.59 2.65 -50.78
N ASP D 313 23.67 3.14 -52.02
CA ASP D 313 24.86 2.90 -52.84
C ASP D 313 26.11 3.53 -52.25
N GLY D 314 25.98 4.58 -51.43
CA GLY D 314 27.14 5.24 -50.85
C GLY D 314 27.75 4.56 -49.65
N ILE D 315 26.97 3.76 -48.92
CA ILE D 315 27.42 3.19 -47.64
C ILE D 315 28.31 1.98 -47.87
N SER D 316 29.51 2.01 -47.28
CA SER D 316 30.38 0.84 -47.21
C SER D 316 29.83 -0.21 -46.24
N GLU D 317 30.35 -1.43 -46.35
CA GLU D 317 29.79 -2.54 -45.59
C GLU D 317 29.96 -2.35 -44.09
N GLU D 318 31.15 -1.96 -43.64
CA GLU D 318 31.40 -1.69 -42.22
C GLU D 318 30.37 -0.70 -41.67
N ARG D 319 30.13 0.40 -42.40
CA ARG D 319 29.19 1.42 -41.96
C ARG D 319 27.74 0.97 -42.03
N ARG D 320 27.44 -0.17 -42.66
CA ARG D 320 26.04 -0.47 -42.96
C ARG D 320 25.28 -0.85 -41.70
N GLU D 321 25.87 -1.67 -40.84
CA GLU D 321 25.18 -1.99 -39.60
C GLU D 321 25.11 -0.78 -38.69
N GLN D 322 26.18 0.02 -38.64
CA GLN D 322 26.13 1.26 -37.87
C GLN D 322 24.98 2.14 -38.32
N VAL D 323 24.55 2.03 -39.59
CA VAL D 323 23.48 2.88 -40.08
C VAL D 323 22.12 2.24 -39.87
N LYS D 324 22.00 0.93 -40.09
CA LYS D 324 20.74 0.26 -39.75
C LYS D 324 20.42 0.42 -38.27
N ARG D 325 21.37 0.10 -37.39
CA ARG D 325 21.16 0.25 -35.96
C ARG D 325 20.79 1.67 -35.61
N ASP D 326 21.55 2.64 -36.12
CA ASP D 326 21.24 4.05 -35.91
C ASP D 326 19.81 4.39 -36.35
N ILE D 327 19.34 3.82 -37.46
CA ILE D 327 18.04 4.22 -37.98
C ILE D 327 16.91 3.62 -37.17
N SER D 328 17.03 2.34 -36.79
CA SER D 328 15.99 1.78 -35.95
C SER D 328 15.99 2.41 -34.56
N ARG D 329 17.16 2.85 -34.09
CA ARG D 329 17.22 3.48 -32.79
C ARG D 329 16.49 4.82 -32.80
N LYS D 330 16.57 5.56 -33.90
CA LYS D 330 16.02 6.90 -33.92
C LYS D 330 14.63 6.94 -34.52
N LEU D 331 14.25 5.93 -35.29
CA LEU D 331 12.88 5.83 -35.74
C LEU D 331 12.24 4.59 -35.17
N TYR D 332 12.44 4.37 -33.87
CA TYR D 332 11.86 3.23 -33.17
C TYR D 332 10.36 3.13 -33.42
N PHE D 333 9.66 4.28 -33.45
CA PHE D 333 8.21 4.24 -33.58
C PHE D 333 7.71 3.79 -34.93
N LEU D 334 8.57 3.43 -35.88
CA LEU D 334 8.13 2.92 -37.17
C LEU D 334 8.36 1.42 -37.34
N ASP D 335 8.60 0.69 -36.24
CA ASP D 335 8.88 -0.74 -36.35
C ASP D 335 7.69 -1.53 -36.89
N PHE D 336 6.54 -0.89 -37.08
CA PHE D 336 5.44 -1.58 -37.72
C PHE D 336 5.54 -1.63 -39.24
N ALA D 337 6.51 -0.92 -39.84
CA ALA D 337 6.63 -0.84 -41.28
C ALA D 337 7.88 -1.56 -41.75
N LYS D 338 7.82 -2.14 -42.94
CA LYS D 338 9.00 -2.73 -43.55
C LYS D 338 9.96 -1.64 -44.03
N PHE D 339 11.25 -1.86 -43.82
CA PHE D 339 12.28 -0.95 -44.30
C PHE D 339 12.99 -1.59 -45.50
N HIS D 340 13.03 -0.87 -46.62
CA HIS D 340 13.83 -1.30 -47.76
C HIS D 340 15.10 -0.46 -47.84
N PHE D 341 16.14 -1.07 -48.37
CA PHE D 341 17.43 -0.40 -48.54
C PHE D 341 17.73 -0.34 -50.03
N ILE D 342 17.58 0.86 -50.60
CA ILE D 342 17.49 1.04 -52.04
C ILE D 342 18.44 2.13 -52.49
N SER D 343 18.63 2.20 -53.81
CA SER D 343 19.34 3.28 -54.48
C SER D 343 18.45 3.73 -55.65
N ALA D 344 17.74 4.85 -55.49
CA ALA D 344 16.96 5.36 -56.62
C ALA D 344 17.87 5.71 -57.79
N LEU D 345 19.06 6.23 -57.51
CA LEU D 345 19.99 6.61 -58.57
C LEU D 345 20.37 5.39 -59.40
N LYS D 346 20.95 4.38 -58.78
CA LYS D 346 21.35 3.17 -59.52
C LYS D 346 20.19 2.20 -59.71
N GLU D 347 18.99 2.57 -59.25
CA GLU D 347 17.76 1.82 -59.53
C GLU D 347 17.89 0.38 -59.02
N ARG D 348 18.34 0.26 -57.79
CA ARG D 348 18.48 -1.02 -57.10
C ARG D 348 17.46 -1.10 -55.98
N GLY D 349 16.84 -2.27 -55.82
CA GLY D 349 15.87 -2.47 -54.77
C GLY D 349 14.48 -1.97 -55.03
N ILE D 350 14.21 -1.40 -56.21
CA ILE D 350 12.90 -0.86 -56.53
C ILE D 350 11.85 -1.98 -56.65
N ASP D 351 12.26 -3.16 -57.12
CA ASP D 351 11.31 -4.25 -57.34
C ASP D 351 10.61 -4.65 -56.06
N GLY D 352 11.35 -4.82 -54.97
CA GLY D 352 10.77 -5.23 -53.70
C GLY D 352 9.87 -4.19 -53.06
N LEU D 353 10.00 -2.93 -53.50
CA LEU D 353 9.12 -1.86 -53.02
C LEU D 353 7.67 -2.14 -53.33
N PHE D 354 7.40 -2.71 -54.50
CA PHE D 354 6.00 -2.83 -54.92
C PHE D 354 5.23 -3.84 -54.09
N GLU D 355 5.84 -4.99 -53.73
CA GLU D 355 5.16 -5.92 -52.84
C GLU D 355 4.85 -5.25 -51.50
N SER D 356 5.82 -4.54 -50.93
CA SER D 356 5.55 -3.96 -49.62
C SER D 356 4.45 -2.92 -49.68
N ILE D 357 4.34 -2.18 -50.79
CA ILE D 357 3.27 -1.19 -50.90
C ILE D 357 1.91 -1.88 -50.90
N GLN D 358 1.77 -2.93 -51.72
CA GLN D 358 0.53 -3.70 -51.73
C GLN D 358 0.24 -4.32 -50.36
N ALA D 359 1.23 -4.93 -49.73
CA ALA D 359 0.98 -5.54 -48.43
C ALA D 359 0.49 -4.50 -47.44
N ALA D 360 1.11 -3.30 -47.44
CA ALA D 360 0.68 -2.25 -46.53
C ALA D 360 -0.75 -1.85 -46.79
N TYR D 361 -1.13 -1.75 -48.06
CA TYR D 361 -2.52 -1.43 -48.37
C TYR D 361 -3.44 -2.54 -47.88
N ASN D 362 -3.10 -3.80 -48.19
CA ASN D 362 -3.90 -4.92 -47.74
C ASN D 362 -4.04 -4.90 -46.23
N ALA D 363 -2.93 -4.75 -45.52
CA ALA D 363 -3.02 -4.71 -44.08
C ALA D 363 -3.91 -3.54 -43.65
N ALA D 364 -3.76 -2.40 -44.29
CA ALA D 364 -4.52 -1.23 -43.84
C ALA D 364 -6.02 -1.47 -43.99
N MET D 365 -6.45 -2.16 -45.03
CA MET D 365 -7.86 -2.28 -45.35
C MET D 365 -8.46 -3.56 -44.80
N ILE D 366 -7.76 -4.25 -43.90
CA ILE D 366 -8.15 -5.58 -43.51
C ILE D 366 -9.49 -5.55 -42.80
N LYS D 367 -10.24 -6.63 -42.96
CA LYS D 367 -11.46 -6.86 -42.19
C LYS D 367 -11.25 -8.17 -41.43
N MET D 368 -11.19 -8.08 -40.11
CA MET D 368 -10.87 -9.24 -39.31
C MET D 368 -12.13 -9.74 -38.61
N PRO D 369 -12.54 -11.00 -38.78
CA PRO D 369 -13.74 -11.47 -38.08
C PRO D 369 -13.50 -11.62 -36.56
N THR D 370 -14.48 -11.15 -35.78
CA THR D 370 -14.39 -11.24 -34.33
C THR D 370 -13.96 -12.60 -33.79
N PRO D 371 -14.47 -13.74 -34.27
CA PRO D 371 -13.98 -15.02 -33.73
C PRO D 371 -12.49 -15.25 -33.93
N LYS D 372 -11.94 -14.83 -35.08
CA LYS D 372 -10.50 -14.96 -35.30
C LYS D 372 -9.71 -14.09 -34.33
N ILE D 373 -10.14 -12.84 -34.14
CA ILE D 373 -9.46 -11.95 -33.21
C ILE D 373 -9.49 -12.53 -31.82
N THR D 374 -10.69 -12.88 -31.35
CA THR D 374 -10.88 -13.40 -30.01
C THR D 374 -10.06 -14.67 -29.78
N ARG D 375 -10.00 -15.54 -30.78
CA ARG D 375 -9.16 -16.73 -30.60
C ARG D 375 -7.71 -16.34 -30.47
N VAL D 376 -7.23 -15.43 -31.31
CA VAL D 376 -5.85 -15.03 -31.18
C VAL D 376 -5.61 -14.36 -29.83
N LEU D 377 -6.53 -13.51 -29.41
CA LEU D 377 -6.40 -12.89 -28.09
C LEU D 377 -6.39 -13.93 -26.98
N GLN D 378 -7.34 -14.87 -26.99
CA GLN D 378 -7.42 -15.81 -25.88
C GLN D 378 -6.22 -16.73 -25.83
N THR D 379 -5.59 -17.01 -26.97
CA THR D 379 -4.38 -17.82 -26.99
C THR D 379 -3.21 -17.06 -26.38
N ALA D 380 -3.01 -15.82 -26.81
CA ALA D 380 -1.92 -15.03 -26.24
C ALA D 380 -2.10 -14.85 -24.74
N VAL D 381 -3.32 -14.59 -24.29
CA VAL D 381 -3.56 -14.37 -22.87
C VAL D 381 -3.29 -15.64 -22.09
N GLY D 382 -3.62 -16.79 -22.66
CA GLY D 382 -3.32 -18.05 -22.01
C GLY D 382 -1.84 -18.33 -21.90
N ARG D 383 -1.06 -17.87 -22.89
CA ARG D 383 0.38 -18.11 -22.89
C ARG D 383 1.14 -17.12 -21.99
N GLN D 384 0.68 -15.88 -21.89
CA GLN D 384 1.28 -14.89 -21.00
C GLN D 384 0.13 -14.04 -20.47
N GLN D 385 -0.27 -14.25 -19.22
CA GLN D 385 -1.35 -13.46 -18.64
C GLN D 385 -0.90 -12.02 -18.43
N PRO D 386 -1.82 -11.06 -18.44
CA PRO D 386 -1.44 -9.67 -18.15
C PRO D 386 -0.96 -9.54 -16.71
N PRO D 387 0.00 -8.65 -16.44
CA PRO D 387 0.51 -8.54 -15.07
C PRO D 387 -0.53 -7.93 -14.15
N ARG D 388 -0.65 -8.48 -12.95
CA ARG D 388 -1.49 -7.87 -11.93
C ARG D 388 -0.92 -6.52 -11.51
N ALA D 389 -1.76 -5.49 -11.46
CA ALA D 389 -1.37 -4.16 -10.99
C ALA D 389 -1.88 -4.01 -9.56
N GLY D 390 -0.99 -4.29 -8.61
CA GLY D 390 -1.37 -4.17 -7.21
C GLY D 390 -2.48 -5.14 -6.86
N LEU D 391 -3.60 -4.59 -6.40
CA LEU D 391 -4.72 -5.42 -5.96
C LEU D 391 -5.64 -5.83 -7.11
N VAL D 392 -5.49 -5.27 -8.31
CA VAL D 392 -6.43 -5.50 -9.41
C VAL D 392 -5.80 -6.44 -10.44
N ARG D 393 -6.57 -7.45 -10.86
CA ARG D 393 -6.11 -8.47 -11.82
C ARG D 393 -6.89 -8.35 -13.13
N PRO D 394 -6.29 -7.86 -14.23
CA PRO D 394 -7.07 -7.73 -15.47
C PRO D 394 -7.45 -9.08 -16.04
N LYS D 395 -8.63 -9.15 -16.64
CA LYS D 395 -9.11 -10.34 -17.31
C LYS D 395 -9.46 -9.96 -18.74
N MET D 396 -8.83 -10.59 -19.72
CA MET D 396 -9.08 -10.29 -21.12
C MET D 396 -9.83 -11.45 -21.73
N ARG D 397 -11.06 -11.21 -22.17
CA ARG D 397 -11.92 -12.32 -22.56
C ARG D 397 -12.20 -12.40 -24.07
N TYR D 398 -12.49 -11.29 -24.73
CA TYR D 398 -12.78 -11.34 -26.17
C TYR D 398 -12.35 -10.02 -26.80
N ALA D 399 -12.40 -9.98 -28.12
CA ALA D 399 -11.90 -8.79 -28.82
C ALA D 399 -12.52 -8.73 -30.20
N HIS D 400 -12.65 -7.51 -30.73
CA HIS D 400 -13.23 -7.28 -32.06
C HIS D 400 -12.61 -6.03 -32.68
N GLN D 401 -12.84 -5.86 -33.97
CA GLN D 401 -12.31 -4.73 -34.71
C GLN D 401 -13.23 -3.53 -34.56
N GLY D 402 -12.68 -2.41 -34.10
CA GLY D 402 -13.49 -1.23 -33.96
C GLY D 402 -13.04 -0.08 -34.83
N GLY D 403 -12.22 -0.37 -35.82
CA GLY D 403 -11.75 0.65 -36.73
C GLY D 403 -10.97 0.03 -37.87
N MET D 404 -10.89 0.78 -38.96
CA MET D 404 -10.30 0.32 -40.21
C MET D 404 -9.36 1.38 -40.78
N ASN D 405 -8.27 0.93 -41.41
CA ASN D 405 -7.29 1.81 -42.04
C ASN D 405 -6.92 2.98 -41.12
N PRO D 406 -6.18 2.75 -40.01
CA PRO D 406 -5.61 1.48 -39.57
C PRO D 406 -6.62 0.56 -38.88
N PRO D 407 -6.35 -0.74 -38.85
CA PRO D 407 -7.18 -1.64 -38.06
C PRO D 407 -7.01 -1.34 -36.60
N VAL D 408 -8.12 -1.29 -35.88
CA VAL D 408 -8.12 -1.11 -34.43
C VAL D 408 -8.83 -2.29 -33.80
N ILE D 409 -8.19 -2.89 -32.79
CA ILE D 409 -8.74 -4.03 -32.07
C ILE D 409 -9.12 -3.59 -30.67
N VAL D 410 -10.35 -3.87 -30.30
CA VAL D 410 -10.89 -3.48 -28.99
C VAL D 410 -10.95 -4.71 -28.11
N VAL D 411 -10.28 -4.66 -26.97
CA VAL D 411 -10.22 -5.78 -26.06
C VAL D 411 -11.19 -5.57 -24.90
N HIS D 412 -11.98 -6.59 -24.62
CA HIS D 412 -13.03 -6.55 -23.61
C HIS D 412 -12.66 -7.41 -22.41
N GLY D 413 -13.03 -6.94 -21.22
CA GLY D 413 -12.89 -7.73 -20.01
C GLY D 413 -13.17 -6.85 -18.81
N ASN D 414 -12.68 -7.30 -17.64
CA ASN D 414 -12.85 -6.55 -16.41
C ASN D 414 -11.49 -5.99 -16.00
N SER D 415 -11.51 -4.81 -15.42
CA SER D 415 -10.32 -4.15 -14.86
C SER D 415 -9.20 -3.94 -15.90
N LEU D 416 -9.55 -3.41 -17.07
CA LEU D 416 -8.58 -3.14 -18.12
C LEU D 416 -8.14 -1.67 -18.18
N HIS D 417 -8.24 -0.93 -17.08
CA HIS D 417 -8.01 0.51 -17.15
C HIS D 417 -6.56 0.93 -16.94
N ALA D 418 -5.70 0.05 -16.43
CA ALA D 418 -4.27 0.37 -16.33
C ALA D 418 -3.47 -0.86 -16.78
N ILE D 419 -3.39 -1.06 -18.09
CA ILE D 419 -2.61 -2.15 -18.69
C ILE D 419 -1.22 -1.63 -19.04
N SER D 420 -0.19 -2.38 -18.66
CA SER D 420 1.17 -1.92 -18.93
C SER D 420 1.41 -1.80 -20.42
N ASP D 421 2.31 -0.87 -20.76
CA ASP D 421 2.66 -0.62 -22.16
C ASP D 421 3.34 -1.82 -22.79
N SER D 422 4.17 -2.53 -22.02
CA SER D 422 4.90 -3.65 -22.59
C SER D 422 3.95 -4.78 -22.96
N TYR D 423 2.85 -4.93 -22.22
CA TYR D 423 1.87 -5.96 -22.57
C TYR D 423 1.11 -5.59 -23.83
N THR D 424 0.67 -4.34 -23.94
CA THR D 424 0.04 -3.90 -25.16
C THR D 424 0.95 -4.12 -26.35
N ARG D 425 2.26 -3.98 -26.14
CA ARG D 425 3.19 -4.24 -27.22
C ARG D 425 3.20 -5.73 -27.57
N TYR D 426 3.13 -6.58 -26.55
CA TYR D 426 3.02 -8.02 -26.79
C TYR D 426 1.74 -8.37 -27.54
N LEU D 427 0.60 -7.77 -27.15
CA LEU D 427 -0.62 -8.06 -27.89
C LEU D 427 -0.53 -7.53 -29.31
N THR D 428 0.04 -6.34 -29.49
CA THR D 428 0.14 -5.77 -30.82
C THR D 428 0.97 -6.67 -31.75
N GLN D 429 2.14 -7.12 -31.28
CA GLN D 429 2.97 -8.00 -32.10
C GLN D 429 2.28 -9.32 -32.39
N THR D 430 1.62 -9.91 -31.38
CA THR D 430 0.89 -11.15 -31.63
C THR D 430 -0.13 -10.95 -32.75
N PHE D 431 -0.93 -9.89 -32.65
CA PHE D 431 -1.92 -9.62 -33.69
C PHE D 431 -1.25 -9.37 -35.03
N ARG D 432 -0.12 -8.66 -35.04
CA ARG D 432 0.54 -8.34 -36.30
C ARG D 432 1.00 -9.60 -37.02
N LYS D 433 1.63 -10.53 -36.30
CA LYS D 433 2.02 -11.78 -36.94
C LYS D 433 0.80 -12.56 -37.43
N ALA D 434 -0.25 -12.63 -36.60
CA ALA D 434 -1.37 -13.53 -36.93
C ALA D 434 -2.10 -13.07 -38.18
N PHE D 435 -2.17 -11.77 -38.40
CA PHE D 435 -2.93 -11.21 -39.51
C PHE D 435 -2.06 -10.57 -40.58
N ASN D 436 -0.74 -10.73 -40.49
CA ASN D 436 0.15 -10.18 -41.50
C ASN D 436 -0.10 -8.66 -41.64
N LEU D 437 -0.06 -7.95 -40.52
CA LEU D 437 -0.47 -6.56 -40.48
C LEU D 437 0.70 -5.59 -40.59
N GLN D 438 1.89 -6.06 -40.95
CA GLN D 438 3.00 -5.15 -41.18
C GLN D 438 2.58 -4.07 -42.17
N GLY D 439 2.97 -2.84 -41.88
CA GLY D 439 2.70 -1.74 -42.78
C GLY D 439 1.54 -0.85 -42.38
N THR D 440 0.71 -1.29 -41.43
CA THR D 440 -0.34 -0.41 -40.97
C THR D 440 -0.23 -0.28 -39.47
N PRO D 441 -0.38 0.94 -38.95
CA PRO D 441 -0.13 1.22 -37.52
C PRO D 441 -1.29 0.74 -36.65
N LEU D 442 -1.41 -0.60 -36.60
CA LEU D 442 -2.42 -1.28 -35.80
C LEU D 442 -2.43 -0.79 -34.38
N ARG D 443 -3.61 -0.59 -33.81
CA ARG D 443 -3.74 -0.04 -32.46
C ARG D 443 -4.69 -0.89 -31.64
N ILE D 444 -4.32 -1.11 -30.37
CA ILE D 444 -5.10 -1.84 -29.39
C ILE D 444 -5.80 -0.87 -28.46
N GLN D 445 -7.03 -1.18 -28.09
CA GLN D 445 -7.85 -0.34 -27.23
C GLN D 445 -8.63 -1.21 -26.25
N TYR D 446 -8.79 -0.75 -25.02
CA TYR D 446 -9.47 -1.51 -23.99
C TYR D 446 -10.83 -0.89 -23.67
N ASN D 447 -11.90 -1.71 -23.58
CA ASN D 447 -13.19 -1.14 -23.24
C ASN D 447 -13.23 -0.98 -21.73
N VAL D 448 -13.22 0.27 -21.26
CA VAL D 448 -13.13 0.60 -19.85
C VAL D 448 -14.43 1.23 -19.35
#